data_9JBF
#
_entry.id   9JBF
#
_cell.length_a   1.00
_cell.length_b   1.00
_cell.length_c   1.00
_cell.angle_alpha   90.00
_cell.angle_beta   90.00
_cell.angle_gamma   90.00
#
_symmetry.space_group_name_H-M   'P 1'
#
loop_
_entity.id
_entity.type
_entity.pdbx_description
1 polymer 'Lysosomal cholesterol signaling protein'
2 non-polymer 'CHOLESTEROL HEMISUCCINATE'
3 non-polymer 1,2-Distearoyl-sn-glycerophosphoethanolamine
4 non-polymer CHOLESTEROL
5 non-polymer 1,2-DIACYL-SN-GLYCERO-3-PHOSPHOCHOLINE
6 non-polymer O-[(R)-{[(2R)-2,3-bis(octadecanoyloxy)propyl]oxy}(hydroxy)phosphoryl]-L-serine
#
_entity_poly.entity_id   1
_entity_poly.type   'polypeptide(L)'
_entity_poly.pdbx_seq_one_letter_code
;MNSNLPAENLTIAVNMTKTLPTAVTHGFNSTNDPPSMSITRLFPALLECFGIVLCGAIAGRANVITSTQAKGLGNFVSRF
ALPALLFKNMVVLNFSNVDWSFLYSILIAKASVFFIVCVLTLLVASPDSRFSKAGLFPIFATQSNDFALGYPIVEALYQT
TYPEYLQYIYLVAPISLMMLNPIGFIFCEIQKWKDTQNASQNKIKIVGLGLLRVLQNPIVFMVFIGIAFNFILDRKVPVY
VENFLDGLGNSFSGSALFYLGLTMVGKIKRLKKSAFVVLILLITAKLLVLPLLCREMVELLDKGDSVVNHTSLSNYAFLY
GVFPVAPGVAIFATQFNMEVEIITSGMVISTFVSAPIMYVSAWLLTFPTMDPKPLAYAIQNVSFDISIVSLISLIWSLAI
LLLSKKYKQLPHMLTTNLLIAQSIVCAGMMIWNFVKEKNFVGQILVFVLLYSSLYSTYLWTGLLAISLFLLKKRERVQIP
VGIIIISGWGIPALLVGVLLITGKHNGDSIDSAFFYGKEQMITTAVTLFCSILIAGISLMCMNQTAQAGSYEGFDQSQSH
KVVEPGNTAFEESPAPVNEPELFTSSIPETSCCSCSMGNGELHCPSIEPIANTSTSEPVIPSFEKNNHCVSRCNSQSCIL
AQEEEQYLQSGDQQLTRHVLLCLLLIIGLFANLSSCLWWLFNQEPGRLYVELQFFCAVFNFGQGFISFGIFGLDKHLIIL
PFKRRLEFLWNNKDTAENRDSPVSEEIKMTCQQFIHYHRDLCIRNIVKERRCGAKTSAGTFCGCDLVSWLIEVGLASDRG
EAVIYGDRLVQGGVIQHITNEYEFRDEYLFYRFLQKSPEQSPPAINANTLQQERYKEIEHSSPPSHSPKTSRENLYFQ
;
_entity_poly.pdbx_strand_id   A,B
#
loop_
_chem_comp.id
_chem_comp.type
_chem_comp.name
_chem_comp.formula
3PE non-polymer 1,2-Distearoyl-sn-glycerophosphoethanolamine 'C41 H82 N O8 P'
CLR non-polymer CHOLESTEROL 'C27 H46 O'
P5S non-polymer O-[(R)-{[(2R)-2,3-bis(octadecanoyloxy)propyl]oxy}(hydroxy)phosphoryl]-L-serine 'C42 H82 N O10 P'
PC1 non-polymer 1,2-DIACYL-SN-GLYCERO-3-PHOSPHOCHOLINE 'C44 H88 N O8 P'
Y01 non-polymer 'CHOLESTEROL HEMISUCCINATE' 'C31 H50 O4'
#
# COMPACT_ATOMS: atom_id res chain seq x y z
N PRO A 34 -4.83 39.03 -7.84
CA PRO A 34 -4.27 37.88 -7.12
C PRO A 34 -3.10 37.25 -7.86
N PRO A 35 -2.24 36.54 -7.15
CA PRO A 35 -1.12 35.85 -7.82
C PRO A 35 -1.62 34.76 -8.73
N SER A 36 -0.83 34.48 -9.76
CA SER A 36 -1.19 33.42 -10.72
C SER A 36 -1.26 32.06 -10.05
N MET A 37 -0.51 31.86 -8.97
CA MET A 37 -0.52 30.61 -8.23
C MET A 37 -0.59 30.90 -6.74
N SER A 38 -1.15 29.95 -5.99
CA SER A 38 -1.20 30.04 -4.54
C SER A 38 0.15 29.60 -3.98
N ILE A 39 1.08 30.55 -3.94
CA ILE A 39 2.45 30.22 -3.55
C ILE A 39 2.54 29.83 -2.09
N THR A 40 1.72 30.44 -1.23
CA THR A 40 1.80 30.16 0.20
C THR A 40 1.40 28.73 0.55
N ARG A 41 0.75 28.03 -0.38
CA ARG A 41 0.38 26.64 -0.18
C ARG A 41 1.41 25.67 -0.76
N LEU A 42 2.54 26.16 -1.25
CA LEU A 42 3.52 25.27 -1.85
C LEU A 42 4.31 24.50 -0.80
N PHE A 43 4.86 25.22 0.19
CA PHE A 43 5.74 24.56 1.15
C PHE A 43 5.07 23.42 1.90
N PRO A 44 3.83 23.53 2.40
CA PRO A 44 3.21 22.35 3.02
C PRO A 44 3.12 21.17 2.08
N ALA A 45 2.78 21.41 0.80
CA ALA A 45 2.63 20.31 -0.14
C ALA A 45 3.94 19.56 -0.32
N LEU A 46 5.01 20.30 -0.60
CA LEU A 46 6.34 19.68 -0.61
C LEU A 46 6.60 18.98 0.71
N LEU A 47 6.27 19.64 1.82
CA LEU A 47 6.48 19.03 3.13
C LEU A 47 5.67 17.75 3.26
N GLU A 48 4.48 17.72 2.66
CA GLU A 48 3.75 16.46 2.60
C GLU A 48 4.52 15.44 1.78
N CYS A 49 4.85 15.80 0.53
CA CYS A 49 5.41 14.82 -0.39
C CYS A 49 6.70 14.22 0.15
N PHE A 50 7.71 15.07 0.32
CA PHE A 50 8.97 14.61 0.86
C PHE A 50 8.86 14.23 2.32
N GLY A 51 7.74 14.56 2.97
CA GLY A 51 7.47 13.96 4.26
C GLY A 51 7.11 12.49 4.12
N ILE A 52 6.14 12.18 3.26
CA ILE A 52 5.71 10.79 3.12
C ILE A 52 6.86 9.94 2.63
N VAL A 53 7.59 10.42 1.63
CA VAL A 53 8.76 9.71 1.12
C VAL A 53 9.72 9.44 2.27
N LEU A 54 9.97 10.45 3.11
CA LEU A 54 10.89 10.25 4.21
C LEU A 54 10.43 9.11 5.11
N CYS A 55 9.12 9.07 5.41
CA CYS A 55 8.60 7.96 6.21
C CYS A 55 8.99 6.64 5.58
N GLY A 56 8.72 6.50 4.28
CA GLY A 56 9.05 5.26 3.60
C GLY A 56 10.52 4.92 3.75
N ALA A 57 11.39 5.91 3.59
CA ALA A 57 12.82 5.64 3.73
C ALA A 57 13.14 5.12 5.11
N ILE A 58 12.64 5.80 6.14
CA ILE A 58 12.97 5.33 7.49
C ILE A 58 12.19 4.07 7.82
N ALA A 59 11.17 3.73 7.04
CA ALA A 59 10.55 2.42 7.18
C ALA A 59 11.44 1.35 6.57
N GLY A 60 12.06 1.63 5.42
CA GLY A 60 12.88 0.63 4.77
C GLY A 60 14.21 0.40 5.48
N ARG A 61 14.85 1.49 5.92
CA ARG A 61 16.16 1.38 6.55
C ARG A 61 16.08 0.68 7.89
N ALA A 62 15.02 0.95 8.66
CA ALA A 62 14.82 0.33 9.96
C ALA A 62 14.22 -1.07 9.88
N ASN A 63 14.17 -1.65 8.68
CA ASN A 63 13.72 -3.02 8.44
C ASN A 63 12.25 -3.23 8.82
N VAL A 64 11.48 -2.14 8.95
CA VAL A 64 10.04 -2.30 9.18
C VAL A 64 9.38 -2.93 7.97
N ILE A 65 9.69 -2.43 6.78
CA ILE A 65 9.21 -2.98 5.52
C ILE A 65 10.43 -3.23 4.65
N THR A 66 10.80 -4.49 4.48
CA THR A 66 12.06 -4.84 3.82
C THR A 66 11.91 -4.70 2.30
N SER A 67 12.92 -5.17 1.57
CA SER A 67 12.88 -5.07 0.11
C SER A 67 11.90 -6.07 -0.50
N THR A 68 11.84 -7.28 0.05
CA THR A 68 10.88 -8.27 -0.45
C THR A 68 9.45 -7.83 -0.16
N GLN A 69 9.21 -7.27 1.01
CA GLN A 69 7.85 -6.88 1.39
C GLN A 69 7.39 -5.60 0.71
N ALA A 70 8.31 -4.79 0.19
CA ALA A 70 7.90 -3.62 -0.58
C ALA A 70 7.36 -3.99 -1.96
N LYS A 71 7.57 -5.22 -2.40
CA LYS A 71 7.09 -5.65 -3.71
C LYS A 71 5.56 -5.64 -3.76
N GLY A 72 4.90 -6.04 -2.68
CA GLY A 72 3.45 -5.99 -2.65
C GLY A 72 2.91 -4.58 -2.76
N LEU A 73 3.52 -3.65 -2.03
CA LEU A 73 3.12 -2.25 -2.15
C LEU A 73 3.36 -1.72 -3.55
N GLY A 74 4.49 -2.07 -4.14
CA GLY A 74 4.77 -1.64 -5.51
C GLY A 74 3.77 -2.18 -6.50
N ASN A 75 3.42 -3.46 -6.38
CA ASN A 75 2.42 -4.04 -7.27
C ASN A 75 1.06 -3.38 -7.08
N PHE A 76 0.67 -3.12 -5.83
CA PHE A 76 -0.61 -2.47 -5.58
C PHE A 76 -0.65 -1.08 -6.20
N VAL A 77 0.44 -0.31 -6.07
CA VAL A 77 0.40 1.06 -6.56
C VAL A 77 0.58 1.13 -8.07
N SER A 78 1.25 0.14 -8.68
CA SER A 78 1.52 0.18 -10.11
C SER A 78 0.61 -0.72 -10.93
N ARG A 79 -0.36 -1.38 -10.31
CA ARG A 79 -1.25 -2.26 -11.06
C ARG A 79 -2.72 -1.93 -10.79
N PHE A 80 -3.03 -1.44 -9.59
CA PHE A 80 -4.41 -1.22 -9.19
C PHE A 80 -4.72 0.25 -8.93
N ALA A 81 -3.85 0.97 -8.22
CA ALA A 81 -4.14 2.35 -7.88
C ALA A 81 -3.89 3.29 -9.06
N LEU A 82 -2.72 3.18 -9.68
CA LEU A 82 -2.38 4.05 -10.80
C LEU A 82 -3.32 3.87 -12.00
N PRO A 83 -3.62 2.66 -12.47
CA PRO A 83 -4.59 2.54 -13.56
C PRO A 83 -5.98 3.03 -13.21
N ALA A 84 -6.41 2.91 -11.96
CA ALA A 84 -7.72 3.44 -11.61
C ALA A 84 -7.72 4.96 -11.57
N LEU A 85 -6.64 5.55 -11.07
CA LEU A 85 -6.51 7.01 -11.13
C LEU A 85 -6.53 7.50 -12.57
N LEU A 86 -5.80 6.83 -13.46
CA LEU A 86 -5.75 7.24 -14.85
C LEU A 86 -7.12 7.12 -15.50
N PHE A 87 -7.78 5.97 -15.30
CA PHE A 87 -9.09 5.76 -15.92
C PHE A 87 -10.09 6.77 -15.43
N LYS A 88 -10.17 6.98 -14.12
CA LYS A 88 -11.14 7.91 -13.56
C LYS A 88 -10.86 9.34 -14.00
N ASN A 89 -9.58 9.72 -14.07
CA ASN A 89 -9.23 11.10 -14.41
C ASN A 89 -9.21 11.35 -15.91
N MET A 90 -9.37 10.33 -16.74
CA MET A 90 -9.50 10.55 -18.17
C MET A 90 -10.89 10.30 -18.73
N VAL A 91 -11.71 9.46 -18.08
CA VAL A 91 -13.08 9.29 -18.55
C VAL A 91 -13.84 10.60 -18.44
N VAL A 92 -13.69 11.31 -17.32
CA VAL A 92 -14.38 12.59 -17.13
C VAL A 92 -13.74 13.74 -17.90
N LEU A 93 -12.55 13.52 -18.45
CA LEU A 93 -11.83 14.60 -19.12
C LEU A 93 -12.55 15.06 -20.38
N ASN A 94 -12.59 16.38 -20.58
CA ASN A 94 -13.25 16.99 -21.73
C ASN A 94 -12.20 17.31 -22.78
N PHE A 95 -12.13 16.49 -23.83
CA PHE A 95 -11.13 16.68 -24.86
C PHE A 95 -11.41 17.86 -25.77
N SER A 96 -12.59 18.47 -25.67
CA SER A 96 -12.96 19.59 -26.52
C SER A 96 -12.59 20.93 -25.90
N ASN A 97 -12.04 20.96 -24.69
CA ASN A 97 -11.68 22.19 -24.00
C ASN A 97 -10.28 22.08 -23.41
N VAL A 98 -9.34 21.62 -24.23
CA VAL A 98 -7.95 21.48 -23.83
C VAL A 98 -7.09 22.41 -24.70
N ASP A 99 -6.24 23.19 -24.06
CA ASP A 99 -5.28 24.05 -24.77
C ASP A 99 -4.17 23.16 -25.30
N TRP A 100 -4.27 22.78 -26.58
CA TRP A 100 -3.32 21.85 -27.16
C TRP A 100 -1.94 22.46 -27.36
N SER A 101 -1.84 23.79 -27.34
CA SER A 101 -0.54 24.44 -27.51
C SER A 101 0.42 24.07 -26.38
N PHE A 102 -0.10 23.97 -25.15
CA PHE A 102 0.74 23.59 -24.02
C PHE A 102 1.30 22.18 -24.21
N LEU A 103 0.45 21.25 -24.63
CA LEU A 103 0.91 19.89 -24.87
C LEU A 103 1.94 19.85 -25.99
N TYR A 104 1.68 20.60 -27.08
CA TYR A 104 2.64 20.64 -28.18
C TYR A 104 3.98 21.19 -27.72
N SER A 105 3.96 22.25 -26.92
CA SER A 105 5.21 22.86 -26.45
C SER A 105 5.99 21.91 -25.57
N ILE A 106 5.33 21.26 -24.61
CA ILE A 106 6.04 20.34 -23.73
C ILE A 106 6.58 19.15 -24.51
N LEU A 107 5.78 18.63 -25.45
CA LEU A 107 6.24 17.50 -26.24
C LEU A 107 7.43 17.88 -27.11
N ILE A 108 7.41 19.09 -27.69
CA ILE A 108 8.54 19.54 -28.49
C ILE A 108 9.78 19.67 -27.62
N ALA A 109 9.64 20.24 -26.42
CA ALA A 109 10.80 20.40 -25.55
C ALA A 109 11.37 19.05 -25.14
N LYS A 110 10.50 18.11 -24.75
CA LYS A 110 10.98 16.78 -24.36
C LYS A 110 11.65 16.07 -25.53
N ALA A 111 11.07 16.18 -26.72
CA ALA A 111 11.68 15.56 -27.90
C ALA A 111 13.03 16.18 -28.20
N SER A 112 13.16 17.50 -28.04
CA SER A 112 14.43 18.16 -28.30
C SER A 112 15.50 17.69 -27.31
N VAL A 113 15.15 17.60 -26.03
CA VAL A 113 16.12 17.09 -25.06
C VAL A 113 16.49 15.66 -25.37
N PHE A 114 15.50 14.83 -25.73
CA PHE A 114 15.76 13.45 -26.08
C PHE A 114 16.74 13.37 -27.24
N PHE A 115 16.48 14.13 -28.30
CA PHE A 115 17.34 14.09 -29.49
C PHE A 115 18.74 14.60 -29.17
N ILE A 116 18.85 15.68 -28.40
CA ILE A 116 20.16 16.24 -28.08
C ILE A 116 20.98 15.25 -27.27
N VAL A 117 20.38 14.68 -26.21
CA VAL A 117 21.10 13.74 -25.37
C VAL A 117 21.48 12.49 -26.16
N CYS A 118 20.55 12.00 -26.99
CA CYS A 118 20.82 10.79 -27.77
C CYS A 118 21.96 11.00 -28.74
N VAL A 119 21.96 12.13 -29.47
CA VAL A 119 23.01 12.36 -30.45
C VAL A 119 24.35 12.64 -29.76
N LEU A 120 24.32 13.33 -28.62
CA LEU A 120 25.56 13.58 -27.89
C LEU A 120 26.16 12.27 -27.39
N THR A 121 25.33 11.37 -26.87
CA THR A 121 25.83 10.07 -26.45
C THR A 121 26.34 9.26 -27.65
N LEU A 122 25.63 9.34 -28.77
CA LEU A 122 26.07 8.62 -29.96
C LEU A 122 27.45 9.09 -30.41
N LEU A 123 27.71 10.39 -30.32
CA LEU A 123 29.01 10.92 -30.73
C LEU A 123 30.09 10.50 -29.74
N VAL A 124 29.95 10.90 -28.48
CA VAL A 124 30.98 10.66 -27.46
C VAL A 124 30.41 9.68 -26.44
N ALA A 125 30.92 8.45 -26.48
CA ALA A 125 30.61 7.39 -25.52
C ALA A 125 31.45 6.18 -25.90
N SER A 126 31.42 5.17 -25.04
CA SER A 126 32.10 3.93 -25.34
C SER A 126 31.38 3.22 -26.48
N PRO A 127 32.09 2.84 -27.56
CA PRO A 127 31.41 2.17 -28.67
C PRO A 127 30.77 0.84 -28.28
N ASP A 128 31.28 0.19 -27.24
CA ASP A 128 30.74 -1.10 -26.85
C ASP A 128 29.31 -0.99 -26.33
N SER A 129 29.02 0.06 -25.55
CA SER A 129 27.70 0.20 -24.93
C SER A 129 27.05 1.51 -25.32
N ARG A 130 27.48 2.12 -26.43
CA ARG A 130 26.97 3.43 -26.83
C ARG A 130 25.46 3.40 -26.96
N PHE A 131 24.93 2.41 -27.66
CA PHE A 131 23.49 2.31 -27.84
C PHE A 131 22.78 2.23 -26.49
N SER A 132 23.34 1.45 -25.56
CA SER A 132 22.78 1.40 -24.22
C SER A 132 22.79 2.79 -23.58
N LYS A 133 23.93 3.46 -23.64
CA LYS A 133 24.01 4.80 -23.08
C LYS A 133 23.15 5.80 -23.83
N ALA A 134 22.66 5.43 -25.02
CA ALA A 134 21.74 6.27 -25.76
C ALA A 134 20.31 5.79 -25.67
N GLY A 135 20.07 4.61 -25.12
CA GLY A 135 18.72 4.08 -25.05
C GLY A 135 18.08 4.27 -23.70
N LEU A 136 18.86 4.74 -22.73
CA LEU A 136 18.40 4.99 -21.38
C LEU A 136 18.59 6.43 -20.94
N PHE A 137 19.72 7.04 -21.29
CA PHE A 137 19.97 8.42 -20.88
C PHE A 137 18.89 9.39 -21.35
N PRO A 138 18.46 9.38 -22.62
CA PRO A 138 17.36 10.27 -23.00
C PRO A 138 16.08 10.00 -22.23
N ILE A 139 15.80 8.74 -21.90
CA ILE A 139 14.64 8.44 -21.09
C ILE A 139 14.80 8.99 -19.68
N PHE A 140 16.01 8.96 -19.15
CA PHE A 140 16.27 9.54 -17.84
C PHE A 140 16.03 11.05 -17.86
N ALA A 141 16.36 11.70 -18.97
CA ALA A 141 16.32 13.15 -19.06
C ALA A 141 15.02 13.70 -19.63
N THR A 142 14.04 12.85 -19.92
CA THR A 142 12.79 13.33 -20.49
C THR A 142 11.58 13.03 -19.62
N GLN A 143 11.49 11.85 -19.02
CA GLN A 143 10.32 11.51 -18.23
C GLN A 143 10.35 12.28 -16.90
N SER A 144 9.21 12.27 -16.22
CA SER A 144 9.07 13.00 -14.97
C SER A 144 8.16 12.23 -14.03
N ASN A 145 8.39 12.43 -12.73
CA ASN A 145 7.55 11.82 -11.69
C ASN A 145 6.41 12.77 -11.33
N ASP A 146 5.50 12.93 -12.29
CA ASP A 146 4.41 13.88 -12.13
C ASP A 146 3.13 13.25 -11.62
N PHE A 147 2.92 11.95 -11.84
CA PHE A 147 1.72 11.30 -11.33
C PHE A 147 1.70 11.31 -9.80
N ALA A 148 2.83 11.02 -9.18
CA ALA A 148 2.92 10.91 -7.72
C ALA A 148 3.58 12.10 -7.06
N LEU A 149 4.69 12.60 -7.63
CA LEU A 149 5.45 13.67 -7.03
C LEU A 149 5.22 15.02 -7.70
N GLY A 150 4.46 15.07 -8.79
CA GLY A 150 4.18 16.33 -9.43
C GLY A 150 2.73 16.77 -9.26
N TYR A 151 1.82 15.81 -9.26
CA TYR A 151 0.40 16.15 -9.11
C TYR A 151 0.07 16.84 -7.80
N PRO A 152 0.56 16.39 -6.62
CA PRO A 152 0.23 17.12 -5.40
C PRO A 152 0.67 18.58 -5.44
N ILE A 153 1.84 18.87 -6.00
CA ILE A 153 2.34 20.25 -6.01
C ILE A 153 1.52 21.10 -6.97
N VAL A 154 1.18 20.57 -8.14
CA VAL A 154 0.35 21.32 -9.08
C VAL A 154 -1.03 21.56 -8.49
N GLU A 155 -1.58 20.55 -7.80
CA GLU A 155 -2.87 20.72 -7.16
C GLU A 155 -2.82 21.79 -6.07
N ALA A 156 -1.74 21.81 -5.29
CA ALA A 156 -1.60 22.84 -4.26
C ALA A 156 -1.47 24.22 -4.89
N LEU A 157 -0.72 24.33 -5.99
CA LEU A 157 -0.47 25.63 -6.59
C LEU A 157 -1.66 26.12 -7.41
N TYR A 158 -2.14 25.30 -8.34
CA TYR A 158 -3.23 25.68 -9.24
C TYR A 158 -4.43 24.76 -8.98
N GLN A 159 -5.23 25.13 -8.01
CA GLN A 159 -6.55 24.52 -7.86
C GLN A 159 -7.65 25.54 -7.68
N THR A 160 -7.38 26.63 -6.96
CA THR A 160 -8.35 27.69 -6.75
C THR A 160 -8.14 28.87 -7.69
N THR A 161 -7.15 28.80 -8.58
CA THR A 161 -6.90 29.85 -9.54
C THR A 161 -7.05 29.37 -10.98
N TYR A 162 -6.34 28.31 -11.36
CA TYR A 162 -6.40 27.74 -12.71
C TYR A 162 -6.56 26.23 -12.60
N PRO A 163 -7.77 25.76 -12.28
CA PRO A 163 -7.97 24.31 -12.13
C PRO A 163 -7.71 23.52 -13.40
N GLU A 164 -7.90 24.11 -14.57
CA GLU A 164 -7.70 23.40 -15.82
C GLU A 164 -6.26 22.93 -15.99
N TYR A 165 -5.34 23.51 -15.24
CA TYR A 165 -3.95 23.09 -15.28
C TYR A 165 -3.73 21.69 -14.72
N LEU A 166 -4.71 21.11 -14.04
CA LEU A 166 -4.55 19.76 -13.50
C LEU A 166 -4.77 18.68 -14.54
N GLN A 167 -5.35 19.00 -15.70
CA GLN A 167 -5.58 17.99 -16.71
C GLN A 167 -4.29 17.59 -17.41
N TYR A 168 -3.38 18.55 -17.61
CA TYR A 168 -2.21 18.31 -18.44
C TYR A 168 -1.25 17.28 -17.84
N ILE A 169 -1.34 17.01 -16.54
CA ILE A 169 -0.49 15.98 -15.95
C ILE A 169 -0.82 14.62 -16.53
N TYR A 170 -2.10 14.34 -16.72
CA TYR A 170 -2.56 13.05 -17.25
C TYR A 170 -2.55 12.99 -18.77
N LEU A 171 -2.17 14.06 -19.44
CA LEU A 171 -2.02 14.08 -20.89
C LEU A 171 -0.58 14.08 -21.33
N VAL A 172 0.25 14.95 -20.74
CA VAL A 172 1.63 15.10 -21.18
C VAL A 172 2.44 13.84 -20.85
N ALA A 173 2.30 13.32 -19.64
CA ALA A 173 3.10 12.17 -19.24
C ALA A 173 2.85 10.93 -20.08
N PRO A 174 1.60 10.50 -20.33
CA PRO A 174 1.42 9.30 -21.16
C PRO A 174 1.79 9.53 -22.62
N ILE A 175 1.50 10.70 -23.18
CA ILE A 175 1.87 10.98 -24.56
C ILE A 175 3.39 10.97 -24.71
N SER A 176 4.10 11.63 -23.79
CA SER A 176 5.55 11.63 -23.84
C SER A 176 6.11 10.23 -23.58
N LEU A 177 5.39 9.42 -22.82
CA LEU A 177 5.77 8.03 -22.64
C LEU A 177 5.49 7.19 -23.89
N MET A 178 4.62 7.67 -24.77
CA MET A 178 4.27 6.96 -26.00
C MET A 178 5.07 7.43 -27.22
N MET A 179 5.68 8.61 -27.17
CA MET A 179 6.42 9.13 -28.31
C MET A 179 7.92 9.25 -28.07
N LEU A 180 8.41 8.94 -26.87
CA LEU A 180 9.83 8.94 -26.59
C LEU A 180 10.35 7.60 -26.10
N ASN A 181 9.61 6.92 -25.24
CA ASN A 181 10.00 5.59 -24.79
C ASN A 181 10.21 4.61 -25.94
N PRO A 182 9.38 4.54 -26.98
CA PRO A 182 9.66 3.59 -28.06
C PRO A 182 11.03 3.76 -28.70
N ILE A 183 11.49 5.00 -28.90
CA ILE A 183 12.80 5.21 -29.50
C ILE A 183 13.91 4.70 -28.58
N GLY A 184 13.81 5.04 -27.30
CA GLY A 184 14.80 4.55 -26.34
C GLY A 184 14.84 3.04 -26.29
N PHE A 185 13.66 2.41 -26.26
CA PHE A 185 13.62 0.94 -26.20
C PHE A 185 14.10 0.31 -27.49
N ILE A 186 13.89 0.97 -28.63
CA ILE A 186 14.49 0.51 -29.87
C ILE A 186 16.01 0.51 -29.74
N PHE A 187 16.56 1.55 -29.14
CA PHE A 187 18.01 1.61 -28.93
C PHE A 187 18.48 0.50 -27.98
N CYS A 188 17.73 0.24 -26.91
CA CYS A 188 18.12 -0.84 -26.00
C CYS A 188 18.06 -2.20 -26.68
N GLU A 189 17.04 -2.43 -27.52
CA GLU A 189 16.97 -3.69 -28.24
C GLU A 189 18.08 -3.80 -29.27
N ILE A 190 18.50 -2.68 -29.85
CA ILE A 190 19.68 -2.69 -30.72
C ILE A 190 20.91 -3.10 -29.92
N GLN A 191 21.05 -2.58 -28.71
CA GLN A 191 22.18 -2.96 -27.86
C GLN A 191 22.13 -4.44 -27.51
N LYS A 192 20.94 -4.97 -27.27
CA LYS A 192 20.81 -6.40 -26.98
C LYS A 192 21.13 -7.25 -28.21
N TRP A 193 20.71 -6.77 -29.38
CA TRP A 193 21.13 -7.39 -30.64
C TRP A 193 22.65 -7.46 -30.74
N LYS A 194 23.32 -6.34 -30.43
CA LYS A 194 24.77 -6.34 -30.41
C LYS A 194 25.34 -7.21 -29.29
N ASP A 195 24.58 -7.42 -28.22
CA ASP A 195 24.99 -8.36 -27.18
C ASP A 195 25.05 -9.76 -27.75
N THR A 196 24.08 -10.11 -28.60
CA THR A 196 24.13 -11.42 -29.25
C THR A 196 24.98 -11.39 -30.51
N GLN A 197 24.74 -10.43 -31.40
CA GLN A 197 25.47 -10.29 -32.67
C GLN A 197 25.52 -11.61 -33.45
N ASN A 198 24.34 -12.16 -33.68
CA ASN A 198 24.19 -13.38 -34.45
C ASN A 198 23.80 -13.04 -35.89
N ALA A 199 23.49 -14.07 -36.67
CA ALA A 199 23.08 -13.88 -38.06
C ALA A 199 21.73 -13.18 -38.18
N SER A 200 20.97 -13.05 -37.08
CA SER A 200 19.70 -12.36 -37.12
C SER A 200 19.89 -10.92 -37.57
N GLN A 201 19.24 -10.56 -38.68
CA GLN A 201 19.31 -9.21 -39.23
C GLN A 201 17.95 -8.55 -39.28
N ASN A 202 16.97 -9.08 -38.54
CA ASN A 202 15.62 -8.55 -38.57
C ASN A 202 15.60 -7.13 -38.00
N LYS A 203 15.11 -6.19 -38.79
CA LYS A 203 14.95 -4.81 -38.35
C LYS A 203 13.56 -4.54 -37.78
N ILE A 204 12.57 -5.33 -38.19
CA ILE A 204 11.22 -5.16 -37.66
C ILE A 204 11.02 -5.85 -36.32
N LYS A 205 11.80 -6.89 -36.02
CA LYS A 205 11.62 -7.60 -34.75
C LYS A 205 11.99 -6.72 -33.56
N ILE A 206 13.12 -6.01 -33.64
CA ILE A 206 13.53 -5.15 -32.53
C ILE A 206 12.53 -4.03 -32.33
N VAL A 207 12.04 -3.45 -33.42
CA VAL A 207 11.04 -2.38 -33.32
C VAL A 207 9.75 -2.92 -32.72
N GLY A 208 9.34 -4.13 -33.12
CA GLY A 208 8.14 -4.72 -32.57
C GLY A 208 8.27 -4.98 -31.08
N LEU A 209 9.41 -5.51 -30.65
CA LEU A 209 9.64 -5.68 -29.22
C LEU A 209 9.65 -4.35 -28.49
N GLY A 210 10.18 -3.30 -29.13
CA GLY A 210 10.16 -1.98 -28.51
C GLY A 210 8.76 -1.47 -28.26
N LEU A 211 7.92 -1.48 -29.30
CA LEU A 211 6.55 -1.02 -29.09
C LEU A 211 5.73 -1.99 -28.24
N LEU A 212 6.13 -3.27 -28.17
CA LEU A 212 5.43 -4.20 -27.29
C LEU A 212 5.74 -3.92 -25.83
N ARG A 213 7.02 -3.66 -25.52
CA ARG A 213 7.38 -3.28 -24.16
C ARG A 213 6.85 -1.90 -23.80
N VAL A 214 6.64 -1.03 -24.79
CA VAL A 214 5.97 0.25 -24.52
C VAL A 214 4.50 0.02 -24.23
N LEU A 215 3.85 -0.86 -24.99
CA LEU A 215 2.41 -1.08 -24.88
C LEU A 215 2.04 -2.01 -23.73
N GLN A 216 3.01 -2.73 -23.15
CA GLN A 216 2.77 -3.58 -22.01
C GLN A 216 2.84 -2.81 -20.69
N ASN A 217 2.86 -1.49 -20.75
CA ASN A 217 2.90 -0.58 -19.61
C ASN A 217 1.48 -0.20 -19.21
N PRO A 218 1.12 -0.30 -17.93
CA PRO A 218 -0.26 0.04 -17.54
C PRO A 218 -0.68 1.43 -17.94
N ILE A 219 0.23 2.40 -17.92
CA ILE A 219 -0.12 3.78 -18.24
C ILE A 219 -0.70 3.87 -19.65
N VAL A 220 -0.02 3.28 -20.62
CA VAL A 220 -0.39 3.48 -22.02
C VAL A 220 -1.76 2.87 -22.31
N PHE A 221 -1.95 1.59 -21.99
CA PHE A 221 -3.23 0.99 -22.37
C PHE A 221 -4.35 1.44 -21.45
N MET A 222 -4.06 1.83 -20.20
CA MET A 222 -5.12 2.45 -19.40
C MET A 222 -5.52 3.80 -19.98
N VAL A 223 -4.57 4.55 -20.53
CA VAL A 223 -4.91 5.79 -21.22
C VAL A 223 -5.80 5.50 -22.42
N PHE A 224 -5.46 4.47 -23.20
CA PHE A 224 -6.27 4.11 -24.35
C PHE A 224 -7.68 3.72 -23.94
N ILE A 225 -7.79 2.90 -22.90
CA ILE A 225 -9.11 2.45 -22.44
C ILE A 225 -9.92 3.62 -21.88
N GLY A 226 -9.26 4.54 -21.16
CA GLY A 226 -9.97 5.70 -20.66
C GLY A 226 -10.48 6.60 -21.77
N ILE A 227 -9.67 6.80 -22.82
CA ILE A 227 -10.12 7.58 -23.95
C ILE A 227 -11.28 6.90 -24.65
N ALA A 228 -11.19 5.57 -24.83
CA ALA A 228 -12.28 4.83 -25.47
C ALA A 228 -13.57 4.94 -24.68
N PHE A 229 -13.49 4.84 -23.35
CA PHE A 229 -14.70 4.95 -22.53
C PHE A 229 -15.21 6.37 -22.46
N ASN A 230 -14.33 7.37 -22.56
CA ASN A 230 -14.78 8.75 -22.68
C ASN A 230 -15.57 8.93 -23.97
N PHE A 231 -15.12 8.30 -25.05
CA PHE A 231 -15.87 8.36 -26.30
C PHE A 231 -17.20 7.62 -26.19
N ILE A 232 -17.21 6.47 -25.51
CA ILE A 232 -18.44 5.70 -25.36
C ILE A 232 -19.46 6.47 -24.52
N LEU A 233 -19.03 6.97 -23.37
CA LEU A 233 -19.90 7.72 -22.47
C LEU A 233 -19.91 9.19 -22.88
N ASP A 234 -20.47 10.04 -22.01
CA ASP A 234 -20.51 11.48 -22.20
C ASP A 234 -19.91 12.18 -20.99
N ARG A 235 -18.74 11.71 -20.58
CA ARG A 235 -18.03 12.24 -19.41
C ARG A 235 -18.88 12.13 -18.15
N LYS A 236 -19.59 11.01 -18.02
CA LYS A 236 -20.41 10.72 -16.84
C LYS A 236 -20.05 9.31 -16.39
N VAL A 237 -19.11 9.20 -15.47
CA VAL A 237 -18.72 7.89 -14.92
C VAL A 237 -19.90 7.32 -14.15
N PRO A 238 -20.25 6.04 -14.34
CA PRO A 238 -21.44 5.50 -13.68
C PRO A 238 -21.33 5.58 -12.17
N VAL A 239 -22.47 5.82 -11.52
CA VAL A 239 -22.49 5.95 -10.06
C VAL A 239 -22.14 4.64 -9.39
N TYR A 240 -22.36 3.51 -10.06
CA TYR A 240 -22.00 2.23 -9.47
C TYR A 240 -20.49 2.11 -9.29
N VAL A 241 -19.71 2.57 -10.27
CA VAL A 241 -18.26 2.43 -10.24
C VAL A 241 -17.54 3.70 -9.81
N GLU A 242 -18.25 4.83 -9.69
CA GLU A 242 -17.60 6.06 -9.30
C GLU A 242 -16.96 5.95 -7.92
N ASN A 243 -17.68 5.37 -6.96
CA ASN A 243 -17.14 5.26 -5.61
C ASN A 243 -15.96 4.29 -5.58
N PHE A 244 -16.04 3.19 -6.33
CA PHE A 244 -14.92 2.26 -6.40
C PHE A 244 -13.69 2.92 -6.98
N LEU A 245 -13.86 3.67 -8.06
CA LEU A 245 -12.73 4.35 -8.68
C LEU A 245 -12.14 5.41 -7.77
N ASP A 246 -12.99 6.19 -7.09
CA ASP A 246 -12.47 7.19 -6.16
C ASP A 246 -11.72 6.54 -5.01
N GLY A 247 -12.25 5.44 -4.47
CA GLY A 247 -11.59 4.79 -3.37
C GLY A 247 -10.26 4.17 -3.76
N LEU A 248 -10.18 3.62 -4.97
CA LEU A 248 -8.95 2.98 -5.42
C LEU A 248 -7.96 3.96 -6.05
N GLY A 249 -8.37 5.20 -6.30
CA GLY A 249 -7.47 6.18 -6.85
C GLY A 249 -6.97 7.19 -5.83
N ASN A 250 -7.80 7.48 -4.82
CA ASN A 250 -7.36 8.38 -3.76
C ASN A 250 -6.20 7.80 -2.98
N SER A 251 -6.07 6.48 -2.94
CA SER A 251 -5.01 5.79 -2.21
C SER A 251 -3.77 5.57 -3.05
N PHE A 252 -3.53 6.41 -4.06
CA PHE A 252 -2.33 6.30 -4.88
C PHE A 252 -1.21 7.24 -4.44
N SER A 253 -1.52 8.53 -4.30
CA SER A 253 -0.49 9.53 -4.03
C SER A 253 0.35 9.16 -2.82
N GLY A 254 -0.29 9.02 -1.65
CA GLY A 254 0.45 8.66 -0.46
C GLY A 254 1.13 7.32 -0.58
N SER A 255 0.43 6.32 -1.13
CA SER A 255 1.02 5.00 -1.28
C SER A 255 2.18 5.02 -2.26
N ALA A 256 2.03 5.76 -3.37
CA ALA A 256 3.12 5.83 -4.35
C ALA A 256 4.35 6.52 -3.76
N LEU A 257 4.14 7.59 -3.00
CA LEU A 257 5.27 8.27 -2.36
C LEU A 257 5.94 7.36 -1.34
N PHE A 258 5.16 6.62 -0.56
CA PHE A 258 5.74 5.69 0.39
C PHE A 258 6.55 4.61 -0.31
N TYR A 259 6.03 4.06 -1.41
CA TYR A 259 6.78 3.06 -2.15
C TYR A 259 8.06 3.64 -2.74
N LEU A 260 7.99 4.88 -3.25
CA LEU A 260 9.17 5.53 -3.77
C LEU A 260 10.24 5.68 -2.69
N GLY A 261 9.83 6.10 -1.50
CA GLY A 261 10.77 6.13 -0.38
C GLY A 261 11.32 4.76 -0.05
N LEU A 262 10.49 3.73 -0.14
CA LEU A 262 10.93 2.37 0.17
C LEU A 262 12.01 1.90 -0.78
N THR A 263 11.86 2.20 -2.08
CA THR A 263 12.87 1.77 -3.04
C THR A 263 14.07 2.71 -3.09
N MET A 264 14.03 3.83 -2.38
CA MET A 264 15.07 4.86 -2.46
C MET A 264 16.03 4.78 -1.28
N VAL A 265 16.21 3.58 -0.72
CA VAL A 265 17.18 3.34 0.34
C VAL A 265 18.11 2.22 -0.11
N GLY A 266 19.42 2.44 0.03
CA GLY A 266 20.40 1.46 -0.36
C GLY A 266 20.73 1.45 -1.84
N LYS A 267 20.27 2.43 -2.61
CA LYS A 267 20.55 2.51 -4.03
C LYS A 267 21.77 3.38 -4.34
N ILE A 268 21.84 4.56 -3.75
CA ILE A 268 22.92 5.49 -4.05
C ILE A 268 24.23 4.97 -3.46
N LYS A 269 25.26 4.90 -4.28
CA LYS A 269 26.56 4.40 -3.87
C LYS A 269 27.64 5.32 -4.43
N ARG A 270 28.81 5.29 -3.78
CA ARG A 270 29.95 6.06 -4.24
C ARG A 270 30.33 5.63 -5.66
N LEU A 271 30.53 6.60 -6.53
CA LEU A 271 30.71 6.35 -7.96
C LEU A 271 32.08 6.85 -8.42
N LYS A 272 32.52 6.31 -9.56
CA LYS A 272 33.73 6.78 -10.20
C LYS A 272 33.53 8.21 -10.68
N LYS A 273 34.65 8.95 -10.78
CA LYS A 273 34.57 10.36 -11.15
C LYS A 273 33.91 10.56 -12.50
N SER A 274 34.14 9.64 -13.44
CA SER A 274 33.43 9.70 -14.71
C SER A 274 31.93 9.52 -14.50
N ALA A 275 31.55 8.57 -13.65
CA ALA A 275 30.14 8.41 -13.31
C ALA A 275 29.61 9.65 -12.61
N PHE A 276 30.44 10.28 -11.77
CA PHE A 276 30.03 11.50 -11.10
C PHE A 276 29.71 12.61 -12.09
N VAL A 277 30.59 12.79 -13.08
CA VAL A 277 30.38 13.90 -14.03
C VAL A 277 29.22 13.59 -14.97
N VAL A 278 29.04 12.33 -15.37
CA VAL A 278 27.88 12.04 -16.21
C VAL A 278 26.60 12.19 -15.41
N LEU A 279 26.61 11.88 -14.12
CA LEU A 279 25.44 12.11 -13.28
C LEU A 279 25.15 13.60 -13.16
N ILE A 280 26.20 14.42 -12.99
CA ILE A 280 26.02 15.87 -12.94
C ILE A 280 25.36 16.35 -14.22
N LEU A 281 25.88 15.90 -15.37
CA LEU A 281 25.34 16.32 -16.65
C LEU A 281 23.89 15.89 -16.82
N LEU A 282 23.57 14.64 -16.45
CA LEU A 282 22.21 14.15 -16.64
C LEU A 282 21.22 14.87 -15.73
N ILE A 283 21.59 15.08 -14.47
CA ILE A 283 20.70 15.79 -13.56
C ILE A 283 20.49 17.23 -14.01
N THR A 284 21.56 17.89 -14.47
CA THR A 284 21.41 19.24 -15.01
C THR A 284 20.51 19.24 -16.23
N ALA A 285 20.68 18.27 -17.13
CA ALA A 285 19.81 18.17 -18.29
C ALA A 285 18.38 17.84 -17.92
N LYS A 286 18.15 17.34 -16.71
CA LYS A 286 16.77 17.10 -16.27
C LYS A 286 16.14 18.33 -15.64
N LEU A 287 16.86 19.07 -14.80
CA LEU A 287 16.27 20.20 -14.09
C LEU A 287 16.78 21.57 -14.51
N LEU A 288 17.65 21.65 -15.52
CA LEU A 288 18.04 22.94 -16.08
C LEU A 288 17.66 23.09 -17.54
N VAL A 289 18.05 22.15 -18.39
CA VAL A 289 17.78 22.27 -19.82
C VAL A 289 16.28 22.15 -20.08
N LEU A 290 15.64 21.13 -19.51
CA LEU A 290 14.24 20.88 -19.84
C LEU A 290 13.31 21.99 -19.38
N PRO A 291 13.38 22.50 -18.13
CA PRO A 291 12.47 23.60 -17.76
C PRO A 291 12.63 24.84 -18.63
N LEU A 292 13.88 25.23 -18.91
CA LEU A 292 14.11 26.40 -19.76
C LEU A 292 13.57 26.17 -21.16
N LEU A 293 13.77 24.97 -21.72
CA LEU A 293 13.26 24.67 -23.04
C LEU A 293 11.75 24.71 -23.08
N CYS A 294 11.09 24.13 -22.07
CA CYS A 294 9.64 24.15 -22.03
C CYS A 294 9.11 25.57 -21.93
N ARG A 295 9.73 26.40 -21.09
CA ARG A 295 9.26 27.77 -20.94
C ARG A 295 9.47 28.56 -22.22
N GLU A 296 10.60 28.35 -22.90
CA GLU A 296 10.85 29.04 -24.16
C GLU A 296 9.83 28.62 -25.22
N MET A 297 9.56 27.32 -25.33
CA MET A 297 8.61 26.86 -26.33
C MET A 297 7.20 27.37 -26.04
N VAL A 298 6.81 27.41 -24.76
CA VAL A 298 5.50 27.96 -24.43
C VAL A 298 5.43 29.43 -24.77
N GLU A 299 6.49 30.19 -24.45
CA GLU A 299 6.47 31.61 -24.80
C GLU A 299 6.69 31.86 -26.28
N LEU A 300 6.94 30.79 -27.04
CA LEU A 300 7.09 30.87 -28.49
C LEU A 300 5.85 30.46 -29.26
N LEU A 301 5.08 29.50 -28.76
CA LEU A 301 3.94 28.96 -29.49
C LEU A 301 2.60 29.50 -29.00
N ASP A 302 2.45 29.79 -27.71
CA ASP A 302 1.16 30.20 -27.17
C ASP A 302 0.71 31.51 -27.79
N LYS A 303 -0.58 31.59 -28.11
CA LYS A 303 -1.19 32.77 -28.70
C LYS A 303 -2.27 33.36 -27.80
N GLY A 304 -2.22 33.09 -26.50
CA GLY A 304 -3.21 33.61 -25.57
C GLY A 304 -3.27 35.12 -25.55
N ASP A 305 -4.49 35.66 -25.67
CA ASP A 305 -4.65 37.12 -25.69
C ASP A 305 -4.28 37.73 -24.34
N SER A 306 -4.70 37.09 -23.25
CA SER A 306 -4.41 37.62 -21.92
C SER A 306 -2.93 37.44 -21.59
N VAL A 307 -2.27 38.53 -21.24
CA VAL A 307 -0.85 38.47 -20.88
C VAL A 307 -0.67 37.72 -19.56
N VAL A 308 -1.59 37.92 -18.61
CA VAL A 308 -1.50 37.24 -17.33
C VAL A 308 -1.63 35.73 -17.51
N ASN A 309 -2.59 35.31 -18.34
CA ASN A 309 -2.76 33.88 -18.59
C ASN A 309 -1.54 33.29 -19.27
N HIS A 310 -0.96 34.01 -20.23
CA HIS A 310 0.24 33.51 -20.90
C HIS A 310 1.41 33.40 -19.94
N THR A 311 1.58 34.39 -19.06
CA THR A 311 2.66 34.34 -18.08
C THR A 311 2.47 33.18 -17.11
N SER A 312 1.24 32.98 -16.63
CA SER A 312 0.97 31.86 -15.74
C SER A 312 1.20 30.53 -16.44
N LEU A 313 0.83 30.43 -17.71
CA LEU A 313 1.05 29.21 -18.47
C LEU A 313 2.54 28.93 -18.65
N SER A 314 3.32 29.98 -18.92
CA SER A 314 4.77 29.79 -19.03
C SER A 314 5.37 29.37 -17.69
N ASN A 315 4.87 29.94 -16.58
CA ASN A 315 5.33 29.51 -15.27
C ASN A 315 4.99 28.05 -15.01
N TYR A 316 3.79 27.62 -15.41
CA TYR A 316 3.42 26.21 -15.29
C TYR A 316 4.35 25.33 -16.13
N ALA A 317 4.67 25.77 -17.35
CA ALA A 317 5.57 25.00 -18.19
C ALA A 317 6.94 24.86 -17.54
N PHE A 318 7.43 25.94 -16.92
CA PHE A 318 8.70 25.86 -16.21
C PHE A 318 8.62 24.88 -15.05
N LEU A 319 7.62 25.05 -14.19
CA LEU A 319 7.50 24.20 -13.01
C LEU A 319 7.16 22.76 -13.34
N TYR A 320 6.74 22.47 -14.57
CA TYR A 320 6.52 21.09 -14.95
C TYR A 320 7.82 20.38 -15.28
N GLY A 321 8.83 21.10 -15.73
CA GLY A 321 10.09 20.48 -16.09
C GLY A 321 11.07 20.27 -14.97
N VAL A 322 10.81 20.84 -13.79
CA VAL A 322 11.71 20.70 -12.65
C VAL A 322 11.34 19.46 -11.85
N PHE A 323 10.37 18.69 -12.36
CA PHE A 323 9.95 17.49 -11.67
C PHE A 323 11.07 16.44 -11.69
N PRO A 324 11.14 15.59 -10.69
CA PRO A 324 12.21 14.59 -10.64
C PRO A 324 11.98 13.49 -11.67
N VAL A 325 13.03 12.70 -11.88
CA VAL A 325 12.94 11.58 -12.81
C VAL A 325 12.01 10.52 -12.26
N ALA A 326 11.05 10.10 -13.07
CA ALA A 326 10.11 9.08 -12.64
C ALA A 326 10.85 7.75 -12.40
N PRO A 327 10.47 6.99 -11.38
CA PRO A 327 11.16 5.72 -11.12
C PRO A 327 10.97 4.69 -12.23
N GLY A 328 10.08 4.94 -13.19
CA GLY A 328 9.94 4.04 -14.31
C GLY A 328 11.20 3.86 -15.12
N VAL A 329 12.07 4.86 -15.14
CA VAL A 329 13.35 4.71 -15.82
C VAL A 329 14.22 3.70 -15.09
N ALA A 330 14.15 3.69 -13.76
CA ALA A 330 14.93 2.73 -12.99
C ALA A 330 14.48 1.29 -13.28
N ILE A 331 13.17 1.06 -13.35
CA ILE A 331 12.71 -0.30 -13.63
C ILE A 331 12.99 -0.67 -15.08
N PHE A 332 12.93 0.29 -16.01
CA PHE A 332 13.35 -0.01 -17.37
C PHE A 332 14.80 -0.44 -17.42
N ALA A 333 15.68 0.29 -16.71
CA ALA A 333 17.09 -0.06 -16.69
C ALA A 333 17.32 -1.43 -16.06
N THR A 334 16.60 -1.73 -14.97
CA THR A 334 16.79 -3.02 -14.32
C THR A 334 16.18 -4.16 -15.14
N GLN A 335 15.19 -3.88 -15.98
CA GLN A 335 14.67 -4.91 -16.88
C GLN A 335 15.67 -5.18 -18.00
N PHE A 336 16.22 -4.13 -18.59
CA PHE A 336 17.24 -4.31 -19.62
C PHE A 336 18.60 -4.67 -19.04
N ASN A 337 18.81 -4.43 -17.74
CA ASN A 337 20.08 -4.69 -17.05
C ASN A 337 21.20 -3.97 -17.80
N MET A 338 21.06 -2.66 -17.90
CA MET A 338 22.08 -1.79 -18.46
C MET A 338 22.14 -0.53 -17.62
N GLU A 339 23.32 -0.22 -17.08
CA GLU A 339 23.53 0.97 -16.27
C GLU A 339 22.51 1.05 -15.15
N VAL A 340 22.33 -0.05 -14.43
CA VAL A 340 21.37 -0.02 -13.33
C VAL A 340 21.83 0.92 -12.24
N GLU A 341 23.15 0.99 -11.98
CA GLU A 341 23.63 1.84 -10.90
C GLU A 341 23.49 3.32 -11.26
N ILE A 342 23.82 3.69 -12.49
CA ILE A 342 23.76 5.09 -12.86
C ILE A 342 22.32 5.57 -12.88
N ILE A 343 21.42 4.78 -13.47
CA ILE A 343 20.03 5.22 -13.58
C ILE A 343 19.36 5.26 -12.20
N THR A 344 19.56 4.23 -11.38
CA THR A 344 18.94 4.24 -10.06
C THR A 344 19.48 5.36 -9.19
N SER A 345 20.82 5.54 -9.16
CA SER A 345 21.38 6.61 -8.36
C SER A 345 20.98 7.98 -8.89
N GLY A 346 20.84 8.11 -10.22
CA GLY A 346 20.41 9.37 -10.77
C GLY A 346 18.98 9.71 -10.38
N MET A 347 18.08 8.73 -10.41
CA MET A 347 16.72 8.98 -9.97
C MET A 347 16.68 9.33 -8.49
N VAL A 348 17.48 8.63 -7.68
CA VAL A 348 17.52 8.89 -6.25
C VAL A 348 18.00 10.31 -5.98
N ILE A 349 19.06 10.74 -6.66
CA ILE A 349 19.61 12.07 -6.42
C ILE A 349 18.67 13.14 -6.96
N SER A 350 18.11 12.92 -8.16
CA SER A 350 17.19 13.89 -8.73
C SER A 350 15.94 14.07 -7.88
N THR A 351 15.52 13.03 -7.16
CA THR A 351 14.39 13.20 -6.27
C THR A 351 14.71 14.23 -5.17
N PHE A 352 15.91 14.17 -4.59
CA PHE A 352 16.32 15.20 -3.64
C PHE A 352 16.41 16.56 -4.31
N VAL A 353 17.15 16.64 -5.41
CA VAL A 353 17.45 17.93 -6.02
C VAL A 353 16.19 18.60 -6.59
N SER A 354 15.11 17.84 -6.78
CA SER A 354 13.88 18.45 -7.28
C SER A 354 13.25 19.42 -6.27
N ALA A 355 13.41 19.15 -4.97
CA ALA A 355 12.67 19.95 -3.98
C ALA A 355 13.20 21.38 -3.88
N PRO A 356 14.46 21.62 -3.51
CA PRO A 356 14.90 23.02 -3.41
C PRO A 356 14.81 23.77 -4.73
N ILE A 357 15.09 23.08 -5.84
CA ILE A 357 15.03 23.74 -7.15
C ILE A 357 13.60 24.17 -7.45
N MET A 358 12.64 23.28 -7.22
CA MET A 358 11.25 23.63 -7.49
C MET A 358 10.76 24.74 -6.57
N TYR A 359 11.14 24.70 -5.30
CA TYR A 359 10.74 25.75 -4.37
C TYR A 359 11.28 27.11 -4.81
N VAL A 360 12.59 27.19 -5.03
CA VAL A 360 13.19 28.47 -5.42
C VAL A 360 12.70 28.88 -6.81
N SER A 361 12.42 27.92 -7.68
CA SER A 361 11.95 28.25 -9.02
C SER A 361 10.57 28.91 -8.96
N ALA A 362 9.64 28.29 -8.25
CA ALA A 362 8.31 28.89 -8.15
C ALA A 362 8.35 30.23 -7.42
N TRP A 363 9.16 30.33 -6.38
CA TRP A 363 9.22 31.60 -5.66
C TRP A 363 9.81 32.70 -6.53
N LEU A 364 10.89 32.41 -7.26
CA LEU A 364 11.48 33.41 -8.13
C LEU A 364 10.58 33.74 -9.32
N LEU A 365 9.82 32.76 -9.81
CA LEU A 365 8.90 33.01 -10.90
C LEU A 365 7.76 33.92 -10.47
N THR A 366 7.28 33.79 -9.24
CA THR A 366 6.24 34.68 -8.74
C THR A 366 6.79 35.93 -8.07
N PHE A 367 8.11 36.04 -7.93
CA PHE A 367 8.70 37.22 -7.30
C PHE A 367 8.38 38.52 -8.04
N PRO A 368 8.53 38.63 -9.39
CA PRO A 368 8.24 39.89 -10.08
C PRO A 368 6.73 40.13 -10.26
N THR A 369 5.96 39.86 -9.22
CA THR A 369 4.54 40.14 -9.20
C THR A 369 4.13 40.90 -7.94
N MET A 370 5.08 41.31 -7.10
CA MET A 370 4.79 42.00 -5.86
C MET A 370 5.72 43.20 -5.71
N ASP A 371 5.25 44.17 -4.92
CA ASP A 371 6.06 45.32 -4.56
C ASP A 371 7.21 44.89 -3.65
N PRO A 372 8.30 45.64 -3.63
CA PRO A 372 9.43 45.27 -2.74
C PRO A 372 9.05 45.07 -1.28
N LYS A 373 8.03 45.77 -0.78
CA LYS A 373 7.63 45.55 0.61
C LYS A 373 6.92 44.20 0.80
N PRO A 374 5.89 43.85 0.00
CA PRO A 374 5.42 42.46 0.04
C PRO A 374 6.49 41.45 -0.34
N LEU A 375 7.46 41.85 -1.17
CA LEU A 375 8.59 40.97 -1.45
C LEU A 375 9.37 40.65 -0.18
N ALA A 376 9.63 41.68 0.64
CA ALA A 376 10.34 41.47 1.89
C ALA A 376 9.52 40.62 2.85
N TYR A 377 8.21 40.86 2.94
CA TYR A 377 7.39 40.00 3.78
C TYR A 377 7.39 38.56 3.28
N ALA A 378 7.38 38.35 1.97
CA ALA A 378 7.39 37.00 1.43
C ALA A 378 8.69 36.29 1.74
N ILE A 379 9.83 36.97 1.58
CA ILE A 379 11.10 36.32 1.87
C ILE A 379 11.23 36.04 3.36
N GLN A 380 10.72 36.94 4.20
CA GLN A 380 10.71 36.67 5.63
C GLN A 380 9.84 35.47 5.97
N ASN A 381 8.69 35.33 5.29
CA ASN A 381 7.80 34.21 5.59
C ASN A 381 8.39 32.88 5.15
N VAL A 382 9.02 32.84 3.97
CA VAL A 382 9.67 31.60 3.56
C VAL A 382 10.83 31.27 4.49
N SER A 383 11.54 32.30 4.97
CA SER A 383 12.58 32.07 5.96
C SER A 383 12.00 31.47 7.23
N PHE A 384 10.83 31.96 7.67
CA PHE A 384 10.20 31.45 8.89
C PHE A 384 9.75 30.00 8.73
N ASP A 385 9.20 29.65 7.56
CA ASP A 385 8.77 28.27 7.34
C ASP A 385 9.97 27.33 7.32
N ILE A 386 10.99 27.68 6.53
CA ILE A 386 12.21 26.90 6.47
C ILE A 386 12.84 26.79 7.84
N SER A 387 12.71 27.84 8.65
CA SER A 387 13.31 27.88 9.97
C SER A 387 12.60 26.95 10.95
N ILE A 388 11.27 26.96 10.96
CA ILE A 388 10.55 26.04 11.84
C ILE A 388 10.90 24.59 11.49
N VAL A 389 10.82 24.25 10.21
CA VAL A 389 11.02 22.84 9.85
C VAL A 389 12.47 22.42 10.11
N SER A 390 13.42 23.30 9.77
CA SER A 390 14.81 23.00 10.04
C SER A 390 15.09 22.91 11.54
N LEU A 391 14.40 23.71 12.35
CA LEU A 391 14.58 23.64 13.79
C LEU A 391 14.09 22.31 14.34
N ILE A 392 12.95 21.83 13.85
CA ILE A 392 12.49 20.51 14.28
C ILE A 392 13.51 19.45 13.90
N SER A 393 14.01 19.50 12.66
CA SER A 393 15.00 18.52 12.23
C SER A 393 16.28 18.62 13.07
N LEU A 394 16.70 19.84 13.40
CA LEU A 394 17.93 20.04 14.15
C LEU A 394 17.80 19.55 15.58
N ILE A 395 16.65 19.81 16.21
CA ILE A 395 16.41 19.29 17.55
C ILE A 395 16.45 17.77 17.52
N TRP A 396 15.86 17.16 16.49
CA TRP A 396 15.91 15.71 16.38
C TRP A 396 17.35 15.23 16.25
N SER A 397 18.12 15.83 15.34
CA SER A 397 19.50 15.40 15.12
C SER A 397 20.34 15.56 16.38
N LEU A 398 20.16 16.66 17.10
CA LEU A 398 20.83 16.83 18.38
C LEU A 398 20.39 15.77 19.37
N ALA A 399 19.15 15.31 19.30
CA ALA A 399 18.71 14.22 20.15
C ALA A 399 19.52 12.95 19.87
N ILE A 400 19.66 12.59 18.59
CA ILE A 400 20.53 11.44 18.28
C ILE A 400 21.94 11.68 18.80
N LEU A 401 22.48 12.87 18.59
CA LEU A 401 23.86 13.14 18.99
C LEU A 401 24.05 12.96 20.50
N LEU A 402 23.13 13.51 21.29
CA LEU A 402 23.29 13.47 22.75
C LEU A 402 22.99 12.10 23.32
N LEU A 403 21.90 11.46 22.87
CA LEU A 403 21.55 10.15 23.42
C LEU A 403 22.38 9.02 22.84
N SER A 404 23.16 9.28 21.80
CA SER A 404 24.09 8.27 21.28
C SER A 404 25.47 8.34 21.92
N LYS A 405 25.77 9.43 22.64
CA LYS A 405 27.06 9.62 23.31
C LYS A 405 28.23 9.48 22.33
N LYS A 406 28.00 9.82 21.06
CA LYS A 406 29.04 9.78 20.04
C LYS A 406 29.75 11.11 19.86
N TYR A 407 29.32 12.15 20.57
CA TYR A 407 29.95 13.46 20.46
C TYR A 407 31.28 13.55 21.20
N LYS A 408 31.68 12.49 21.91
CA LYS A 408 32.96 12.52 22.63
C LYS A 408 34.13 12.64 21.66
N GLN A 409 34.05 11.99 20.51
CA GLN A 409 35.10 12.11 19.51
C GLN A 409 35.14 13.52 18.94
N LEU A 410 36.34 13.96 18.55
CA LEU A 410 36.54 15.34 18.13
C LEU A 410 35.72 15.72 16.90
N PRO A 411 35.72 14.95 15.80
CA PRO A 411 34.87 15.35 14.66
C PRO A 411 33.41 15.46 15.00
N HIS A 412 32.88 14.50 15.77
CA HIS A 412 31.47 14.58 16.15
C HIS A 412 31.24 15.65 17.21
N MET A 413 32.24 15.94 18.04
CA MET A 413 32.12 17.07 18.95
C MET A 413 31.94 18.38 18.19
N LEU A 414 32.79 18.60 17.18
CA LEU A 414 32.67 19.82 16.39
C LEU A 414 31.39 19.82 15.55
N THR A 415 30.96 18.64 15.08
CA THR A 415 29.69 18.57 14.37
C THR A 415 28.52 18.94 15.27
N THR A 416 28.53 18.46 16.51
CA THR A 416 27.49 18.82 17.46
C THR A 416 27.52 20.31 17.77
N ASN A 417 28.72 20.88 17.86
CA ASN A 417 28.84 22.31 18.11
C ASN A 417 28.26 23.13 16.95
N LEU A 418 28.63 22.75 15.72
CA LEU A 418 28.06 23.41 14.54
C LEU A 418 26.54 23.22 14.49
N LEU A 419 26.07 22.05 14.92
CA LEU A 419 24.65 21.76 14.87
C LEU A 419 23.87 22.59 15.88
N ILE A 420 24.43 22.78 17.08
CA ILE A 420 23.75 23.64 18.04
C ILE A 420 23.81 25.09 17.57
N ALA A 421 24.89 25.49 16.88
CA ALA A 421 24.89 26.83 16.28
C ALA A 421 23.79 26.97 15.25
N GLN A 422 23.59 25.94 14.42
CA GLN A 422 22.51 25.97 13.45
C GLN A 422 21.15 26.02 14.13
N SER A 423 20.99 25.29 15.23
CA SER A 423 19.73 25.36 15.97
C SER A 423 19.50 26.76 16.51
N ILE A 424 20.55 27.40 17.02
CA ILE A 424 20.41 28.75 17.56
C ILE A 424 20.01 29.72 16.46
N VAL A 425 20.62 29.63 15.28
CA VAL A 425 20.26 30.57 14.22
C VAL A 425 18.84 30.30 13.71
N CYS A 426 18.46 29.02 13.62
CA CYS A 426 17.11 28.71 13.15
C CYS A 426 16.04 29.17 14.14
N ALA A 427 16.34 29.14 15.44
CA ALA A 427 15.39 29.65 16.42
C ALA A 427 15.40 31.17 16.48
N GLY A 428 16.58 31.76 16.30
CA GLY A 428 16.67 33.21 16.29
C GLY A 428 15.90 33.83 15.15
N MET A 429 15.89 33.18 13.99
CA MET A 429 15.09 33.71 12.89
C MET A 429 13.60 33.68 13.24
N MET A 430 13.14 32.59 13.87
CA MET A 430 11.74 32.51 14.28
C MET A 430 11.41 33.65 15.25
N ILE A 431 12.25 33.85 16.26
CA ILE A 431 11.97 34.89 17.24
C ILE A 431 12.04 36.27 16.58
N TRP A 432 12.96 36.45 15.63
CA TRP A 432 13.09 37.73 14.94
C TRP A 432 11.84 38.06 14.14
N ASN A 433 11.30 37.08 13.41
CA ASN A 433 10.11 37.35 12.60
C ASN A 433 8.93 37.70 13.50
N PHE A 434 8.91 37.17 14.72
CA PHE A 434 7.85 37.50 15.68
C PHE A 434 8.14 38.80 16.43
N VAL A 435 9.30 39.42 16.21
CA VAL A 435 9.67 40.65 16.89
C VAL A 435 10.18 41.72 15.94
N LYS A 436 10.17 41.47 14.64
CA LYS A 436 10.70 42.43 13.67
C LYS A 436 9.90 43.74 13.76
N GLU A 437 10.60 44.83 14.03
CA GLU A 437 10.06 46.19 14.08
C GLU A 437 8.94 46.35 15.12
N LYS A 438 8.68 45.33 15.94
CA LYS A 438 7.66 45.43 16.98
C LYS A 438 8.25 45.93 18.30
N ASN A 439 9.21 45.19 18.84
CA ASN A 439 9.85 45.53 20.11
C ASN A 439 11.31 45.89 19.81
N PHE A 440 11.58 47.19 19.69
CA PHE A 440 12.93 47.66 19.42
C PHE A 440 13.86 47.46 20.61
N VAL A 441 13.30 47.33 21.82
CA VAL A 441 14.13 47.18 23.02
C VAL A 441 14.93 45.88 22.96
N GLY A 442 14.25 44.77 22.66
CA GLY A 442 14.91 43.48 22.55
C GLY A 442 15.37 43.13 21.15
N GLN A 443 15.15 44.03 20.20
CA GLN A 443 15.61 43.78 18.83
C GLN A 443 17.13 43.70 18.77
N ILE A 444 17.83 44.51 19.57
CA ILE A 444 19.28 44.41 19.63
C ILE A 444 19.70 43.02 20.09
N LEU A 445 19.06 42.51 21.14
CA LEU A 445 19.43 41.20 21.68
C LEU A 445 19.16 40.09 20.67
N VAL A 446 17.99 40.11 20.03
CA VAL A 446 17.67 39.03 19.10
C VAL A 446 18.58 39.10 17.88
N PHE A 447 18.86 40.29 17.37
CA PHE A 447 19.78 40.44 16.25
C PHE A 447 21.17 39.92 16.63
N VAL A 448 21.65 40.28 17.82
CA VAL A 448 22.98 39.84 18.26
C VAL A 448 23.03 38.32 18.31
N LEU A 449 22.02 37.70 18.93
CA LEU A 449 22.00 36.24 19.02
C LEU A 449 21.98 35.62 17.63
N LEU A 450 21.08 36.09 16.76
CA LEU A 450 20.92 35.49 15.44
C LEU A 450 22.21 35.55 14.64
N TYR A 451 22.80 36.74 14.51
CA TYR A 451 23.96 36.85 13.65
C TYR A 451 25.23 36.33 14.31
N SER A 452 25.34 36.37 15.63
CA SER A 452 26.46 35.69 16.28
C SER A 452 26.41 34.19 15.99
N SER A 453 25.22 33.58 16.05
CA SER A 453 25.11 32.17 15.75
C SER A 453 25.37 31.88 14.28
N LEU A 454 24.93 32.77 13.37
CA LEU A 454 25.18 32.53 11.96
C LEU A 454 26.66 32.66 11.61
N TYR A 455 27.33 33.67 12.17
CA TYR A 455 28.77 33.78 12.00
C TYR A 455 29.49 32.60 12.63
N SER A 456 28.93 32.05 13.71
CA SER A 456 29.49 30.84 14.30
C SER A 456 29.34 29.65 13.36
N THR A 457 28.22 29.55 12.66
CA THR A 457 28.07 28.47 11.69
C THR A 457 29.08 28.58 10.56
N TYR A 458 29.29 29.80 10.05
CA TYR A 458 30.30 29.96 8.99
C TYR A 458 31.69 29.62 9.50
N LEU A 459 32.09 30.23 10.60
CA LEU A 459 33.41 29.93 11.16
C LEU A 459 33.54 28.48 11.57
N TRP A 460 32.45 27.82 11.93
CA TRP A 460 32.52 26.43 12.33
C TRP A 460 32.63 25.51 11.13
N THR A 461 32.10 25.92 9.99
CA THR A 461 32.45 25.23 8.75
C THR A 461 33.95 25.31 8.51
N GLY A 462 34.52 26.50 8.71
CA GLY A 462 35.97 26.64 8.60
C GLY A 462 36.71 25.74 9.57
N LEU A 463 36.25 25.70 10.82
CA LEU A 463 36.89 24.88 11.86
C LEU A 463 36.73 23.39 11.58
N LEU A 464 35.61 22.98 10.98
CA LEU A 464 35.47 21.60 10.54
C LEU A 464 36.49 21.26 9.46
N ALA A 465 36.67 22.17 8.50
CA ALA A 465 37.70 21.96 7.49
C ALA A 465 39.06 21.77 8.15
N ILE A 466 39.36 22.63 9.14
CA ILE A 466 40.64 22.52 9.85
C ILE A 466 40.74 21.19 10.59
N SER A 467 39.63 20.73 11.18
CA SER A 467 39.68 19.50 11.97
C SER A 467 39.95 18.29 11.09
N LEU A 468 39.27 18.18 9.94
CA LEU A 468 39.63 17.10 9.03
C LEU A 468 41.02 17.27 8.44
N PHE A 469 41.50 18.50 8.26
CA PHE A 469 42.90 18.69 7.87
C PHE A 469 43.83 18.08 8.91
N LEU A 470 43.58 18.36 10.19
CA LEU A 470 44.42 17.82 11.25
C LEU A 470 44.33 16.31 11.32
N LEU A 471 43.13 15.76 11.14
CA LEU A 471 42.96 14.31 11.17
C LEU A 471 43.72 13.65 10.04
N LYS A 472 43.69 14.25 8.84
CA LYS A 472 44.46 13.70 7.73
C LYS A 472 45.96 13.82 7.97
N LYS A 473 46.40 14.94 8.55
CA LYS A 473 47.83 15.19 8.70
C LYS A 473 48.45 14.25 9.72
N ARG A 474 48.01 14.33 10.97
CA ARG A 474 48.60 13.53 12.04
C ARG A 474 47.51 12.91 12.88
N GLU A 475 47.65 11.62 13.17
CA GLU A 475 46.74 10.89 14.04
C GLU A 475 47.25 10.93 15.47
N ARG A 476 46.31 10.87 16.42
CA ARG A 476 46.62 10.87 17.85
C ARG A 476 47.39 12.14 18.24
N VAL A 477 46.75 13.28 18.00
CA VAL A 477 47.31 14.57 18.37
C VAL A 477 46.76 14.98 19.72
N GLN A 478 47.49 15.86 20.40
CA GLN A 478 47.11 16.33 21.72
C GLN A 478 46.51 17.73 21.70
N ILE A 479 46.17 18.24 20.52
CA ILE A 479 45.60 19.59 20.44
C ILE A 479 44.23 19.61 21.14
N PRO A 480 43.99 20.54 22.05
CA PRO A 480 42.69 20.58 22.73
C PRO A 480 41.59 21.04 21.79
N VAL A 481 40.38 20.58 22.08
CA VAL A 481 39.20 21.11 21.41
C VAL A 481 38.69 22.38 22.05
N GLY A 482 39.15 22.69 23.27
CA GLY A 482 38.69 23.90 23.95
C GLY A 482 39.07 25.17 23.21
N ILE A 483 40.30 25.24 22.70
CA ILE A 483 40.72 26.42 21.95
C ILE A 483 39.87 26.58 20.70
N ILE A 484 39.62 25.47 19.99
CA ILE A 484 38.81 25.52 18.78
C ILE A 484 37.40 25.99 19.10
N ILE A 485 36.83 25.48 20.18
CA ILE A 485 35.45 25.83 20.53
C ILE A 485 35.35 27.30 20.95
N ILE A 486 36.28 27.75 21.80
CA ILE A 486 36.20 29.14 22.26
C ILE A 486 36.46 30.09 21.11
N SER A 487 37.33 29.73 20.17
CA SER A 487 37.50 30.53 18.98
C SER A 487 36.21 30.61 18.18
N GLY A 488 35.62 29.44 17.88
CA GLY A 488 34.43 29.40 17.04
C GLY A 488 33.22 30.07 17.65
N TRP A 489 33.18 30.24 18.97
CA TRP A 489 32.10 30.99 19.59
C TRP A 489 32.49 32.39 20.02
N GLY A 490 33.77 32.76 19.96
CA GLY A 490 34.17 34.08 20.38
C GLY A 490 34.44 35.04 19.25
N ILE A 491 35.12 34.58 18.20
CA ILE A 491 35.34 35.44 17.02
C ILE A 491 34.02 35.93 16.45
N PRO A 492 32.97 35.11 16.30
CA PRO A 492 31.67 35.68 15.94
C PRO A 492 31.16 36.68 16.97
N ALA A 493 31.39 36.42 18.26
CA ALA A 493 30.97 37.38 19.28
C ALA A 493 31.73 38.69 19.17
N LEU A 494 33.04 38.62 18.94
CA LEU A 494 33.82 39.85 18.74
C LEU A 494 33.36 40.58 17.49
N LEU A 495 33.07 39.85 16.41
CA LEU A 495 32.59 40.47 15.19
C LEU A 495 31.28 41.22 15.43
N VAL A 496 30.33 40.57 16.10
CA VAL A 496 29.04 41.22 16.35
C VAL A 496 29.21 42.38 17.32
N GLY A 497 30.15 42.28 18.27
CA GLY A 497 30.37 43.38 19.19
C GLY A 497 30.92 44.61 18.50
N VAL A 498 31.97 44.43 17.68
CA VAL A 498 32.52 45.56 16.95
C VAL A 498 31.57 46.07 15.88
N LEU A 499 30.63 45.23 15.42
CA LEU A 499 29.63 45.71 14.49
C LEU A 499 28.60 46.57 15.21
N LEU A 500 28.18 46.16 16.41
CA LEU A 500 27.22 46.93 17.19
C LEU A 500 27.82 48.24 17.65
N ILE A 501 29.11 48.23 18.00
CA ILE A 501 29.76 49.45 18.49
C ILE A 501 29.74 50.54 17.43
N THR A 502 30.06 50.19 16.19
CA THR A 502 30.07 51.16 15.11
C THR A 502 28.67 51.31 14.52
N GLY A 503 28.35 52.54 14.11
CA GLY A 503 27.08 52.80 13.46
C GLY A 503 25.93 52.94 14.43
N LYS A 504 24.72 52.94 13.86
CA LYS A 504 23.49 53.13 14.61
C LYS A 504 22.48 52.07 14.18
N HIS A 505 21.49 51.85 15.03
CA HIS A 505 20.46 50.83 14.79
C HIS A 505 19.41 51.40 13.85
N ASN A 506 19.18 50.72 12.73
CA ASN A 506 18.14 51.10 11.78
C ASN A 506 16.99 50.10 11.93
N GLY A 507 16.10 50.38 12.89
CA GLY A 507 14.99 49.48 13.17
C GLY A 507 13.81 49.67 12.25
N ASP A 508 14.06 49.75 10.96
CA ASP A 508 13.00 49.93 9.97
C ASP A 508 13.00 48.86 8.89
N SER A 509 14.17 48.40 8.46
CA SER A 509 14.25 47.36 7.45
C SER A 509 13.79 46.03 8.02
N ILE A 510 12.92 45.34 7.28
CA ILE A 510 12.39 44.06 7.76
C ILE A 510 13.47 42.99 7.75
N ASP A 511 14.28 42.94 6.70
CA ASP A 511 15.30 41.89 6.58
C ASP A 511 16.37 42.15 7.64
N SER A 512 16.92 41.06 8.18
CA SER A 512 17.93 41.17 9.23
C SER A 512 19.29 41.59 8.68
N ALA A 513 19.56 41.34 7.39
CA ALA A 513 20.87 41.64 6.83
C ALA A 513 21.16 43.13 6.77
N PHE A 514 20.13 43.98 6.77
CA PHE A 514 20.30 45.42 6.68
C PHE A 514 19.75 46.14 7.91
N PHE A 515 19.75 45.46 9.06
CA PHE A 515 19.34 46.12 10.29
C PHE A 515 20.29 47.27 10.63
N TYR A 516 21.56 47.14 10.27
CA TYR A 516 22.57 48.14 10.58
C TYR A 516 23.05 48.91 9.36
N GLY A 517 23.13 48.27 8.19
CA GLY A 517 23.46 48.96 6.96
C GLY A 517 24.70 48.39 6.30
N LYS A 518 25.43 49.26 5.61
CA LYS A 518 26.62 48.84 4.88
C LYS A 518 27.67 48.24 5.82
N GLU A 519 27.75 48.76 7.05
CA GLU A 519 28.70 48.22 8.02
C GLU A 519 28.43 46.75 8.30
N GLN A 520 27.16 46.40 8.53
CA GLN A 520 26.80 45.01 8.79
C GLN A 520 27.16 44.12 7.62
N MET A 521 26.89 44.59 6.40
CA MET A 521 27.23 43.81 5.22
C MET A 521 28.74 43.66 5.08
N ILE A 522 29.50 44.68 5.47
CA ILE A 522 30.96 44.59 5.41
C ILE A 522 31.46 43.50 6.36
N THR A 523 30.96 43.49 7.59
CA THR A 523 31.38 42.45 8.54
C THR A 523 30.94 41.07 8.06
N THR A 524 29.69 40.95 7.59
CA THR A 524 29.20 39.68 7.11
C THR A 524 29.95 39.21 5.88
N ALA A 525 30.55 40.13 5.12
CA ALA A 525 31.34 39.73 3.97
C ALA A 525 32.76 39.32 4.37
N VAL A 526 33.36 40.02 5.34
CA VAL A 526 34.74 39.67 5.71
C VAL A 526 34.77 38.33 6.45
N THR A 527 33.87 38.12 7.40
CA THR A 527 33.87 36.83 8.10
C THR A 527 33.53 35.69 7.15
N LEU A 528 32.60 35.94 6.22
CA LEU A 528 32.21 34.93 5.25
C LEU A 528 33.36 34.61 4.30
N PHE A 529 34.13 35.63 3.91
CA PHE A 529 35.31 35.45 3.08
C PHE A 529 36.31 34.56 3.80
N CYS A 530 36.79 35.02 4.97
CA CYS A 530 37.80 34.23 5.68
C CYS A 530 37.33 32.80 5.94
N SER A 531 36.03 32.60 6.16
CA SER A 531 35.53 31.24 6.36
C SER A 531 35.81 30.36 5.14
N ILE A 532 35.57 30.89 3.94
CA ILE A 532 35.80 30.08 2.75
C ILE A 532 37.27 29.96 2.39
N LEU A 533 38.12 30.92 2.73
CA LEU A 533 39.55 30.66 2.58
C LEU A 533 40.02 29.54 3.51
N ILE A 534 39.56 29.56 4.77
CA ILE A 534 39.92 28.47 5.68
C ILE A 534 39.42 27.14 5.15
N ALA A 535 38.19 27.12 4.63
CA ALA A 535 37.66 25.86 4.10
C ALA A 535 38.42 25.40 2.87
N GLY A 536 38.70 26.31 1.93
CA GLY A 536 39.34 25.93 0.69
C GLY A 536 40.77 25.47 0.85
N ILE A 537 41.51 26.10 1.77
CA ILE A 537 42.90 25.71 1.98
C ILE A 537 42.98 24.25 2.41
N SER A 538 42.12 23.85 3.34
CA SER A 538 42.06 22.45 3.74
C SER A 538 41.54 21.57 2.60
N LEU A 539 40.50 22.04 1.89
CA LEU A 539 39.87 21.20 0.87
C LEU A 539 40.84 20.86 -0.26
N MET A 540 41.64 21.83 -0.69
CA MET A 540 42.54 21.60 -1.82
C MET A 540 43.56 20.51 -1.51
N CYS A 541 44.08 20.50 -0.29
CA CYS A 541 45.11 19.54 0.12
C CYS A 541 44.54 18.22 0.61
N MET A 542 43.22 18.08 0.68
CA MET A 542 42.59 16.85 1.12
C MET A 542 42.98 15.68 0.22
N HIS A 628 40.59 -26.72 21.68
CA HIS A 628 40.60 -25.35 22.14
C HIS A 628 39.27 -24.97 22.80
N CYS A 629 38.92 -23.69 22.73
CA CYS A 629 37.73 -23.18 23.37
C CYS A 629 36.52 -23.23 22.43
N VAL A 630 35.34 -23.12 23.02
CA VAL A 630 34.09 -23.09 22.26
C VAL A 630 33.30 -21.84 22.66
N SER A 631 33.11 -21.65 23.96
CA SER A 631 32.37 -20.52 24.49
C SER A 631 33.26 -19.29 24.52
N ARG A 632 32.84 -18.25 25.24
CA ARG A 632 33.61 -17.02 25.34
C ARG A 632 35.01 -17.30 25.87
N CYS A 633 36.00 -16.66 25.26
CA CYS A 633 37.39 -16.86 25.60
C CYS A 633 37.93 -15.67 26.38
N ASN A 634 39.02 -15.92 27.11
CA ASN A 634 39.66 -14.87 27.88
C ASN A 634 40.37 -13.88 26.96
N SER A 635 40.81 -12.77 27.54
CA SER A 635 41.40 -11.69 26.75
C SER A 635 42.59 -12.17 25.93
N GLN A 636 43.37 -13.11 26.49
CA GLN A 636 44.47 -13.70 25.71
C GLN A 636 43.92 -14.58 24.58
N SER A 637 42.90 -15.38 24.88
CA SER A 637 42.33 -16.31 23.92
C SER A 637 41.23 -15.68 23.07
N CYS A 638 40.87 -14.42 23.32
CA CYS A 638 39.88 -13.69 22.53
C CYS A 638 40.49 -12.41 21.98
N ILE A 639 41.77 -12.47 21.60
CA ILE A 639 42.47 -11.27 21.13
C ILE A 639 41.89 -10.79 19.81
N LEU A 640 41.30 -11.69 19.01
CA LEU A 640 40.72 -11.26 17.74
C LEU A 640 39.50 -10.38 17.96
N ALA A 641 38.74 -10.62 19.02
CA ALA A 641 37.65 -9.71 19.38
C ALA A 641 38.19 -8.33 19.72
N GLN A 642 39.32 -8.28 20.42
CA GLN A 642 39.95 -6.99 20.71
C GLN A 642 40.41 -6.29 19.44
N GLU A 643 40.97 -7.05 18.50
CA GLU A 643 41.36 -6.47 17.22
C GLU A 643 40.16 -5.92 16.47
N GLU A 644 39.05 -6.64 16.48
CA GLU A 644 37.84 -6.16 15.81
C GLU A 644 37.30 -4.92 16.50
N GLU A 645 37.37 -4.87 17.83
CA GLU A 645 36.95 -3.67 18.55
C GLU A 645 37.82 -2.48 18.19
N GLN A 646 39.13 -2.70 18.08
CA GLN A 646 40.03 -1.63 17.65
C GLN A 646 39.70 -1.16 16.24
N TYR A 647 39.39 -2.10 15.34
CA TYR A 647 39.01 -1.73 13.98
C TYR A 647 37.73 -0.92 13.98
N LEU A 648 36.76 -1.31 14.82
CA LEU A 648 35.52 -0.54 14.92
C LEU A 648 35.79 0.86 15.46
N GLN A 649 36.67 0.98 16.46
CA GLN A 649 37.07 2.30 16.93
C GLN A 649 37.73 3.11 15.84
N SER A 650 38.47 2.45 14.95
CA SER A 650 39.04 3.14 13.80
C SER A 650 37.96 3.71 12.88
N GLY A 651 36.77 3.15 12.93
CA GLY A 651 35.60 3.70 12.26
C GLY A 651 34.88 4.68 13.14
N ASP A 652 33.56 4.78 12.92
CA ASP A 652 32.68 5.68 13.68
C ASP A 652 33.09 7.14 13.56
N GLN A 653 33.90 7.47 12.56
CA GLN A 653 34.28 8.85 12.28
C GLN A 653 33.61 9.41 11.04
N GLN A 654 33.52 8.62 9.98
CA GLN A 654 32.87 9.01 8.72
C GLN A 654 33.49 10.29 8.16
N LEU A 655 34.79 10.20 7.85
CA LEU A 655 35.50 11.35 7.31
C LEU A 655 34.90 11.80 6.00
N THR A 656 34.49 10.85 5.16
CA THR A 656 33.82 11.19 3.90
C THR A 656 32.50 11.92 4.15
N ARG A 657 31.76 11.49 5.17
CA ARG A 657 30.50 12.16 5.52
C ARG A 657 30.75 13.61 5.94
N HIS A 658 31.76 13.83 6.77
CA HIS A 658 32.10 15.19 7.16
C HIS A 658 32.55 16.02 5.97
N VAL A 659 33.31 15.40 5.05
CA VAL A 659 33.73 16.10 3.84
C VAL A 659 32.52 16.52 3.02
N LEU A 660 31.53 15.63 2.89
CA LEU A 660 30.33 15.96 2.13
C LEU A 660 29.58 17.11 2.78
N LEU A 661 29.42 17.06 4.10
CA LEU A 661 28.75 18.14 4.82
C LEU A 661 29.47 19.46 4.57
N CYS A 662 30.80 19.45 4.74
CA CYS A 662 31.57 20.67 4.57
C CYS A 662 31.43 21.23 3.16
N LEU A 663 31.49 20.37 2.13
CA LEU A 663 31.38 20.86 0.76
C LEU A 663 30.00 21.44 0.48
N LEU A 664 28.94 20.73 0.89
CA LEU A 664 27.61 21.29 0.68
C LEU A 664 27.40 22.58 1.46
N LEU A 665 28.09 22.75 2.58
CA LEU A 665 27.99 24.00 3.32
C LEU A 665 28.77 25.12 2.61
N ILE A 666 29.94 24.79 2.07
CA ILE A 666 30.72 25.75 1.30
C ILE A 666 29.95 26.22 0.08
N ILE A 667 29.08 25.38 -0.47
CA ILE A 667 28.28 25.82 -1.61
C ILE A 667 27.46 27.06 -1.24
N GLY A 668 26.73 26.99 -0.12
CA GLY A 668 25.97 28.14 0.32
C GLY A 668 26.83 29.27 0.84
N LEU A 669 28.00 28.94 1.42
CA LEU A 669 28.93 29.99 1.83
C LEU A 669 29.36 30.83 0.64
N PHE A 670 29.68 30.17 -0.48
CA PHE A 670 30.07 30.88 -1.70
C PHE A 670 28.90 31.63 -2.29
N ALA A 671 27.70 31.06 -2.24
CA ALA A 671 26.52 31.78 -2.73
C ALA A 671 26.32 33.09 -1.96
N ASN A 672 26.43 33.03 -0.63
CA ASN A 672 26.26 34.24 0.16
C ASN A 672 27.43 35.20 -0.02
N LEU A 673 28.64 34.68 -0.24
CA LEU A 673 29.77 35.55 -0.54
C LEU A 673 29.52 36.34 -1.83
N SER A 674 29.03 35.66 -2.86
CA SER A 674 28.69 36.34 -4.10
C SER A 674 27.61 37.39 -3.86
N SER A 675 26.62 37.06 -3.02
CA SER A 675 25.58 38.03 -2.72
C SER A 675 26.14 39.29 -2.07
N CYS A 676 27.00 39.12 -1.05
CA CYS A 676 27.51 40.31 -0.36
C CYS A 676 28.42 41.12 -1.25
N LEU A 677 29.27 40.45 -2.05
CA LEU A 677 30.13 41.20 -2.97
C LEU A 677 29.30 41.97 -3.99
N TRP A 678 28.25 41.36 -4.53
CA TRP A 678 27.40 42.06 -5.48
C TRP A 678 26.76 43.28 -4.84
N TRP A 679 26.25 43.12 -3.62
CA TRP A 679 25.57 44.26 -2.99
C TRP A 679 26.58 45.37 -2.66
N LEU A 680 27.78 45.01 -2.21
CA LEU A 680 28.77 46.01 -1.84
C LEU A 680 29.28 46.77 -3.06
N PHE A 681 29.63 46.05 -4.12
CA PHE A 681 30.24 46.71 -5.28
C PHE A 681 29.20 47.37 -6.17
N ASN A 682 28.27 46.57 -6.73
CA ASN A 682 27.32 47.12 -7.67
C ASN A 682 26.29 48.01 -6.98
N GLN A 683 25.76 47.56 -5.84
CA GLN A 683 24.74 48.29 -5.08
C GLN A 683 23.50 48.58 -5.93
N GLU A 684 23.25 47.76 -6.94
CA GLU A 684 22.12 47.93 -7.84
C GLU A 684 21.31 46.65 -7.90
N PRO A 685 20.00 46.69 -7.64
CA PRO A 685 19.19 45.46 -7.73
C PRO A 685 19.22 44.82 -9.11
N GLY A 686 18.78 45.58 -10.12
CA GLY A 686 18.83 45.09 -11.49
C GLY A 686 18.03 43.83 -11.75
N ARG A 687 17.08 43.49 -10.89
CA ARG A 687 16.19 42.34 -10.98
C ARG A 687 16.93 41.01 -10.84
N LEU A 688 18.25 41.02 -10.67
CA LEU A 688 19.02 39.81 -10.42
C LEU A 688 19.39 39.67 -8.95
N TYR A 689 19.49 40.79 -8.23
CA TYR A 689 19.83 40.79 -6.82
C TYR A 689 18.72 40.19 -5.96
N VAL A 690 17.47 40.22 -6.45
CA VAL A 690 16.37 39.59 -5.71
C VAL A 690 16.59 38.09 -5.60
N GLU A 691 17.06 37.46 -6.68
CA GLU A 691 17.39 36.04 -6.62
C GLU A 691 18.47 35.79 -5.59
N LEU A 692 19.47 36.68 -5.51
CA LEU A 692 20.56 36.50 -4.57
C LEU A 692 20.08 36.60 -3.13
N GLN A 693 19.25 37.60 -2.81
CA GLN A 693 18.77 37.72 -1.44
C GLN A 693 17.89 36.52 -1.08
N PHE A 694 17.03 36.09 -2.01
CA PHE A 694 16.19 34.95 -1.71
C PHE A 694 17.01 33.69 -1.47
N PHE A 695 18.04 33.46 -2.29
CA PHE A 695 18.86 32.26 -2.11
C PHE A 695 19.65 32.31 -0.81
N CYS A 696 20.21 33.48 -0.46
CA CYS A 696 20.97 33.55 0.77
C CYS A 696 20.06 33.35 1.98
N ALA A 697 18.87 33.95 1.96
CA ALA A 697 17.92 33.74 3.04
C ALA A 697 17.45 32.30 3.11
N VAL A 698 17.36 31.62 1.97
CA VAL A 698 16.98 30.21 1.97
C VAL A 698 18.08 29.38 2.63
N PHE A 699 19.33 29.59 2.22
CA PHE A 699 20.40 28.72 2.71
C PHE A 699 20.73 28.97 4.17
N ASN A 700 20.72 30.24 4.61
CA ASN A 700 21.14 30.57 5.97
C ASN A 700 20.39 29.76 7.02
N PHE A 701 19.12 29.44 6.75
CA PHE A 701 18.30 28.69 7.67
C PHE A 701 17.84 27.35 7.10
N GLY A 702 18.29 27.00 5.90
CA GLY A 702 18.02 25.67 5.39
C GLY A 702 19.21 24.75 5.54
N GLN A 703 20.34 25.28 6.00
CA GLN A 703 21.48 24.42 6.30
C GLN A 703 21.12 23.34 7.32
N GLY A 704 20.09 23.58 8.14
CA GLY A 704 19.62 22.54 9.05
C GLY A 704 19.13 21.31 8.32
N PHE A 705 18.46 21.50 7.19
CA PHE A 705 18.03 20.35 6.38
C PHE A 705 19.21 19.54 5.89
N ILE A 706 20.27 20.22 5.44
CA ILE A 706 21.46 19.52 4.98
C ILE A 706 22.06 18.71 6.13
N SER A 707 22.23 19.35 7.29
CA SER A 707 22.85 18.68 8.43
C SER A 707 22.02 17.49 8.89
N PHE A 708 20.70 17.64 8.93
CA PHE A 708 19.83 16.52 9.27
C PHE A 708 19.94 15.40 8.25
N GLY A 709 20.01 15.76 6.96
CA GLY A 709 20.09 14.74 5.93
C GLY A 709 21.35 13.91 6.04
N ILE A 710 22.49 14.55 6.34
CA ILE A 710 23.73 13.78 6.39
C ILE A 710 23.86 12.99 7.69
N PHE A 711 23.67 13.66 8.82
CA PHE A 711 23.95 13.04 10.11
C PHE A 711 22.72 12.77 10.97
N GLY A 712 21.63 13.50 10.77
CA GLY A 712 20.44 13.29 11.57
C GLY A 712 19.77 11.94 11.38
N LEU A 713 20.09 11.24 10.30
CA LEU A 713 19.53 9.93 10.03
C LEU A 713 20.66 8.91 9.87
N ASP A 714 20.56 7.80 10.60
CA ASP A 714 21.54 6.73 10.49
C ASP A 714 20.95 5.46 11.06
N LYS A 715 21.41 4.33 10.53
CA LYS A 715 20.93 3.03 11.01
C LYS A 715 21.54 2.66 12.35
N HIS A 716 22.68 3.23 12.72
CA HIS A 716 23.29 2.92 14.01
C HIS A 716 22.38 3.31 15.16
N LEU A 717 21.80 4.50 15.09
CA LEU A 717 20.88 4.96 16.13
C LEU A 717 20.10 6.17 15.61
N SER A 744 7.26 -16.97 19.68
CA SER A 744 8.43 -17.77 19.97
C SER A 744 8.52 -18.97 19.01
N GLU A 745 7.35 -19.47 18.61
CA GLU A 745 7.30 -20.68 17.78
C GLU A 745 7.90 -20.46 16.40
N GLU A 746 7.63 -19.30 15.79
CA GLU A 746 8.16 -19.03 14.44
C GLU A 746 9.69 -19.00 14.44
N ILE A 747 10.28 -18.35 15.44
CA ILE A 747 11.73 -18.29 15.54
C ILE A 747 12.31 -19.67 15.80
N LYS A 748 11.64 -20.48 16.62
CA LYS A 748 12.09 -21.86 16.83
C LYS A 748 12.05 -22.64 15.53
N MET A 749 11.00 -22.45 14.73
CA MET A 749 10.90 -23.16 13.45
C MET A 749 12.00 -22.74 12.49
N THR A 750 12.30 -21.43 12.43
CA THR A 750 13.39 -20.96 11.57
C THR A 750 14.72 -21.52 12.02
N CYS A 751 14.96 -21.54 13.33
CA CYS A 751 16.21 -22.13 13.84
C CYS A 751 16.27 -23.61 13.52
N GLN A 752 15.14 -24.31 13.60
CA GLN A 752 15.11 -25.72 13.25
C GLN A 752 15.45 -25.92 11.78
N GLN A 753 14.90 -25.10 10.89
CA GLN A 753 15.27 -25.19 9.48
C GLN A 753 16.77 -25.00 9.29
N PHE A 754 17.32 -23.97 9.94
CA PHE A 754 18.73 -23.63 9.77
C PHE A 754 19.63 -24.75 10.29
N ILE A 755 19.28 -25.35 11.43
CA ILE A 755 20.10 -26.43 11.99
C ILE A 755 19.80 -27.77 11.35
N HIS A 756 18.73 -27.88 10.57
CA HIS A 756 18.38 -29.13 9.91
C HIS A 756 19.06 -29.25 8.55
N TYR A 757 18.81 -28.29 7.66
CA TYR A 757 19.30 -28.41 6.29
C TYR A 757 20.36 -27.39 5.91
N HIS A 758 20.90 -26.64 6.87
CA HIS A 758 21.89 -25.62 6.55
C HIS A 758 23.06 -25.54 7.53
N ARG A 759 22.98 -26.13 8.71
CA ARG A 759 24.05 -25.99 9.69
C ARG A 759 25.34 -26.65 9.20
N ASP A 760 25.24 -27.83 8.62
CA ASP A 760 26.40 -28.61 8.21
C ASP A 760 26.86 -28.31 6.79
N LEU A 761 26.27 -27.30 6.15
CA LEU A 761 26.58 -26.98 4.76
C LEU A 761 27.89 -26.20 4.69
N CYS A 762 28.17 -25.60 3.52
CA CYS A 762 29.41 -24.88 3.29
C CYS A 762 29.61 -23.71 4.25
N ILE A 763 28.60 -23.36 5.05
CA ILE A 763 28.77 -22.34 6.08
C ILE A 763 29.83 -22.79 7.08
N ARG A 764 29.95 -24.09 7.30
CA ARG A 764 31.03 -24.62 8.14
C ARG A 764 32.39 -24.15 7.65
N ASN A 765 32.55 -24.05 6.32
CA ASN A 765 33.78 -23.49 5.77
C ASN A 765 33.90 -22.00 6.08
N ILE A 766 32.79 -21.26 5.97
CA ILE A 766 32.85 -19.81 6.18
C ILE A 766 32.96 -19.44 7.65
N VAL A 767 32.67 -20.35 8.57
CA VAL A 767 32.80 -20.08 10.00
C VAL A 767 34.10 -20.71 10.49
N LYS A 768 35.01 -19.86 10.96
CA LYS A 768 36.31 -20.30 11.43
C LYS A 768 37.03 -19.11 12.06
N GLU A 769 37.76 -19.36 13.14
CA GLU A 769 38.57 -18.34 13.80
C GLU A 769 39.99 -18.85 13.94
N ARG A 770 40.95 -18.03 13.54
CA ARG A 770 42.36 -18.39 13.68
C ARG A 770 42.76 -18.35 15.15
N ARG A 771 43.82 -19.09 15.46
CA ARG A 771 44.27 -19.23 16.85
C ARG A 771 44.62 -17.88 17.45
N CYS A 772 43.88 -17.49 18.49
CA CYS A 772 44.07 -16.21 19.15
C CYS A 772 45.22 -16.36 20.15
N GLY A 773 46.43 -16.32 19.61
CA GLY A 773 47.63 -16.46 20.43
C GLY A 773 47.94 -17.90 20.77
N ALA A 774 47.14 -18.50 21.65
CA ALA A 774 47.34 -19.89 22.04
C ALA A 774 46.05 -20.69 21.96
N LYS A 775 44.91 -20.00 22.10
CA LYS A 775 43.62 -20.67 22.12
C LYS A 775 42.58 -19.76 21.47
N THR A 776 41.58 -20.37 20.85
CA THR A 776 40.52 -19.63 20.19
C THR A 776 39.26 -20.49 20.15
N SER A 777 38.13 -19.84 19.88
CA SER A 777 36.88 -20.59 19.75
C SER A 777 36.80 -21.33 18.42
N ALA A 778 37.43 -20.78 17.38
CA ALA A 778 37.46 -21.38 16.05
C ALA A 778 36.07 -21.58 15.46
N GLY A 779 35.09 -20.82 15.94
CA GLY A 779 33.74 -20.91 15.43
C GLY A 779 33.12 -19.54 15.26
N THR A 780 33.93 -18.55 14.92
CA THR A 780 33.50 -17.16 14.82
C THR A 780 33.44 -16.75 13.36
N PHE A 781 32.33 -16.12 12.99
CA PHE A 781 32.10 -15.66 11.62
C PHE A 781 31.76 -14.18 11.63
N CYS A 782 32.19 -13.49 10.57
CA CYS A 782 31.81 -12.10 10.39
C CYS A 782 30.35 -11.99 9.99
N GLY A 783 29.68 -10.95 10.49
CA GLY A 783 28.28 -10.75 10.15
C GLY A 783 28.07 -10.58 8.66
N CYS A 784 28.93 -9.79 8.02
CA CYS A 784 28.85 -9.62 6.57
C CYS A 784 29.08 -10.94 5.84
N ASP A 785 29.99 -11.77 6.36
CA ASP A 785 30.27 -13.05 5.72
C ASP A 785 29.05 -13.96 5.76
N LEU A 786 28.39 -14.04 6.92
CA LEU A 786 27.19 -14.89 7.01
C LEU A 786 26.05 -14.32 6.18
N VAL A 787 25.92 -12.99 6.16
CA VAL A 787 24.88 -12.37 5.34
C VAL A 787 25.11 -12.71 3.87
N SER A 788 26.35 -12.60 3.41
CA SER A 788 26.67 -12.93 2.02
C SER A 788 26.41 -14.40 1.73
N TRP A 789 26.77 -15.28 2.66
CA TRP A 789 26.53 -16.71 2.44
C TRP A 789 25.04 -17.01 2.37
N LEU A 790 24.25 -16.40 3.24
CA LEU A 790 22.80 -16.60 3.21
C LEU A 790 22.20 -16.07 1.92
N ILE A 791 22.70 -14.92 1.44
CA ILE A 791 22.20 -14.36 0.20
C ILE A 791 22.53 -15.28 -0.98
N GLU A 792 23.77 -15.76 -1.02
CA GLU A 792 24.21 -16.61 -2.12
C GLU A 792 23.47 -17.94 -2.12
N VAL A 793 23.28 -18.54 -0.94
CA VAL A 793 22.55 -19.80 -0.85
C VAL A 793 21.10 -19.60 -1.29
N GLY A 794 20.46 -18.54 -0.82
CA GLY A 794 19.10 -18.22 -1.21
C GLY A 794 18.10 -18.19 -0.07
N LEU A 795 18.51 -18.38 1.19
CA LEU A 795 17.57 -18.27 2.30
C LEU A 795 17.09 -16.84 2.51
N ALA A 796 17.75 -15.86 1.89
CA ALA A 796 17.35 -14.46 1.98
C ALA A 796 17.34 -13.85 0.59
N SER A 797 16.54 -12.80 0.43
CA SER A 797 16.44 -12.11 -0.85
C SER A 797 17.36 -10.91 -0.94
N ASP A 798 17.51 -10.14 0.13
CA ASP A 798 18.43 -9.01 0.17
C ASP A 798 19.13 -9.02 1.52
N ARG A 799 19.85 -7.93 1.82
CA ARG A 799 20.54 -7.84 3.10
C ARG A 799 19.57 -7.74 4.26
N GLY A 800 18.42 -7.11 4.06
CA GLY A 800 17.44 -7.01 5.12
C GLY A 800 16.92 -8.36 5.58
N GLU A 801 16.60 -9.24 4.62
CA GLU A 801 16.15 -10.58 4.99
C GLU A 801 17.24 -11.33 5.74
N ALA A 802 18.49 -11.19 5.30
CA ALA A 802 19.60 -11.87 5.97
C ALA A 802 19.77 -11.38 7.40
N VAL A 803 19.71 -10.07 7.61
CA VAL A 803 19.91 -9.56 8.97
C VAL A 803 18.72 -9.91 9.86
N ILE A 804 17.50 -9.93 9.32
CA ILE A 804 16.35 -10.34 10.13
C ILE A 804 16.45 -11.81 10.48
N TYR A 805 16.88 -12.65 9.54
CA TYR A 805 17.08 -14.06 9.83
C TYR A 805 18.16 -14.26 10.87
N GLY A 806 19.25 -13.49 10.80
CA GLY A 806 20.28 -13.57 11.81
C GLY A 806 19.79 -13.10 13.18
N ASP A 807 18.94 -12.07 13.20
CA ASP A 807 18.34 -11.65 14.46
C ASP A 807 17.49 -12.76 15.06
N ARG A 808 16.70 -13.44 14.23
CA ARG A 808 15.94 -14.59 14.72
C ARG A 808 16.87 -15.69 15.23
N LEU A 809 17.95 -15.96 14.50
CA LEU A 809 18.89 -16.98 14.93
C LEU A 809 19.50 -16.63 16.27
N VAL A 810 19.80 -15.35 16.49
CA VAL A 810 20.32 -14.91 17.78
C VAL A 810 19.28 -15.12 18.87
N GLN A 811 18.03 -14.71 18.60
CA GLN A 811 16.97 -14.90 19.58
C GLN A 811 16.66 -16.37 19.83
N GLY A 812 17.06 -17.25 18.92
CA GLY A 812 16.89 -18.68 19.08
C GLY A 812 18.02 -19.38 19.79
N GLY A 813 18.97 -18.63 20.34
CA GLY A 813 20.08 -19.24 21.06
C GLY A 813 21.02 -20.04 20.20
N VAL A 814 21.40 -19.52 19.03
CA VAL A 814 22.36 -20.16 18.15
C VAL A 814 23.52 -19.22 17.80
N ILE A 815 23.19 -17.99 17.40
CA ILE A 815 24.19 -17.00 16.99
C ILE A 815 24.34 -15.98 18.10
N GLN A 816 25.58 -15.64 18.43
CA GLN A 816 25.86 -14.65 19.46
C GLN A 816 27.26 -14.10 19.22
N HIS A 817 27.51 -12.90 19.75
CA HIS A 817 28.84 -12.31 19.67
C HIS A 817 29.86 -13.18 20.40
N ILE A 818 31.09 -13.19 19.87
CA ILE A 818 32.15 -14.02 20.44
C ILE A 818 32.43 -13.63 21.89
N THR A 819 32.22 -12.36 22.25
CA THR A 819 32.43 -11.89 23.61
C THR A 819 31.14 -11.30 24.19
N ASN A 820 30.02 -11.43 23.48
CA ASN A 820 28.72 -10.92 23.90
C ASN A 820 28.69 -9.40 24.04
N GLU A 821 29.70 -8.73 23.46
CA GLU A 821 29.77 -7.28 23.58
C GLU A 821 28.67 -6.59 22.77
N TYR A 822 28.34 -7.14 21.60
CA TYR A 822 27.32 -6.53 20.75
C TYR A 822 26.29 -7.54 20.27
N GLU A 823 25.44 -7.12 19.32
CA GLU A 823 24.32 -7.91 18.83
C GLU A 823 24.40 -7.95 17.31
N PHE A 824 23.79 -8.98 16.72
CA PHE A 824 23.90 -9.25 15.28
C PHE A 824 23.65 -8.01 14.44
N ARG A 825 24.55 -7.75 13.50
CA ARG A 825 24.41 -6.66 12.55
C ARG A 825 25.28 -6.96 11.35
N ASP A 826 24.98 -6.28 10.23
CA ASP A 826 25.71 -6.48 8.98
C ASP A 826 26.97 -5.60 8.99
N GLU A 827 27.93 -6.03 9.78
CA GLU A 827 29.20 -5.32 9.92
C GLU A 827 30.25 -6.33 10.33
N TYR A 828 31.52 -5.97 10.14
CA TYR A 828 32.62 -6.88 10.43
C TYR A 828 32.77 -7.11 11.93
N LEU A 829 32.14 -8.16 12.45
CA LEU A 829 32.35 -8.59 13.82
C LEU A 829 32.29 -10.11 13.86
N PHE A 830 33.21 -10.74 14.57
CA PHE A 830 33.22 -12.18 14.72
C PHE A 830 32.13 -12.63 15.68
N TYR A 831 31.28 -13.56 15.25
CA TYR A 831 30.22 -14.14 16.08
C TYR A 831 30.45 -15.63 16.26
N ARG A 832 30.55 -16.07 17.52
CA ARG A 832 30.61 -17.48 17.83
C ARG A 832 29.28 -18.15 17.46
N PHE A 833 29.32 -19.49 17.35
CA PHE A 833 28.20 -20.25 16.81
C PHE A 833 27.52 -21.15 17.84
N LEU A 834 27.99 -21.19 19.09
CA LEU A 834 27.52 -22.16 20.07
C LEU A 834 27.60 -23.59 19.55
N GLN A 835 26.45 -24.27 19.49
CA GLN A 835 26.42 -25.68 19.15
C GLN A 835 26.02 -25.89 17.69
N PRO B 34 -37.10 14.70 3.95
CA PRO B 34 -36.09 13.81 3.38
C PRO B 34 -35.82 12.60 4.28
N PRO B 35 -35.32 11.51 3.69
CA PRO B 35 -34.97 10.34 4.51
C PRO B 35 -33.83 10.66 5.47
N SER B 36 -33.81 9.93 6.59
CA SER B 36 -32.75 10.11 7.57
C SER B 36 -31.38 9.76 7.01
N MET B 37 -31.32 8.90 5.99
CA MET B 37 -30.06 8.53 5.36
C MET B 37 -30.23 8.55 3.86
N SER B 38 -29.12 8.77 3.15
CA SER B 38 -29.11 8.71 1.69
C SER B 38 -28.96 7.25 1.28
N ILE B 39 -30.09 6.54 1.28
CA ILE B 39 -30.07 5.10 1.04
C ILE B 39 -29.66 4.78 -0.38
N THR B 40 -29.98 5.65 -1.35
CA THR B 40 -29.67 5.39 -2.74
C THR B 40 -28.16 5.34 -2.99
N ARG B 41 -27.36 5.91 -2.10
CA ARG B 41 -25.91 5.86 -2.21
C ARG B 41 -25.30 4.70 -1.45
N LEU B 42 -26.11 3.86 -0.81
CA LEU B 42 -25.55 2.75 -0.04
C LEU B 42 -24.93 1.69 -0.95
N PHE B 43 -25.65 1.30 -1.99
CA PHE B 43 -25.15 0.21 -2.84
C PHE B 43 -23.82 0.51 -3.50
N PRO B 44 -23.58 1.68 -4.12
CA PRO B 44 -22.24 1.92 -4.69
C PRO B 44 -21.14 1.81 -3.66
N ALA B 45 -21.36 2.33 -2.45
CA ALA B 45 -20.31 2.30 -1.44
C ALA B 45 -19.93 0.87 -1.09
N LEU B 46 -20.93 0.03 -0.78
CA LEU B 46 -20.67 -1.39 -0.61
C LEU B 46 -19.97 -1.94 -1.85
N LEU B 47 -20.46 -1.57 -3.03
CA LEU B 47 -19.86 -2.05 -4.26
C LEU B 47 -18.41 -1.58 -4.37
N GLU B 48 -18.12 -0.37 -3.87
CA GLU B 48 -16.73 0.03 -3.75
C GLU B 48 -15.98 -0.89 -2.79
N CYS B 49 -16.48 -1.01 -1.56
CA CYS B 49 -15.71 -1.68 -0.52
C CYS B 49 -15.43 -3.13 -0.90
N PHE B 50 -16.49 -3.91 -1.07
CA PHE B 50 -16.32 -5.30 -1.47
C PHE B 50 -15.83 -5.43 -2.89
N GLY B 51 -15.82 -4.33 -3.66
CA GLY B 51 -15.08 -4.35 -4.90
C GLY B 51 -13.59 -4.35 -4.65
N ILE B 52 -13.11 -3.42 -3.83
CA ILE B 52 -11.67 -3.32 -3.60
C ILE B 52 -11.16 -4.61 -2.95
N VAL B 53 -11.88 -5.11 -1.95
CA VAL B 53 -11.51 -6.38 -1.32
C VAL B 53 -11.40 -7.46 -2.38
N LEU B 54 -12.38 -7.51 -3.30
CA LEU B 54 -12.33 -8.52 -4.34
C LEU B 54 -11.06 -8.41 -5.15
N CYS B 55 -10.67 -7.18 -5.52
CA CYS B 55 -9.42 -7.00 -6.24
C CYS B 55 -8.29 -7.63 -5.46
N GLY B 56 -8.18 -7.30 -4.18
CA GLY B 56 -7.11 -7.85 -3.38
C GLY B 56 -7.11 -9.37 -3.41
N ALA B 57 -8.30 -9.97 -3.28
CA ALA B 57 -8.36 -11.43 -3.28
C ALA B 57 -7.84 -11.97 -4.61
N ILE B 58 -8.31 -11.42 -5.72
CA ILE B 58 -7.85 -11.95 -7.00
C ILE B 58 -6.42 -11.52 -7.29
N ALA B 59 -5.90 -10.55 -6.53
CA ALA B 59 -4.47 -10.28 -6.58
C ALA B 59 -3.69 -11.35 -5.83
N GLY B 60 -4.20 -11.78 -4.67
CA GLY B 60 -3.48 -12.76 -3.89
C GLY B 60 -3.58 -14.16 -4.47
N ARG B 61 -4.75 -14.52 -4.99
CA ARG B 61 -4.95 -15.87 -5.51
C ARG B 61 -4.16 -16.10 -6.79
N ALA B 62 -4.07 -15.08 -7.65
CA ALA B 62 -3.34 -15.18 -8.89
C ALA B 62 -1.83 -15.00 -8.72
N ASN B 63 -1.34 -15.05 -7.48
CA ASN B 63 0.08 -14.96 -7.15
C ASN B 63 0.70 -13.64 -7.59
N VAL B 64 -0.11 -12.62 -7.85
CA VAL B 64 0.43 -11.30 -8.14
C VAL B 64 1.16 -10.76 -6.91
N ILE B 65 0.54 -10.89 -5.74
CA ILE B 65 1.13 -10.49 -4.46
C ILE B 65 1.00 -11.66 -3.51
N THR B 66 2.13 -12.22 -3.08
CA THR B 66 2.12 -13.31 -2.13
C THR B 66 1.83 -12.77 -0.74
N SER B 67 1.87 -13.65 0.27
CA SER B 67 1.66 -13.21 1.64
C SER B 67 2.86 -12.44 2.16
N THR B 68 4.08 -12.88 1.81
CA THR B 68 5.27 -12.16 2.22
C THR B 68 5.30 -10.76 1.62
N GLN B 69 4.90 -10.63 0.36
CA GLN B 69 4.81 -9.31 -0.24
C GLN B 69 3.61 -8.52 0.29
N ALA B 70 2.57 -9.20 0.77
CA ALA B 70 1.47 -8.50 1.42
C ALA B 70 1.84 -8.01 2.81
N LYS B 71 2.92 -8.53 3.40
CA LYS B 71 3.37 -8.05 4.70
C LYS B 71 3.72 -6.57 4.65
N GLY B 72 4.36 -6.13 3.57
CA GLY B 72 4.71 -4.72 3.45
C GLY B 72 3.49 -3.82 3.40
N LEU B 73 2.48 -4.21 2.62
CA LEU B 73 1.24 -3.45 2.56
C LEU B 73 0.56 -3.43 3.92
N GLY B 74 0.54 -4.57 4.62
CA GLY B 74 -0.04 -4.61 5.94
C GLY B 74 0.66 -3.70 6.92
N ASN B 75 2.00 -3.70 6.91
CA ASN B 75 2.76 -2.81 7.78
C ASN B 75 2.48 -1.35 7.46
N PHE B 76 2.45 -1.00 6.17
CA PHE B 76 2.16 0.37 5.78
C PHE B 76 0.80 0.81 6.30
N VAL B 77 -0.23 0.00 6.06
CA VAL B 77 -1.58 0.41 6.46
C VAL B 77 -1.75 0.42 7.97
N SER B 78 -1.04 -0.46 8.68
CA SER B 78 -1.23 -0.59 10.12
C SER B 78 -0.26 0.24 10.95
N ARG B 79 0.69 0.92 10.32
CA ARG B 79 1.64 1.73 11.08
C ARG B 79 1.70 3.19 10.65
N PHE B 80 1.47 3.50 9.38
CA PHE B 80 1.59 4.87 8.90
C PHE B 80 0.26 5.48 8.45
N ALA B 81 -0.61 4.70 7.83
CA ALA B 81 -1.87 5.26 7.33
C ALA B 81 -2.91 5.38 8.43
N LEU B 82 -3.19 4.28 9.12
CA LEU B 82 -4.21 4.30 10.17
C LEU B 82 -3.85 5.25 11.32
N PRO B 83 -2.61 5.25 11.87
CA PRO B 83 -2.29 6.26 12.89
C PRO B 83 -2.45 7.69 12.40
N ALA B 84 -2.07 7.98 11.16
CA ALA B 84 -2.26 9.33 10.63
C ALA B 84 -3.73 9.68 10.53
N LEU B 85 -4.56 8.73 10.11
CA LEU B 85 -5.99 8.97 10.03
C LEU B 85 -6.57 9.26 11.40
N LEU B 86 -6.16 8.48 12.41
CA LEU B 86 -6.67 8.70 13.76
C LEU B 86 -6.25 10.06 14.30
N PHE B 87 -4.96 10.39 14.14
CA PHE B 87 -4.45 11.65 14.65
C PHE B 87 -5.14 12.84 13.99
N LYS B 88 -5.27 12.79 12.66
CA LYS B 88 -5.91 13.89 11.95
C LYS B 88 -7.40 14.00 12.30
N ASN B 89 -8.07 12.88 12.47
CA ASN B 89 -9.50 12.90 12.75
C ASN B 89 -9.82 13.14 14.22
N MET B 90 -8.82 13.20 15.09
CA MET B 90 -9.07 13.60 16.48
C MET B 90 -8.50 14.95 16.87
N VAL B 91 -7.41 15.41 16.24
CA VAL B 91 -6.92 16.74 16.55
C VAL B 91 -7.99 17.78 16.25
N VAL B 92 -8.74 17.60 15.15
CA VAL B 92 -9.80 18.52 14.80
C VAL B 92 -11.12 18.21 15.50
N LEU B 93 -11.21 17.06 16.17
CA LEU B 93 -12.47 16.66 16.78
C LEU B 93 -12.84 17.57 17.95
N ASN B 94 -14.13 17.90 18.04
CA ASN B 94 -14.64 18.79 19.07
C ASN B 94 -15.33 17.95 20.15
N PHE B 95 -14.66 17.77 21.28
CA PHE B 95 -15.25 17.03 22.40
C PHE B 95 -16.32 17.83 23.12
N SER B 96 -16.47 19.12 22.82
CA SER B 96 -17.46 19.94 23.52
C SER B 96 -18.88 19.61 23.06
N ASN B 97 -19.04 19.14 21.82
CA ASN B 97 -20.35 18.85 21.25
C ASN B 97 -20.35 17.41 20.74
N VAL B 98 -20.61 16.47 21.63
CA VAL B 98 -20.74 15.06 21.30
C VAL B 98 -21.95 14.50 22.05
N ASP B 99 -22.73 13.66 21.37
CA ASP B 99 -23.85 12.98 22.01
C ASP B 99 -23.29 11.76 22.75
N TRP B 100 -22.92 11.98 24.01
CA TRP B 100 -22.26 10.94 24.79
C TRP B 100 -23.19 9.75 25.06
N SER B 101 -24.50 9.94 25.00
CA SER B 101 -25.43 8.84 25.24
C SER B 101 -25.26 7.75 24.18
N PHE B 102 -24.97 8.15 22.94
CA PHE B 102 -24.75 7.16 21.89
C PHE B 102 -23.56 6.27 22.20
N LEU B 103 -22.44 6.88 22.61
CA LEU B 103 -21.27 6.09 22.97
C LEU B 103 -21.56 5.22 24.19
N TYR B 104 -22.27 5.77 25.18
CA TYR B 104 -22.60 4.98 26.35
C TYR B 104 -23.42 3.75 25.96
N SER B 105 -24.41 3.94 25.09
CA SER B 105 -25.26 2.83 24.67
C SER B 105 -24.46 1.77 23.92
N ILE B 106 -23.61 2.18 22.99
CA ILE B 106 -22.86 1.20 22.21
C ILE B 106 -21.87 0.45 23.09
N LEU B 107 -21.19 1.16 24.00
CA LEU B 107 -20.28 0.49 24.92
C LEU B 107 -21.01 -0.46 25.84
N ILE B 108 -22.21 -0.08 26.30
CA ILE B 108 -22.99 -0.98 27.15
C ILE B 108 -23.37 -2.24 26.39
N ALA B 109 -23.80 -2.08 25.13
CA ALA B 109 -24.19 -3.24 24.33
C ALA B 109 -23.00 -4.16 24.07
N LYS B 110 -21.85 -3.58 23.72
CA LYS B 110 -20.65 -4.39 23.49
C LYS B 110 -20.22 -5.10 24.77
N ALA B 111 -20.26 -4.43 25.90
CA ALA B 111 -19.89 -5.06 27.17
C ALA B 111 -20.85 -6.17 27.52
N SER B 112 -22.15 -5.97 27.27
CA SER B 112 -23.13 -7.02 27.55
C SER B 112 -22.89 -8.24 26.68
N VAL B 113 -22.61 -8.04 25.39
CA VAL B 113 -22.33 -9.18 24.52
C VAL B 113 -21.06 -9.89 24.98
N PHE B 114 -20.03 -9.11 25.33
CA PHE B 114 -18.79 -9.69 25.84
C PHE B 114 -19.05 -10.55 27.06
N PHE B 115 -19.79 -10.01 28.03
CA PHE B 115 -20.05 -10.75 29.27
C PHE B 115 -20.87 -12.01 29.00
N ILE B 116 -21.90 -11.91 28.16
CA ILE B 116 -22.75 -13.06 27.88
C ILE B 116 -21.94 -14.16 27.20
N VAL B 117 -21.19 -13.81 26.16
CA VAL B 117 -20.41 -14.81 25.44
C VAL B 117 -19.35 -15.41 26.35
N CYS B 118 -18.67 -14.58 27.14
CA CYS B 118 -17.60 -15.07 28.00
C CYS B 118 -18.14 -16.03 29.05
N VAL B 119 -19.24 -15.67 29.71
CA VAL B 119 -19.79 -16.57 30.72
C VAL B 119 -20.33 -17.83 30.07
N LEU B 120 -20.89 -17.74 28.86
CA LEU B 120 -21.39 -18.93 28.19
C LEU B 120 -20.27 -19.91 27.86
N THR B 121 -19.14 -19.41 27.33
CA THR B 121 -18.05 -20.33 27.06
C THR B 121 -17.33 -20.76 28.32
N LEU B 122 -17.44 -19.98 29.41
CA LEU B 122 -16.91 -20.43 30.69
C LEU B 122 -17.70 -21.62 31.21
N LEU B 123 -19.03 -21.57 31.10
CA LEU B 123 -19.85 -22.66 31.60
C LEU B 123 -19.68 -23.93 30.78
N VAL B 124 -19.77 -23.82 29.45
CA VAL B 124 -19.72 -24.97 28.55
C VAL B 124 -18.58 -24.78 27.57
N ALA B 125 -17.51 -25.55 27.76
CA ALA B 125 -16.36 -25.61 26.86
C ALA B 125 -15.41 -26.67 27.41
N SER B 126 -14.37 -26.97 26.65
CA SER B 126 -13.35 -27.89 27.12
C SER B 126 -12.57 -27.24 28.26
N PRO B 127 -12.47 -27.88 29.42
CA PRO B 127 -11.74 -27.26 30.53
C PRO B 127 -10.28 -27.00 30.23
N ASP B 128 -9.67 -27.77 29.32
CA ASP B 128 -8.27 -27.55 28.98
C ASP B 128 -8.07 -26.20 28.31
N SER B 129 -8.99 -25.80 27.43
CA SER B 129 -8.87 -24.56 26.68
C SER B 129 -10.07 -23.65 26.90
N ARG B 130 -10.71 -23.74 28.06
CA ARG B 130 -11.86 -22.88 28.35
C ARG B 130 -11.46 -21.42 28.38
N PHE B 131 -10.29 -21.13 28.96
CA PHE B 131 -9.82 -19.75 29.01
C PHE B 131 -9.48 -19.22 27.63
N SER B 132 -8.94 -20.07 26.76
CA SER B 132 -8.68 -19.64 25.38
C SER B 132 -9.98 -19.31 24.66
N LYS B 133 -10.98 -20.17 24.77
CA LYS B 133 -12.28 -19.90 24.16
C LYS B 133 -13.03 -18.76 24.83
N ALA B 134 -12.62 -18.36 26.03
CA ALA B 134 -13.25 -17.25 26.72
C ALA B 134 -12.52 -15.93 26.56
N GLY B 135 -11.27 -15.95 26.11
CA GLY B 135 -10.50 -14.75 25.88
C GLY B 135 -10.39 -14.31 24.44
N LEU B 136 -10.92 -15.09 23.51
CA LEU B 136 -10.89 -14.75 22.09
C LEU B 136 -12.29 -14.66 21.48
N PHE B 137 -13.21 -15.52 21.90
CA PHE B 137 -14.57 -15.43 21.40
C PHE B 137 -15.24 -14.11 21.73
N PRO B 138 -15.21 -13.60 22.98
CA PRO B 138 -15.85 -12.30 23.24
C PRO B 138 -15.26 -11.16 22.45
N ILE B 139 -13.95 -11.16 22.21
CA ILE B 139 -13.36 -10.11 21.37
C ILE B 139 -13.56 -10.36 19.90
N PHE B 140 -13.99 -11.57 19.53
CA PHE B 140 -14.43 -11.81 18.17
C PHE B 140 -15.84 -11.28 17.92
N ALA B 141 -16.67 -11.26 18.95
CA ALA B 141 -18.07 -10.87 18.82
C ALA B 141 -18.35 -9.47 19.31
N THR B 142 -17.32 -8.67 19.58
CA THR B 142 -17.53 -7.31 20.05
C THR B 142 -16.84 -6.25 19.20
N GLN B 143 -15.68 -6.55 18.61
CA GLN B 143 -15.01 -5.58 17.78
C GLN B 143 -15.65 -5.52 16.39
N SER B 144 -15.31 -4.48 15.64
CA SER B 144 -15.90 -4.27 14.32
C SER B 144 -14.86 -3.67 13.39
N ASN B 145 -15.00 -3.99 12.10
CA ASN B 145 -14.15 -3.40 11.05
C ASN B 145 -14.75 -2.07 10.61
N ASP B 146 -14.73 -1.13 11.54
CA ASP B 146 -15.36 0.17 11.31
C ASP B 146 -14.41 1.18 10.67
N PHE B 147 -13.11 1.10 10.95
CA PHE B 147 -12.17 2.07 10.39
C PHE B 147 -12.09 1.96 8.87
N ALA B 148 -12.03 0.73 8.35
CA ALA B 148 -11.83 0.49 6.94
C ALA B 148 -13.11 0.07 6.22
N LEU B 149 -13.90 -0.82 6.82
CA LEU B 149 -15.08 -1.37 6.17
C LEU B 149 -16.38 -0.78 6.69
N GLY B 150 -16.31 0.13 7.66
CA GLY B 150 -17.53 0.75 8.15
C GLY B 150 -17.56 2.24 7.88
N TYR B 151 -16.39 2.88 7.88
CA TYR B 151 -16.33 4.32 7.62
C TYR B 151 -16.84 4.68 6.22
N PRO B 152 -16.46 3.99 5.14
CA PRO B 152 -17.01 4.39 3.83
C PRO B 152 -18.52 4.33 3.77
N ILE B 153 -19.13 3.33 4.41
CA ILE B 153 -20.58 3.18 4.34
C ILE B 153 -21.27 4.29 5.13
N VAL B 154 -20.77 4.60 6.32
CA VAL B 154 -21.35 5.69 7.11
C VAL B 154 -21.16 7.01 6.40
N GLU B 155 -20.01 7.20 5.75
CA GLU B 155 -19.79 8.41 4.97
C GLU B 155 -20.76 8.51 3.80
N ALA B 156 -21.05 7.38 3.15
CA ALA B 156 -21.98 7.41 2.04
C ALA B 156 -23.41 7.64 2.52
N LEU B 157 -23.73 7.21 3.73
CA LEU B 157 -25.10 7.32 4.24
C LEU B 157 -25.34 8.60 5.02
N TYR B 158 -24.43 8.99 5.91
CA TYR B 158 -24.67 10.11 6.81
C TYR B 158 -23.65 11.23 6.66
N GLN B 159 -23.35 11.65 5.43
CA GLN B 159 -22.50 12.81 5.23
C GLN B 159 -23.27 14.07 4.89
N THR B 160 -24.26 13.97 4.02
CA THR B 160 -25.06 15.13 3.62
C THR B 160 -26.35 15.26 4.41
N THR B 161 -26.59 14.38 5.38
CA THR B 161 -27.77 14.47 6.24
C THR B 161 -27.42 14.69 7.70
N TYR B 162 -26.59 13.83 8.28
CA TYR B 162 -26.17 13.93 9.67
C TYR B 162 -24.66 13.75 9.74
N PRO B 163 -23.89 14.77 9.36
CA PRO B 163 -22.42 14.61 9.32
C PRO B 163 -21.81 14.30 10.69
N GLU B 164 -22.44 14.74 11.77
CA GLU B 164 -21.89 14.49 13.10
C GLU B 164 -21.81 13.01 13.41
N TYR B 165 -22.53 12.17 12.66
CA TYR B 165 -22.47 10.73 12.85
C TYR B 165 -21.14 10.14 12.41
N LEU B 166 -20.29 10.90 11.70
CA LEU B 166 -19.00 10.36 11.28
C LEU B 166 -17.96 10.39 12.38
N GLN B 167 -18.21 11.10 13.48
CA GLN B 167 -17.24 11.14 14.57
C GLN B 167 -17.23 9.86 15.40
N TYR B 168 -18.39 9.23 15.56
CA TYR B 168 -18.51 8.11 16.49
C TYR B 168 -17.74 6.88 16.05
N ILE B 169 -17.41 6.77 14.76
CA ILE B 169 -16.60 5.65 14.31
C ILE B 169 -15.23 5.69 14.97
N TYR B 170 -14.65 6.88 15.08
CA TYR B 170 -13.34 7.04 15.70
C TYR B 170 -13.40 7.12 17.21
N LEU B 171 -14.59 7.23 17.80
CA LEU B 171 -14.73 7.28 19.24
C LEU B 171 -15.07 5.94 19.85
N VAL B 172 -16.03 5.22 19.27
CA VAL B 172 -16.50 3.97 19.87
C VAL B 172 -15.45 2.88 19.74
N ALA B 173 -14.84 2.76 18.56
CA ALA B 173 -13.92 1.64 18.32
C ALA B 173 -12.69 1.67 19.23
N PRO B 174 -11.94 2.78 19.35
CA PRO B 174 -10.80 2.76 20.28
C PRO B 174 -11.22 2.58 21.73
N ILE B 175 -12.33 3.16 22.14
CA ILE B 175 -12.79 2.99 23.52
C ILE B 175 -13.13 1.53 23.79
N SER B 176 -13.87 0.90 22.89
CA SER B 176 -14.19 -0.52 23.05
C SER B 176 -12.93 -1.38 22.98
N LEU B 177 -11.91 -0.91 22.26
CA LEU B 177 -10.63 -1.60 22.25
C LEU B 177 -9.93 -1.51 23.60
N MET B 178 -10.02 -0.35 24.26
CA MET B 178 -9.35 -0.13 25.53
C MET B 178 -10.14 -0.62 26.74
N MET B 179 -11.42 -0.96 26.59
CA MET B 179 -12.22 -1.42 27.72
C MET B 179 -12.69 -2.86 27.60
N LEU B 180 -12.45 -3.54 26.49
CA LEU B 180 -12.85 -4.94 26.35
C LEU B 180 -11.67 -5.87 26.09
N ASN B 181 -10.81 -5.52 25.13
CA ASN B 181 -9.66 -6.37 24.86
C ASN B 181 -8.69 -6.53 26.02
N PRO B 182 -8.57 -5.59 26.98
CA PRO B 182 -7.80 -5.93 28.19
C PRO B 182 -8.32 -7.16 28.91
N ILE B 183 -9.64 -7.31 29.03
CA ILE B 183 -10.19 -8.50 29.68
C ILE B 183 -9.90 -9.75 28.86
N GLY B 184 -10.08 -9.67 27.54
CA GLY B 184 -9.75 -10.81 26.69
C GLY B 184 -8.30 -11.23 26.83
N PHE B 185 -7.39 -10.27 26.78
CA PHE B 185 -5.97 -10.59 26.90
C PHE B 185 -5.62 -11.10 28.28
N ILE B 186 -6.31 -10.61 29.32
CA ILE B 186 -6.13 -11.20 30.65
C ILE B 186 -6.50 -12.67 30.62
N PHE B 187 -7.60 -13.01 29.94
CA PHE B 187 -7.99 -14.41 29.84
C PHE B 187 -6.97 -15.22 29.04
N CYS B 188 -6.44 -14.67 27.95
CA CYS B 188 -5.42 -15.40 27.19
C CYS B 188 -4.16 -15.61 28.02
N GLU B 189 -3.76 -14.62 28.81
CA GLU B 189 -2.59 -14.81 29.68
C GLU B 189 -2.89 -15.81 30.78
N ILE B 190 -4.13 -15.87 31.25
CA ILE B 190 -4.50 -16.92 32.21
C ILE B 190 -4.35 -18.29 31.56
N GLN B 191 -4.78 -18.42 30.32
CA GLN B 191 -4.60 -19.68 29.60
C GLN B 191 -3.13 -20.00 29.41
N LYS B 192 -2.31 -18.99 29.13
CA LYS B 192 -0.88 -19.20 29.00
C LYS B 192 -0.26 -19.68 30.30
N TRP B 193 -0.70 -19.09 31.42
CA TRP B 193 -0.27 -19.58 32.73
C TRP B 193 -0.68 -21.03 32.93
N LYS B 194 -1.91 -21.38 32.52
CA LYS B 194 -2.33 -22.77 32.59
C LYS B 194 -1.46 -23.67 31.74
N ASP B 195 -0.95 -23.14 30.62
CA ASP B 195 -0.06 -23.92 29.76
C ASP B 195 1.25 -24.25 30.46
N THR B 196 1.81 -23.28 31.17
CA THR B 196 3.05 -23.46 31.93
C THR B 196 2.73 -23.12 33.38
N GLN B 197 2.26 -24.11 34.12
CA GLN B 197 1.82 -23.88 35.49
C GLN B 197 3.02 -23.70 36.41
N ASN B 198 2.97 -22.68 37.27
CA ASN B 198 4.02 -22.39 38.22
C ASN B 198 3.39 -21.97 39.54
N ALA B 199 4.24 -21.83 40.55
CA ALA B 199 3.78 -21.42 41.89
C ALA B 199 3.83 -19.90 42.05
N SER B 200 3.21 -19.18 41.11
CA SER B 200 3.14 -17.72 41.14
C SER B 200 1.68 -17.33 40.99
N GLN B 201 0.97 -17.30 42.12
CA GLN B 201 -0.45 -16.96 42.13
C GLN B 201 -0.71 -15.49 41.81
N ASN B 202 0.34 -14.67 41.78
CA ASN B 202 0.16 -13.23 41.59
C ASN B 202 -0.49 -12.95 40.23
N LYS B 203 -1.53 -12.12 40.24
CA LYS B 203 -2.19 -11.68 39.02
C LYS B 203 -1.67 -10.35 38.52
N ILE B 204 -0.75 -9.71 39.25
CA ILE B 204 -0.23 -8.42 38.83
C ILE B 204 0.54 -8.55 37.51
N LYS B 205 1.36 -9.60 37.38
CA LYS B 205 2.10 -9.81 36.14
C LYS B 205 1.16 -10.04 34.97
N ILE B 206 0.11 -10.84 35.17
CA ILE B 206 -0.82 -11.16 34.08
C ILE B 206 -1.56 -9.92 33.62
N VAL B 207 -2.10 -9.16 34.57
CA VAL B 207 -2.85 -7.95 34.23
C VAL B 207 -1.92 -6.92 33.59
N GLY B 208 -0.68 -6.82 34.09
CA GLY B 208 0.28 -5.92 33.48
C GLY B 208 0.62 -6.31 32.06
N LEU B 209 0.79 -7.60 31.80
CA LEU B 209 1.04 -8.05 30.43
C LEU B 209 -0.15 -7.75 29.52
N GLY B 210 -1.36 -7.93 30.04
CA GLY B 210 -2.55 -7.62 29.24
C GLY B 210 -2.64 -6.14 28.89
N LEU B 211 -2.41 -5.28 29.90
CA LEU B 211 -2.45 -3.84 29.64
C LEU B 211 -1.32 -3.39 28.73
N LEU B 212 -0.15 -4.04 28.83
CA LEU B 212 0.93 -3.73 27.90
C LEU B 212 0.57 -4.15 26.48
N ARG B 213 -0.08 -5.31 26.33
CA ARG B 213 -0.47 -5.77 25.01
C ARG B 213 -1.49 -4.84 24.37
N VAL B 214 -2.49 -4.39 25.13
CA VAL B 214 -3.45 -3.46 24.54
C VAL B 214 -2.80 -2.10 24.29
N LEU B 215 -1.90 -1.68 25.17
CA LEU B 215 -1.26 -0.38 25.05
C LEU B 215 -0.21 -0.33 23.94
N GLN B 216 0.22 -1.46 23.41
CA GLN B 216 1.14 -1.48 22.29
C GLN B 216 0.43 -1.42 20.95
N ASN B 217 -0.90 -1.37 20.95
CA ASN B 217 -1.67 -1.24 19.72
C ASN B 217 -1.62 0.21 19.25
N PRO B 218 -1.30 0.47 17.98
CA PRO B 218 -1.29 1.87 17.51
C PRO B 218 -2.62 2.58 17.70
N ILE B 219 -3.73 1.85 17.59
CA ILE B 219 -5.05 2.44 17.74
C ILE B 219 -5.28 3.04 19.12
N VAL B 220 -4.49 2.64 20.11
CA VAL B 220 -4.69 3.14 21.46
C VAL B 220 -3.85 4.37 21.71
N PHE B 221 -2.53 4.24 21.60
CA PHE B 221 -1.70 5.39 21.91
C PHE B 221 -1.81 6.49 20.87
N MET B 222 -2.20 6.15 19.64
CA MET B 222 -2.45 7.22 18.66
C MET B 222 -3.66 8.06 19.04
N VAL B 223 -4.73 7.43 19.51
CA VAL B 223 -5.87 8.24 19.93
C VAL B 223 -5.54 9.00 21.21
N PHE B 224 -4.69 8.43 22.07
CA PHE B 224 -4.25 9.18 23.25
C PHE B 224 -3.47 10.43 22.85
N ILE B 225 -2.54 10.28 21.90
CA ILE B 225 -1.76 11.42 21.43
C ILE B 225 -2.65 12.42 20.72
N GLY B 226 -3.63 11.95 19.97
CA GLY B 226 -4.55 12.86 19.30
C GLY B 226 -5.37 13.67 20.27
N ILE B 227 -5.85 13.04 21.35
CA ILE B 227 -6.57 13.77 22.39
C ILE B 227 -5.66 14.78 23.06
N ALA B 228 -4.41 14.38 23.36
CA ALA B 228 -3.48 15.30 23.99
C ALA B 228 -3.21 16.52 23.12
N PHE B 229 -3.04 16.30 21.81
CA PHE B 229 -2.79 17.43 20.91
C PHE B 229 -4.03 18.25 20.67
N ASN B 230 -5.22 17.64 20.74
CA ASN B 230 -6.45 18.41 20.68
C ASN B 230 -6.54 19.34 21.87
N PHE B 231 -6.10 18.87 23.04
CA PHE B 231 -6.09 19.74 24.22
C PHE B 231 -5.01 20.81 24.11
N ILE B 232 -3.85 20.47 23.54
CA ILE B 232 -2.79 21.45 23.38
C ILE B 232 -3.22 22.55 22.41
N LEU B 233 -3.78 22.17 21.27
CA LEU B 233 -4.21 23.11 20.26
C LEU B 233 -5.67 23.50 20.51
N ASP B 234 -6.28 24.16 19.53
CA ASP B 234 -7.68 24.56 19.58
C ASP B 234 -8.42 24.04 18.35
N ARG B 235 -8.23 22.75 18.05
CA ARG B 235 -8.82 22.11 16.89
C ARG B 235 -8.42 22.81 15.60
N LYS B 236 -7.16 23.21 15.50
CA LYS B 236 -6.58 23.83 14.31
C LYS B 236 -5.27 23.12 14.03
N VAL B 237 -5.31 22.06 13.22
CA VAL B 237 -4.09 21.34 12.86
C VAL B 237 -3.19 22.27 12.05
N PRO B 238 -1.90 22.35 12.35
CA PRO B 238 -1.03 23.30 11.63
C PRO B 238 -1.01 23.03 10.13
N VAL B 239 -0.92 24.11 9.36
CA VAL B 239 -0.91 24.00 7.91
C VAL B 239 0.30 23.26 7.39
N TYR B 240 1.40 23.24 8.15
CA TYR B 240 2.57 22.49 7.74
C TYR B 240 2.29 20.99 7.69
N VAL B 241 1.57 20.48 8.69
CA VAL B 241 1.29 19.05 8.78
C VAL B 241 -0.07 18.67 8.22
N GLU B 242 -0.93 19.64 7.89
CA GLU B 242 -2.27 19.31 7.41
C GLU B 242 -2.21 18.52 6.11
N ASN B 243 -1.39 18.98 5.16
CA ASN B 243 -1.31 18.28 3.88
C ASN B 243 -0.66 16.91 4.02
N PHE B 244 0.35 16.81 4.88
CA PHE B 244 0.98 15.51 5.11
C PHE B 244 -0.01 14.52 5.71
N LEU B 245 -0.77 14.96 6.71
CA LEU B 245 -1.76 14.08 7.33
C LEU B 245 -2.86 13.69 6.36
N ASP B 246 -3.34 14.64 5.55
CA ASP B 246 -4.36 14.31 4.56
C ASP B 246 -3.82 13.32 3.53
N GLY B 247 -2.58 13.50 3.08
CA GLY B 247 -2.02 12.60 2.10
C GLY B 247 -1.79 11.21 2.65
N LEU B 248 -1.35 11.10 3.90
CA LEU B 248 -1.08 9.81 4.51
C LEU B 248 -2.31 9.16 5.11
N GLY B 249 -3.42 9.88 5.21
CA GLY B 249 -4.64 9.31 5.77
C GLY B 249 -5.67 8.98 4.72
N ASN B 250 -5.64 9.69 3.59
CA ASN B 250 -6.55 9.38 2.50
C ASN B 250 -6.24 8.03 1.87
N SER B 251 -5.02 7.54 2.03
CA SER B 251 -4.60 6.26 1.43
C SER B 251 -4.78 5.09 2.38
N PHE B 252 -5.76 5.17 3.29
CA PHE B 252 -6.07 4.06 4.18
C PHE B 252 -7.28 3.26 3.74
N SER B 253 -8.41 3.93 3.47
CA SER B 253 -9.61 3.22 3.09
C SER B 253 -9.41 2.42 1.80
N GLY B 254 -8.73 3.01 0.82
CA GLY B 254 -8.43 2.28 -0.40
C GLY B 254 -7.46 1.14 -0.19
N SER B 255 -6.50 1.30 0.73
CA SER B 255 -5.45 0.31 0.90
C SER B 255 -5.76 -0.74 1.95
N ALA B 256 -6.49 -0.37 3.01
CA ALA B 256 -6.83 -1.36 4.04
C ALA B 256 -7.74 -2.44 3.49
N LEU B 257 -8.70 -2.06 2.63
CA LEU B 257 -9.57 -3.05 2.00
C LEU B 257 -8.78 -3.98 1.09
N PHE B 258 -7.82 -3.43 0.34
CA PHE B 258 -6.99 -4.26 -0.51
C PHE B 258 -6.16 -5.23 0.33
N TYR B 259 -5.61 -4.77 1.45
CA TYR B 259 -4.86 -5.67 2.32
C TYR B 259 -5.76 -6.75 2.91
N LEU B 260 -6.99 -6.39 3.26
CA LEU B 260 -7.94 -7.38 3.76
C LEU B 260 -8.22 -8.44 2.71
N GLY B 261 -8.45 -8.03 1.46
CA GLY B 261 -8.63 -8.99 0.39
C GLY B 261 -7.39 -9.86 0.19
N LEU B 262 -6.21 -9.27 0.31
CA LEU B 262 -4.98 -10.04 0.16
C LEU B 262 -4.86 -11.10 1.24
N THR B 263 -5.18 -10.74 2.49
CA THR B 263 -5.07 -11.68 3.60
C THR B 263 -6.28 -12.60 3.69
N MET B 264 -7.27 -12.43 2.83
CA MET B 264 -8.44 -13.30 2.79
C MET B 264 -8.23 -14.56 1.98
N VAL B 265 -7.06 -14.73 1.36
CA VAL B 265 -6.83 -15.82 0.42
C VAL B 265 -6.24 -17.00 1.18
N GLY B 266 -6.98 -18.11 1.22
CA GLY B 266 -6.50 -19.34 1.84
C GLY B 266 -6.78 -19.46 3.32
N LYS B 267 -7.30 -18.42 3.96
CA LYS B 267 -7.56 -18.47 5.39
C LYS B 267 -8.83 -19.24 5.73
N ILE B 268 -9.66 -19.57 4.75
CA ILE B 268 -10.88 -20.35 4.99
C ILE B 268 -10.55 -21.82 4.79
N LYS B 269 -10.93 -22.64 5.78
CA LYS B 269 -10.61 -24.06 5.78
C LYS B 269 -11.85 -24.84 6.18
N ARG B 270 -12.01 -26.03 5.59
CA ARG B 270 -13.11 -26.90 5.95
C ARG B 270 -13.03 -27.25 7.43
N LEU B 271 -14.16 -27.15 8.12
CA LEU B 271 -14.21 -27.26 9.57
C LEU B 271 -15.06 -28.44 10.00
N LYS B 272 -14.75 -28.98 11.17
CA LYS B 272 -15.54 -30.05 11.77
C LYS B 272 -16.91 -29.49 12.21
N LYS B 273 -17.90 -30.38 12.29
CA LYS B 273 -19.28 -29.96 12.52
C LYS B 273 -19.40 -29.16 13.81
N SER B 274 -18.66 -29.53 14.85
CA SER B 274 -18.66 -28.72 16.07
C SER B 274 -18.11 -27.33 15.81
N ALA B 275 -17.02 -27.24 15.03
CA ALA B 275 -16.52 -25.94 14.62
C ALA B 275 -17.56 -25.21 13.77
N PHE B 276 -18.30 -25.95 12.96
CA PHE B 276 -19.36 -25.33 12.15
C PHE B 276 -20.41 -24.68 13.03
N VAL B 277 -20.86 -25.38 14.07
CA VAL B 277 -21.94 -24.83 14.90
C VAL B 277 -21.42 -23.69 15.77
N VAL B 278 -20.17 -23.78 16.26
CA VAL B 278 -19.66 -22.65 17.03
C VAL B 278 -19.45 -21.44 16.12
N LEU B 279 -19.07 -21.66 14.86
CA LEU B 279 -18.97 -20.55 13.93
C LEU B 279 -20.33 -19.94 13.65
N ILE B 280 -21.35 -20.77 13.47
CA ILE B 280 -22.72 -20.26 13.31
C ILE B 280 -23.09 -19.37 14.49
N LEU B 281 -22.83 -19.85 15.71
CA LEU B 281 -23.18 -19.09 16.90
C LEU B 281 -22.39 -17.78 16.96
N LEU B 282 -21.11 -17.81 16.60
CA LEU B 282 -20.29 -16.60 16.72
C LEU B 282 -20.71 -15.56 15.69
N ILE B 283 -20.92 -15.97 14.44
CA ILE B 283 -21.37 -15.02 13.41
C ILE B 283 -22.73 -14.46 13.76
N THR B 284 -23.63 -15.30 14.30
CA THR B 284 -24.93 -14.81 14.73
C THR B 284 -24.78 -13.80 15.87
N ALA B 285 -23.93 -14.10 16.85
CA ALA B 285 -23.68 -13.16 17.94
C ALA B 285 -23.00 -11.90 17.47
N LYS B 286 -22.41 -11.90 16.29
CA LYS B 286 -21.82 -10.68 15.75
C LYS B 286 -22.79 -9.84 14.93
N LEU B 287 -23.67 -10.45 14.14
CA LEU B 287 -24.58 -9.67 13.30
C LEU B 287 -26.07 -9.87 13.59
N LEU B 288 -26.43 -10.60 14.64
CA LEU B 288 -27.81 -10.67 15.09
C LEU B 288 -28.00 -10.12 16.51
N VAL B 289 -27.16 -10.54 17.45
CA VAL B 289 -27.35 -10.14 18.84
C VAL B 289 -26.86 -8.71 19.05
N LEU B 290 -25.64 -8.41 18.59
CA LEU B 290 -25.05 -7.11 18.87
C LEU B 290 -25.83 -5.94 18.29
N PRO B 291 -26.22 -5.93 17.00
CA PRO B 291 -26.98 -4.77 16.51
C PRO B 291 -28.32 -4.58 17.20
N LEU B 292 -29.02 -5.67 17.52
CA LEU B 292 -30.27 -5.56 18.26
C LEU B 292 -30.05 -4.97 19.64
N LEU B 293 -28.99 -5.44 20.33
CA LEU B 293 -28.68 -4.90 21.64
C LEU B 293 -28.35 -3.41 21.56
N CYS B 294 -27.56 -3.01 20.56
CA CYS B 294 -27.22 -1.61 20.41
C CYS B 294 -28.46 -0.75 20.16
N ARG B 295 -29.34 -1.21 19.27
CA ARG B 295 -30.55 -0.44 18.98
C ARG B 295 -31.44 -0.32 20.21
N GLU B 296 -31.63 -1.42 20.94
CA GLU B 296 -32.44 -1.39 22.15
C GLU B 296 -31.84 -0.44 23.19
N MET B 297 -30.53 -0.50 23.37
CA MET B 297 -29.91 0.32 24.40
C MET B 297 -29.97 1.79 24.01
N VAL B 298 -29.88 2.09 22.71
CA VAL B 298 -30.00 3.47 22.25
C VAL B 298 -31.42 3.98 22.45
N GLU B 299 -32.43 3.17 22.12
CA GLU B 299 -33.79 3.63 22.41
C GLU B 299 -34.15 3.48 23.88
N LEU B 300 -33.19 3.08 24.70
CA LEU B 300 -33.34 3.12 26.15
C LEU B 300 -32.70 4.36 26.79
N LEU B 301 -31.55 4.81 26.30
CA LEU B 301 -30.85 5.93 26.93
C LEU B 301 -30.93 7.25 26.18
N ASP B 302 -31.51 7.29 24.98
CA ASP B 302 -31.54 8.53 24.23
C ASP B 302 -32.67 9.42 24.73
N LYS B 303 -32.33 10.66 25.08
CA LYS B 303 -33.30 11.66 25.55
C LYS B 303 -33.57 12.73 24.50
N GLY B 304 -33.27 12.46 23.24
CA GLY B 304 -33.49 13.43 22.19
C GLY B 304 -34.94 13.86 22.04
N ASP B 305 -35.18 15.17 22.04
CA ASP B 305 -36.55 15.67 21.91
C ASP B 305 -37.15 15.34 20.54
N SER B 306 -36.35 15.50 19.49
CA SER B 306 -36.85 15.23 18.15
C SER B 306 -37.01 13.73 17.93
N VAL B 307 -38.22 13.32 17.53
CA VAL B 307 -38.46 11.90 17.28
C VAL B 307 -37.68 11.44 16.05
N VAL B 308 -37.58 12.29 15.03
CA VAL B 308 -36.84 11.91 13.83
C VAL B 308 -35.37 11.70 14.15
N ASN B 309 -34.78 12.60 14.95
CA ASN B 309 -33.38 12.45 15.32
C ASN B 309 -33.16 11.17 16.13
N HIS B 310 -34.06 10.86 17.06
CA HIS B 310 -33.93 9.64 17.84
C HIS B 310 -34.04 8.40 16.96
N THR B 311 -34.99 8.41 16.01
CA THR B 311 -35.13 7.28 15.11
C THR B 311 -33.89 7.09 14.25
N SER B 312 -33.34 8.21 13.74
CA SER B 312 -32.13 8.12 12.93
C SER B 312 -30.95 7.62 13.76
N LEU B 313 -30.85 8.06 15.01
CA LEU B 313 -29.77 7.60 15.87
C LEU B 313 -29.90 6.11 16.16
N SER B 314 -31.12 5.63 16.40
CA SER B 314 -31.31 4.18 16.61
C SER B 314 -30.97 3.41 15.35
N ASN B 315 -31.34 3.94 14.17
CA ASN B 315 -30.97 3.28 12.93
C ASN B 315 -29.46 3.23 12.75
N TYR B 316 -28.76 4.31 13.11
CA TYR B 316 -27.30 4.31 13.07
C TYR B 316 -26.73 3.28 14.02
N ALA B 317 -27.28 3.17 15.22
CA ALA B 317 -26.80 2.20 16.18
C ALA B 317 -26.98 0.77 15.65
N PHE B 318 -28.12 0.50 15.03
CA PHE B 318 -28.33 -0.81 14.43
C PHE B 318 -27.32 -1.06 13.31
N LEU B 319 -27.16 -0.10 12.41
CA LEU B 319 -26.27 -0.27 11.27
C LEU B 319 -24.80 -0.29 11.65
N TYR B 320 -24.45 0.05 12.88
CA TYR B 320 -23.07 0.02 13.30
C TYR B 320 -22.69 -1.33 13.91
N GLY B 321 -23.67 -2.17 14.22
CA GLY B 321 -23.38 -3.45 14.84
C GLY B 321 -23.41 -4.58 13.83
N VAL B 322 -23.87 -4.27 12.62
CA VAL B 322 -23.89 -5.26 11.55
C VAL B 322 -22.58 -5.21 10.78
N PHE B 323 -21.63 -4.41 11.28
CA PHE B 323 -20.30 -4.39 10.69
C PHE B 323 -19.58 -5.72 10.92
N PRO B 324 -18.64 -6.06 10.06
CA PRO B 324 -17.95 -7.35 10.19
C PRO B 324 -16.91 -7.30 11.30
N VAL B 325 -16.30 -8.46 11.56
CA VAL B 325 -15.28 -8.58 12.59
C VAL B 325 -13.98 -7.98 12.06
N ALA B 326 -13.42 -7.05 12.81
CA ALA B 326 -12.16 -6.43 12.41
C ALA B 326 -11.06 -7.48 12.40
N PRO B 327 -10.13 -7.43 11.44
CA PRO B 327 -9.07 -8.44 11.37
C PRO B 327 -8.09 -8.39 12.54
N GLY B 328 -8.21 -7.40 13.42
CA GLY B 328 -7.36 -7.36 14.59
C GLY B 328 -7.55 -8.57 15.49
N VAL B 329 -8.74 -9.16 15.48
CA VAL B 329 -8.95 -10.38 16.25
C VAL B 329 -8.15 -11.53 15.67
N ALA B 330 -8.03 -11.59 14.35
CA ALA B 330 -7.24 -12.64 13.73
C ALA B 330 -5.77 -12.52 14.11
N ILE B 331 -5.23 -11.30 14.11
CA ILE B 331 -3.82 -11.14 14.47
C ILE B 331 -3.62 -11.38 15.96
N PHE B 332 -4.60 -11.03 16.80
CA PHE B 332 -4.49 -11.39 18.22
C PHE B 332 -4.44 -12.90 18.40
N ALA B 333 -5.32 -13.62 17.69
CA ALA B 333 -5.34 -15.08 17.79
C ALA B 333 -4.04 -15.69 17.29
N THR B 334 -3.49 -15.16 16.19
CA THR B 334 -2.23 -15.71 15.68
C THR B 334 -1.04 -15.32 16.55
N GLN B 335 -1.13 -14.22 17.29
CA GLN B 335 -0.08 -13.89 18.25
C GLN B 335 -0.12 -14.82 19.45
N PHE B 336 -1.32 -15.07 19.99
CA PHE B 336 -1.45 -16.01 21.09
C PHE B 336 -1.40 -17.46 20.64
N ASN B 337 -1.59 -17.72 19.35
CA ASN B 337 -1.62 -19.06 18.78
C ASN B 337 -2.66 -19.90 19.52
N MET B 338 -3.90 -19.41 19.48
CA MET B 338 -5.05 -20.12 20.02
C MET B 338 -6.20 -19.97 19.05
N GLU B 339 -6.75 -21.09 18.60
CA GLU B 339 -7.89 -21.09 17.67
C GLU B 339 -7.63 -20.18 16.47
N VAL B 340 -6.44 -20.31 15.87
CA VAL B 340 -6.15 -19.47 14.72
C VAL B 340 -7.11 -19.79 13.58
N GLU B 341 -7.47 -21.06 13.40
CA GLU B 341 -8.34 -21.43 12.29
C GLU B 341 -9.77 -20.95 12.51
N ILE B 342 -10.28 -21.07 13.73
CA ILE B 342 -11.66 -20.67 13.98
C ILE B 342 -11.81 -19.16 13.87
N ILE B 343 -10.86 -18.42 14.48
CA ILE B 343 -10.96 -16.97 14.43
C ILE B 343 -10.76 -16.45 13.02
N THR B 344 -9.75 -16.96 12.29
CA THR B 344 -9.52 -16.47 10.95
C THR B 344 -10.69 -16.80 10.03
N SER B 345 -11.17 -18.04 10.06
CA SER B 345 -12.30 -18.42 9.22
C SER B 345 -13.56 -17.66 9.61
N GLY B 346 -13.74 -17.41 10.91
CA GLY B 346 -14.91 -16.65 11.34
C GLY B 346 -14.88 -15.23 10.83
N MET B 347 -13.71 -14.58 10.88
CA MET B 347 -13.61 -13.22 10.33
C MET B 347 -13.86 -13.23 8.82
N VAL B 348 -13.28 -14.22 8.13
CA VAL B 348 -13.44 -14.28 6.67
C VAL B 348 -14.90 -14.45 6.30
N ILE B 349 -15.61 -15.37 6.97
CA ILE B 349 -17.01 -15.61 6.65
C ILE B 349 -17.87 -14.43 7.10
N SER B 350 -17.54 -13.82 8.25
CA SER B 350 -18.35 -12.73 8.76
C SER B 350 -18.29 -11.51 7.85
N THR B 351 -17.14 -11.26 7.23
CA THR B 351 -17.06 -10.12 6.33
C THR B 351 -17.97 -10.31 5.12
N PHE B 352 -17.99 -11.51 4.54
CA PHE B 352 -18.87 -11.77 3.41
C PHE B 352 -20.33 -11.71 3.82
N VAL B 353 -20.68 -12.29 4.97
CA VAL B 353 -22.05 -12.24 5.43
C VAL B 353 -22.48 -10.80 5.72
N SER B 354 -21.53 -9.94 6.10
CA SER B 354 -21.86 -8.60 6.55
C SER B 354 -22.41 -7.70 5.45
N ALA B 355 -22.15 -8.00 4.17
CA ALA B 355 -22.59 -7.11 3.10
C ALA B 355 -24.09 -7.22 2.84
N PRO B 356 -24.64 -8.40 2.53
CA PRO B 356 -26.09 -8.47 2.32
C PRO B 356 -26.87 -8.06 3.54
N ILE B 357 -26.34 -8.33 4.74
CA ILE B 357 -27.05 -7.96 5.95
C ILE B 357 -27.08 -6.44 6.11
N MET B 358 -25.97 -5.76 5.80
CA MET B 358 -26.03 -4.30 5.84
C MET B 358 -27.01 -3.76 4.81
N TYR B 359 -27.01 -4.32 3.61
CA TYR B 359 -27.91 -3.83 2.57
C TYR B 359 -29.36 -3.98 3.00
N VAL B 360 -29.76 -5.18 3.40
CA VAL B 360 -31.15 -5.40 3.77
C VAL B 360 -31.51 -4.66 5.05
N SER B 361 -30.58 -4.52 5.98
CA SER B 361 -30.88 -3.81 7.23
C SER B 361 -31.11 -2.33 6.97
N ALA B 362 -30.21 -1.70 6.19
CA ALA B 362 -30.39 -0.28 5.91
C ALA B 362 -31.61 -0.03 5.04
N TRP B 363 -31.97 -0.97 4.17
CA TRP B 363 -33.19 -0.78 3.38
C TRP B 363 -34.44 -0.95 4.24
N LEU B 364 -34.47 -1.98 5.09
CA LEU B 364 -35.65 -2.25 5.92
C LEU B 364 -35.83 -1.18 6.99
N LEU B 365 -34.73 -0.62 7.50
CA LEU B 365 -34.83 0.36 8.58
C LEU B 365 -35.52 1.63 8.10
N THR B 366 -35.18 2.11 6.91
CA THR B 366 -35.85 3.25 6.31
C THR B 366 -37.02 2.83 5.44
N PHE B 367 -37.34 1.54 5.42
CA PHE B 367 -38.38 1.03 4.52
C PHE B 367 -39.74 1.64 4.81
N PRO B 368 -40.21 1.74 6.05
CA PRO B 368 -41.53 2.35 6.30
C PRO B 368 -41.55 3.86 6.25
N THR B 369 -40.50 4.51 5.75
CA THR B 369 -40.47 5.96 5.66
C THR B 369 -41.18 6.48 4.41
N MET B 370 -41.55 5.60 3.48
CA MET B 370 -42.14 6.00 2.22
C MET B 370 -43.51 5.37 2.02
N ASP B 371 -44.29 5.98 1.14
CA ASP B 371 -45.60 5.45 0.77
C ASP B 371 -45.43 4.14 0.00
N PRO B 372 -46.43 3.25 0.04
CA PRO B 372 -46.31 1.98 -0.69
C PRO B 372 -45.94 2.12 -2.17
N LYS B 373 -46.28 3.22 -2.82
CA LYS B 373 -45.93 3.35 -4.23
C LYS B 373 -44.46 3.73 -4.39
N PRO B 374 -43.94 4.73 -3.65
CA PRO B 374 -42.49 4.88 -3.59
C PRO B 374 -41.79 3.66 -3.01
N LEU B 375 -42.47 2.90 -2.15
CA LEU B 375 -41.94 1.62 -1.70
C LEU B 375 -41.71 0.67 -2.88
N ALA B 376 -42.69 0.60 -3.78
CA ALA B 376 -42.55 -0.25 -4.96
C ALA B 376 -41.44 0.26 -5.86
N TYR B 377 -41.34 1.58 -6.04
CA TYR B 377 -40.22 2.10 -6.83
C TYR B 377 -38.89 1.75 -6.19
N ALA B 378 -38.78 1.83 -4.87
CA ALA B 378 -37.53 1.53 -4.20
C ALA B 378 -37.14 0.07 -4.35
N ILE B 379 -38.09 -0.85 -4.18
CA ILE B 379 -37.76 -2.26 -4.32
C ILE B 379 -37.42 -2.58 -5.77
N GLN B 380 -38.10 -1.94 -6.72
CA GLN B 380 -37.75 -2.13 -8.12
C GLN B 380 -36.34 -1.62 -8.41
N ASN B 381 -35.96 -0.49 -7.82
CA ASN B 381 -34.64 0.08 -8.07
C ASN B 381 -33.53 -0.77 -7.46
N VAL B 382 -33.74 -1.30 -6.26
CA VAL B 382 -32.71 -2.17 -5.67
C VAL B 382 -32.61 -3.47 -6.47
N SER B 383 -33.74 -3.92 -7.00
CA SER B 383 -33.78 -5.10 -7.89
C SER B 383 -32.92 -4.78 -9.12
N PHE B 384 -33.09 -3.61 -9.71
CA PHE B 384 -32.34 -3.19 -10.93
C PHE B 384 -30.85 -3.10 -10.64
N ASP B 385 -30.47 -2.67 -9.44
CA ASP B 385 -29.04 -2.51 -9.05
C ASP B 385 -28.43 -3.90 -8.86
N ILE B 386 -29.07 -4.76 -8.09
CA ILE B 386 -28.57 -6.14 -7.83
C ILE B 386 -28.63 -6.90 -9.16
N SER B 387 -29.43 -6.43 -10.13
CA SER B 387 -29.64 -7.09 -11.43
C SER B 387 -28.48 -6.78 -12.38
N ILE B 388 -28.11 -5.50 -12.52
CA ILE B 388 -26.99 -5.09 -13.37
C ILE B 388 -25.68 -5.68 -12.87
N VAL B 389 -25.41 -5.57 -11.56
CA VAL B 389 -24.12 -6.05 -11.08
C VAL B 389 -24.01 -7.56 -11.24
N SER B 390 -25.09 -8.28 -10.93
CA SER B 390 -25.10 -9.73 -11.10
C SER B 390 -24.93 -10.11 -12.56
N LEU B 391 -25.54 -9.35 -13.48
CA LEU B 391 -25.36 -9.63 -14.89
C LEU B 391 -23.92 -9.45 -15.32
N ILE B 392 -23.23 -8.45 -14.78
CA ILE B 392 -21.84 -8.27 -15.18
C ILE B 392 -20.98 -9.41 -14.67
N SER B 393 -21.15 -9.80 -13.40
CA SER B 393 -20.36 -10.89 -12.86
C SER B 393 -20.78 -12.24 -13.43
N LEU B 394 -22.01 -12.33 -13.93
CA LEU B 394 -22.57 -13.57 -14.44
C LEU B 394 -22.15 -13.81 -15.87
N ILE B 395 -22.09 -12.73 -16.67
CA ILE B 395 -21.45 -12.82 -17.97
C ILE B 395 -19.99 -13.17 -17.82
N TRP B 396 -19.30 -12.61 -16.81
CA TRP B 396 -17.93 -13.00 -16.57
C TRP B 396 -17.82 -14.50 -16.28
N SER B 397 -18.68 -15.01 -15.39
CA SER B 397 -18.61 -16.44 -15.04
C SER B 397 -18.94 -17.32 -16.25
N LEU B 398 -19.94 -16.93 -17.04
CA LEU B 398 -20.29 -17.71 -18.21
C LEU B 398 -19.16 -17.72 -19.23
N ALA B 399 -18.48 -16.59 -19.41
CA ALA B 399 -17.33 -16.55 -20.30
C ALA B 399 -16.23 -17.46 -19.78
N ILE B 400 -15.99 -17.46 -18.46
CA ILE B 400 -14.98 -18.36 -17.90
C ILE B 400 -15.32 -19.80 -18.22
N LEU B 401 -16.58 -20.19 -18.02
CA LEU B 401 -16.98 -21.56 -18.30
C LEU B 401 -16.82 -21.90 -19.77
N LEU B 402 -17.23 -20.99 -20.66
CA LEU B 402 -17.24 -21.29 -22.09
C LEU B 402 -15.82 -21.38 -22.65
N LEU B 403 -14.98 -20.39 -22.34
CA LEU B 403 -13.59 -20.47 -22.83
C LEU B 403 -12.75 -21.44 -22.02
N SER B 404 -13.27 -22.00 -20.93
CA SER B 404 -12.58 -23.07 -20.23
C SER B 404 -12.83 -24.43 -20.88
N LYS B 405 -13.82 -24.54 -21.77
CA LYS B 405 -14.22 -25.82 -22.38
C LYS B 405 -14.54 -26.88 -21.34
N LYS B 406 -14.88 -26.46 -20.12
CA LYS B 406 -15.23 -27.39 -19.06
C LYS B 406 -16.73 -27.66 -19.00
N TYR B 407 -17.53 -26.95 -19.80
CA TYR B 407 -18.97 -27.21 -19.84
C TYR B 407 -19.31 -28.55 -20.49
N LYS B 408 -18.34 -29.21 -21.12
CA LYS B 408 -18.59 -30.55 -21.64
C LYS B 408 -18.75 -31.56 -20.51
N GLN B 409 -18.32 -31.23 -19.29
CA GLN B 409 -18.53 -32.08 -18.14
C GLN B 409 -19.99 -32.01 -17.69
N LEU B 410 -20.44 -33.06 -17.02
CA LEU B 410 -21.86 -33.28 -16.74
C LEU B 410 -22.38 -32.32 -15.66
N PRO B 411 -21.81 -32.32 -14.42
CA PRO B 411 -22.22 -31.29 -13.46
C PRO B 411 -22.05 -29.89 -14.02
N HIS B 412 -20.97 -29.68 -14.77
CA HIS B 412 -20.68 -28.36 -15.30
C HIS B 412 -21.61 -27.97 -16.44
N MET B 413 -22.04 -28.94 -17.25
CA MET B 413 -23.09 -28.64 -18.24
C MET B 413 -24.38 -28.23 -17.55
N LEU B 414 -24.78 -28.97 -16.51
CA LEU B 414 -26.04 -28.63 -15.84
C LEU B 414 -25.96 -27.27 -15.16
N THR B 415 -24.86 -26.98 -14.47
CA THR B 415 -24.75 -25.68 -13.84
C THR B 415 -24.54 -24.56 -14.85
N THR B 416 -23.98 -24.86 -16.03
CA THR B 416 -23.93 -23.87 -17.10
C THR B 416 -25.32 -23.50 -17.58
N ASN B 417 -26.19 -24.50 -17.72
CA ASN B 417 -27.58 -24.20 -18.08
C ASN B 417 -28.26 -23.37 -17.00
N LEU B 418 -28.06 -23.76 -15.74
CA LEU B 418 -28.62 -22.97 -14.64
C LEU B 418 -28.09 -21.55 -14.65
N LEU B 419 -26.81 -21.38 -15.00
CA LEU B 419 -26.18 -20.07 -15.01
C LEU B 419 -26.71 -19.22 -16.15
N ILE B 420 -26.97 -19.85 -17.30
CA ILE B 420 -27.59 -19.14 -18.42
C ILE B 420 -28.97 -18.66 -18.02
N ALA B 421 -29.73 -19.51 -17.32
CA ALA B 421 -31.03 -19.08 -16.82
C ALA B 421 -30.90 -17.92 -15.83
N GLN B 422 -29.88 -17.98 -14.97
CA GLN B 422 -29.64 -16.91 -14.00
C GLN B 422 -29.25 -15.61 -14.67
N SER B 423 -28.59 -15.68 -15.83
CA SER B 423 -28.29 -14.45 -16.58
C SER B 423 -29.52 -13.93 -17.29
N ILE B 424 -30.36 -14.84 -17.81
CA ILE B 424 -31.55 -14.42 -18.52
C ILE B 424 -32.52 -13.73 -17.58
N VAL B 425 -32.64 -14.21 -16.34
CA VAL B 425 -33.56 -13.56 -15.41
C VAL B 425 -33.09 -12.15 -15.07
N CYS B 426 -31.77 -11.97 -14.89
CA CYS B 426 -31.26 -10.63 -14.61
C CYS B 426 -31.49 -9.69 -15.79
N ALA B 427 -31.22 -10.17 -17.01
CA ALA B 427 -31.46 -9.33 -18.18
C ALA B 427 -32.94 -8.99 -18.32
N GLY B 428 -33.81 -9.96 -18.06
CA GLY B 428 -35.23 -9.71 -18.14
C GLY B 428 -35.70 -8.69 -17.12
N MET B 429 -35.15 -8.76 -15.90
CA MET B 429 -35.51 -7.76 -14.91
C MET B 429 -35.02 -6.38 -15.33
N MET B 430 -33.81 -6.29 -15.87
CA MET B 430 -33.31 -5.00 -16.34
C MET B 430 -34.22 -4.42 -17.41
N ILE B 431 -34.63 -5.24 -18.38
CA ILE B 431 -35.51 -4.74 -19.44
C ILE B 431 -36.88 -4.39 -18.87
N TRP B 432 -37.37 -5.18 -17.91
CA TRP B 432 -38.68 -4.94 -17.32
C TRP B 432 -38.73 -3.60 -16.59
N ASN B 433 -37.68 -3.28 -15.84
CA ASN B 433 -37.66 -2.01 -15.14
C ASN B 433 -37.66 -0.84 -16.11
N PHE B 434 -37.08 -1.02 -17.30
CA PHE B 434 -37.08 0.02 -18.32
C PHE B 434 -38.33 -0.02 -19.18
N VAL B 435 -39.23 -0.99 -18.96
CA VAL B 435 -40.45 -1.13 -19.75
C VAL B 435 -41.69 -1.27 -18.88
N LYS B 436 -41.55 -1.24 -17.55
CA LYS B 436 -42.69 -1.38 -16.66
C LYS B 436 -43.71 -0.27 -16.92
N GLU B 437 -44.97 -0.67 -17.12
CA GLU B 437 -46.10 0.23 -17.36
C GLU B 437 -45.82 1.26 -18.46
N LYS B 438 -44.87 0.97 -19.34
CA LYS B 438 -44.52 1.86 -20.44
C LYS B 438 -44.99 1.34 -21.79
N ASN B 439 -44.61 0.13 -22.16
CA ASN B 439 -45.00 -0.49 -23.43
C ASN B 439 -45.76 -1.77 -23.10
N PHE B 440 -47.09 -1.64 -23.03
CA PHE B 440 -47.93 -2.80 -22.71
C PHE B 440 -47.90 -3.85 -23.81
N VAL B 441 -47.52 -3.48 -25.03
CA VAL B 441 -47.49 -4.44 -26.13
C VAL B 441 -46.45 -5.52 -25.88
N GLY B 442 -45.23 -5.11 -25.55
CA GLY B 442 -44.15 -6.03 -25.28
C GLY B 442 -44.01 -6.44 -23.83
N GLN B 443 -44.90 -5.94 -22.96
CA GLN B 443 -44.84 -6.32 -21.57
C GLN B 443 -45.12 -7.81 -21.40
N ILE B 444 -46.00 -8.37 -22.22
CA ILE B 444 -46.25 -9.80 -22.18
C ILE B 444 -44.96 -10.56 -22.46
N LEU B 445 -44.23 -10.14 -23.49
CA LEU B 445 -43.01 -10.84 -23.88
C LEU B 445 -41.95 -10.75 -22.78
N VAL B 446 -41.73 -9.54 -22.24
CA VAL B 446 -40.68 -9.40 -21.24
C VAL B 446 -41.04 -10.17 -19.97
N PHE B 447 -42.32 -10.12 -19.56
CA PHE B 447 -42.74 -10.88 -18.40
C PHE B 447 -42.55 -12.38 -18.63
N VAL B 448 -42.93 -12.87 -19.81
CA VAL B 448 -42.78 -14.29 -20.09
C VAL B 448 -41.32 -14.69 -20.01
N LEU B 449 -40.44 -13.91 -20.63
CA LEU B 449 -39.01 -14.21 -20.57
C LEU B 449 -38.52 -14.23 -19.13
N LEU B 450 -38.83 -13.18 -18.37
CA LEU B 450 -38.34 -13.06 -17.01
C LEU B 450 -38.76 -14.24 -16.15
N TYR B 451 -40.06 -14.53 -16.11
CA TYR B 451 -40.52 -15.56 -15.19
C TYR B 451 -40.28 -16.97 -15.70
N SER B 452 -40.22 -17.18 -17.01
CA SER B 452 -39.76 -18.47 -17.51
C SER B 452 -38.33 -18.73 -17.09
N SER B 453 -37.46 -17.70 -17.17
CA SER B 453 -36.09 -17.88 -16.72
C SER B 453 -36.02 -18.14 -15.22
N LEU B 454 -36.84 -17.44 -14.44
CA LEU B 454 -36.80 -17.63 -12.99
C LEU B 454 -37.28 -19.03 -12.59
N TYR B 455 -38.37 -19.49 -13.21
CA TYR B 455 -38.83 -20.85 -12.96
C TYR B 455 -37.80 -21.86 -13.43
N SER B 456 -37.07 -21.54 -14.51
CA SER B 456 -35.99 -22.39 -14.96
C SER B 456 -34.89 -22.47 -13.91
N THR B 457 -34.57 -21.35 -13.26
CA THR B 457 -33.55 -21.38 -12.21
C THR B 457 -34.00 -22.25 -11.04
N TYR B 458 -35.26 -22.12 -10.63
CA TYR B 458 -35.75 -22.97 -9.53
C TYR B 458 -35.68 -24.45 -9.91
N LEU B 459 -36.26 -24.80 -11.06
CA LEU B 459 -36.25 -26.20 -11.48
C LEU B 459 -34.84 -26.69 -11.75
N TRP B 460 -33.93 -25.79 -12.13
CA TRP B 460 -32.55 -26.19 -12.39
C TRP B 460 -31.78 -26.42 -11.11
N THR B 461 -32.11 -25.70 -10.04
CA THR B 461 -31.62 -26.08 -8.73
C THR B 461 -32.10 -27.48 -8.36
N GLY B 462 -33.38 -27.77 -8.65
CA GLY B 462 -33.88 -29.12 -8.42
C GLY B 462 -33.11 -30.18 -9.20
N LEU B 463 -32.89 -29.92 -10.49
CA LEU B 463 -32.16 -30.87 -11.32
C LEU B 463 -30.70 -30.98 -10.93
N LEU B 464 -30.09 -29.89 -10.43
CA LEU B 464 -28.74 -29.97 -9.91
C LEU B 464 -28.68 -30.88 -8.70
N ALA B 465 -29.68 -30.78 -7.82
CA ALA B 465 -29.76 -31.70 -6.68
C ALA B 465 -29.89 -33.14 -7.16
N ILE B 466 -30.74 -33.38 -8.15
CA ILE B 466 -30.90 -34.74 -8.68
C ILE B 466 -29.60 -35.24 -9.28
N SER B 467 -28.90 -34.37 -10.03
CA SER B 467 -27.66 -34.78 -10.70
C SER B 467 -26.57 -35.09 -9.70
N LEU B 468 -26.45 -34.28 -8.64
CA LEU B 468 -25.44 -34.58 -7.64
C LEU B 468 -25.79 -35.85 -6.85
N PHE B 469 -27.09 -36.10 -6.64
CA PHE B 469 -27.48 -37.37 -6.04
C PHE B 469 -27.09 -38.55 -6.92
N LEU B 470 -27.30 -38.43 -8.23
CA LEU B 470 -26.93 -39.50 -9.14
C LEU B 470 -25.41 -39.68 -9.18
N LEU B 471 -24.67 -38.58 -9.13
CA LEU B 471 -23.21 -38.66 -9.10
C LEU B 471 -22.72 -39.31 -7.81
N LYS B 472 -23.42 -39.08 -6.70
CA LYS B 472 -23.08 -39.75 -5.45
C LYS B 472 -23.24 -41.25 -5.56
N LYS B 473 -24.07 -41.73 -6.48
CA LYS B 473 -24.32 -43.15 -6.65
C LYS B 473 -23.18 -43.77 -7.47
N ARG B 474 -23.40 -44.99 -7.96
CA ARG B 474 -22.39 -45.68 -8.76
C ARG B 474 -22.00 -44.88 -9.99
N GLU B 475 -22.96 -44.18 -10.60
CA GLU B 475 -22.75 -43.32 -11.76
C GLU B 475 -22.38 -44.13 -13.01
N ARG B 476 -22.55 -45.45 -12.97
CA ARG B 476 -22.30 -46.25 -14.15
C ARG B 476 -23.25 -45.90 -15.29
N VAL B 477 -24.45 -45.44 -14.96
CA VAL B 477 -25.41 -44.98 -15.95
C VAL B 477 -25.18 -43.49 -16.22
N GLN B 478 -25.06 -43.14 -17.49
CA GLN B 478 -24.87 -41.75 -17.87
C GLN B 478 -26.13 -40.94 -17.57
N ILE B 479 -25.94 -39.73 -17.05
CA ILE B 479 -27.09 -38.90 -16.71
C ILE B 479 -27.84 -38.52 -17.98
N PRO B 480 -29.17 -38.60 -18.01
CA PRO B 480 -29.92 -38.21 -19.21
C PRO B 480 -29.88 -36.70 -19.45
N VAL B 481 -28.80 -36.22 -20.05
CA VAL B 481 -28.64 -34.78 -20.28
C VAL B 481 -29.79 -34.22 -21.09
N GLY B 482 -30.15 -34.91 -22.17
CA GLY B 482 -31.19 -34.45 -23.07
C GLY B 482 -32.49 -34.13 -22.37
N ILE B 483 -33.15 -35.17 -21.84
CA ILE B 483 -34.48 -34.98 -21.24
C ILE B 483 -34.39 -34.06 -20.03
N ILE B 484 -33.27 -34.08 -19.31
CA ILE B 484 -33.13 -33.17 -18.17
C ILE B 484 -33.16 -31.71 -18.65
N ILE B 485 -32.43 -31.40 -19.72
CA ILE B 485 -32.40 -30.03 -20.21
C ILE B 485 -33.75 -29.63 -20.79
N ILE B 486 -34.36 -30.52 -21.59
CA ILE B 486 -35.68 -30.20 -22.14
C ILE B 486 -36.68 -29.96 -21.03
N SER B 487 -36.66 -30.82 -20.00
CA SER B 487 -37.56 -30.62 -18.87
C SER B 487 -37.30 -29.27 -18.19
N GLY B 488 -36.05 -29.01 -17.82
CA GLY B 488 -35.72 -27.81 -17.08
C GLY B 488 -35.97 -26.52 -17.83
N TRP B 489 -35.97 -26.55 -19.16
CA TRP B 489 -36.25 -25.37 -19.95
C TRP B 489 -37.64 -25.34 -20.57
N GLY B 490 -38.42 -26.42 -20.44
CA GLY B 490 -39.75 -26.45 -21.00
C GLY B 490 -40.86 -26.43 -19.97
N ILE B 491 -40.69 -27.14 -18.85
CA ILE B 491 -41.69 -27.08 -17.78
C ILE B 491 -41.90 -25.65 -17.31
N PRO B 492 -40.87 -24.81 -17.13
CA PRO B 492 -41.15 -23.38 -16.90
C PRO B 492 -41.93 -22.74 -18.04
N ALA B 493 -41.65 -23.12 -19.28
CA ALA B 493 -42.41 -22.58 -20.41
C ALA B 493 -43.87 -23.00 -20.34
N LEU B 494 -44.13 -24.27 -20.00
CA LEU B 494 -45.51 -24.72 -19.84
C LEU B 494 -46.20 -23.99 -18.70
N LEU B 495 -45.47 -23.78 -17.60
CA LEU B 495 -46.05 -23.06 -16.45
C LEU B 495 -46.42 -21.64 -16.83
N VAL B 496 -45.52 -20.94 -17.53
CA VAL B 496 -45.82 -19.57 -17.92
C VAL B 496 -46.94 -19.54 -18.96
N GLY B 497 -47.02 -20.55 -19.82
CA GLY B 497 -48.09 -20.59 -20.80
C GLY B 497 -49.46 -20.79 -20.16
N VAL B 498 -49.55 -21.73 -19.21
CA VAL B 498 -50.82 -21.95 -18.53
C VAL B 498 -51.16 -20.75 -17.65
N LEU B 499 -50.15 -20.05 -17.14
CA LEU B 499 -50.42 -18.82 -16.40
C LEU B 499 -50.95 -17.73 -17.31
N LEU B 500 -50.39 -17.59 -18.50
CA LEU B 500 -50.84 -16.56 -19.44
C LEU B 500 -52.25 -16.86 -19.93
N ILE B 501 -52.55 -18.13 -20.18
CA ILE B 501 -53.86 -18.49 -20.75
C ILE B 501 -54.98 -18.10 -19.79
N THR B 502 -54.81 -18.40 -18.50
CA THR B 502 -55.83 -18.12 -17.51
C THR B 502 -55.64 -16.72 -16.93
N GLY B 503 -56.75 -16.00 -16.76
CA GLY B 503 -56.70 -14.67 -16.19
C GLY B 503 -56.60 -13.58 -17.23
N LYS B 504 -56.41 -12.36 -16.72
CA LYS B 504 -56.32 -11.17 -17.56
C LYS B 504 -55.09 -10.36 -17.18
N HIS B 505 -54.71 -9.44 -18.07
CA HIS B 505 -53.49 -8.67 -17.92
C HIS B 505 -53.78 -7.47 -17.00
N ASN B 506 -53.18 -7.48 -15.81
CA ASN B 506 -53.28 -6.35 -14.89
C ASN B 506 -52.00 -5.51 -14.99
N GLY B 507 -51.92 -4.75 -16.08
CA GLY B 507 -50.74 -3.95 -16.35
C GLY B 507 -50.71 -2.63 -15.60
N ASP B 508 -50.87 -2.68 -14.28
CA ASP B 508 -50.84 -1.47 -13.47
C ASP B 508 -49.87 -1.62 -12.31
N SER B 509 -49.69 -2.84 -11.82
CA SER B 509 -48.78 -3.08 -10.71
C SER B 509 -47.33 -2.99 -11.18
N ILE B 510 -46.52 -2.23 -10.44
CA ILE B 510 -45.12 -2.08 -10.80
C ILE B 510 -44.36 -3.38 -10.58
N ASP B 511 -44.58 -4.03 -9.44
CA ASP B 511 -43.88 -5.26 -9.13
C ASP B 511 -44.29 -6.36 -10.10
N SER B 512 -43.33 -7.21 -10.47
CA SER B 512 -43.57 -8.24 -11.46
C SER B 512 -44.25 -9.48 -10.89
N ALA B 513 -44.25 -9.65 -9.56
CA ALA B 513 -44.85 -10.84 -8.97
C ALA B 513 -46.38 -10.81 -9.03
N PHE B 514 -46.98 -9.64 -9.18
CA PHE B 514 -48.43 -9.49 -9.24
C PHE B 514 -48.86 -8.80 -10.52
N PHE B 515 -48.11 -9.00 -11.62
CA PHE B 515 -48.52 -8.44 -12.89
C PHE B 515 -49.85 -9.03 -13.33
N TYR B 516 -50.01 -10.34 -13.16
CA TYR B 516 -51.25 -11.02 -13.53
C TYR B 516 -52.26 -10.99 -12.39
N GLY B 517 -51.87 -11.43 -11.21
CA GLY B 517 -52.74 -11.43 -10.05
C GLY B 517 -52.44 -12.62 -9.15
N LYS B 518 -53.48 -13.04 -8.43
CA LYS B 518 -53.34 -14.17 -7.51
C LYS B 518 -52.96 -15.45 -8.24
N GLU B 519 -53.40 -15.59 -9.49
CA GLU B 519 -53.06 -16.78 -10.27
C GLU B 519 -51.54 -16.91 -10.40
N GLN B 520 -50.85 -15.79 -10.61
CA GLN B 520 -49.39 -15.81 -10.69
C GLN B 520 -48.79 -16.28 -9.38
N MET B 521 -49.38 -15.86 -8.26
CA MET B 521 -48.88 -16.26 -6.95
C MET B 521 -48.98 -17.76 -6.78
N ILE B 522 -50.12 -18.34 -7.18
CA ILE B 522 -50.30 -19.79 -7.07
C ILE B 522 -49.32 -20.52 -8.00
N THR B 523 -49.19 -20.05 -9.23
CA THR B 523 -48.31 -20.71 -10.20
C THR B 523 -46.86 -20.67 -9.73
N THR B 524 -46.43 -19.55 -9.15
CA THR B 524 -45.08 -19.49 -8.59
C THR B 524 -44.94 -20.41 -7.39
N ALA B 525 -45.95 -20.46 -6.54
CA ALA B 525 -45.84 -21.24 -5.31
C ALA B 525 -45.81 -22.73 -5.56
N VAL B 526 -46.49 -23.23 -6.59
CA VAL B 526 -46.52 -24.67 -6.85
C VAL B 526 -45.19 -25.17 -7.40
N THR B 527 -44.65 -24.49 -8.41
CA THR B 527 -43.35 -24.89 -8.94
C THR B 527 -42.26 -24.69 -7.90
N LEU B 528 -42.33 -23.60 -7.13
CA LEU B 528 -41.32 -23.38 -6.11
C LEU B 528 -41.38 -24.47 -5.05
N PHE B 529 -42.59 -24.87 -4.64
CA PHE B 529 -42.73 -25.95 -3.68
C PHE B 529 -42.12 -27.25 -4.22
N CYS B 530 -42.47 -27.61 -5.46
CA CYS B 530 -41.98 -28.87 -6.02
C CYS B 530 -40.46 -28.89 -6.15
N SER B 531 -39.86 -27.75 -6.49
CA SER B 531 -38.40 -27.70 -6.60
C SER B 531 -37.74 -28.01 -5.27
N ILE B 532 -38.26 -27.45 -4.17
CA ILE B 532 -37.68 -27.74 -2.86
C ILE B 532 -37.95 -29.18 -2.44
N LEU B 533 -39.10 -29.75 -2.82
CA LEU B 533 -39.29 -31.16 -2.50
C LEU B 533 -38.24 -32.04 -3.18
N ILE B 534 -37.97 -31.77 -4.46
CA ILE B 534 -36.96 -32.54 -5.19
C ILE B 534 -35.59 -32.34 -4.55
N ALA B 535 -35.25 -31.09 -4.24
CA ALA B 535 -33.96 -30.79 -3.64
C ALA B 535 -33.81 -31.42 -2.27
N GLY B 536 -34.87 -31.43 -1.47
CA GLY B 536 -34.80 -32.04 -0.16
C GLY B 536 -34.65 -33.55 -0.23
N ILE B 537 -35.33 -34.19 -1.18
CA ILE B 537 -35.15 -35.63 -1.35
C ILE B 537 -33.70 -35.94 -1.72
N SER B 538 -33.14 -35.17 -2.67
CA SER B 538 -31.75 -35.40 -3.04
C SER B 538 -30.81 -35.12 -1.87
N LEU B 539 -31.08 -34.06 -1.10
CA LEU B 539 -30.26 -33.72 0.05
C LEU B 539 -30.26 -34.82 1.09
N MET B 540 -31.43 -35.36 1.41
CA MET B 540 -31.50 -36.46 2.35
C MET B 540 -30.96 -37.76 1.77
N CYS B 541 -30.79 -37.85 0.46
CA CYS B 541 -30.16 -39.02 -0.13
C CYS B 541 -28.64 -39.01 -0.02
N MET B 542 -28.04 -37.92 0.42
CA MET B 542 -26.59 -37.87 0.66
C MET B 542 -26.19 -38.80 1.79
N HIS B 628 17.64 -47.10 -16.92
CA HIS B 628 16.32 -47.07 -17.53
C HIS B 628 16.19 -45.87 -18.47
N CYS B 629 15.08 -45.15 -18.34
CA CYS B 629 14.80 -43.98 -19.16
C CYS B 629 14.97 -42.71 -18.34
N VAL B 630 15.35 -41.62 -19.00
CA VAL B 630 15.54 -40.33 -18.38
C VAL B 630 14.67 -39.25 -19.03
N SER B 631 14.69 -39.17 -20.36
CA SER B 631 13.96 -38.12 -21.05
C SER B 631 12.48 -38.45 -21.17
N ARG B 632 12.15 -39.55 -21.86
CA ARG B 632 10.77 -39.93 -22.08
C ARG B 632 10.56 -41.39 -21.71
N CYS B 633 9.47 -41.67 -21.02
CA CYS B 633 9.10 -43.05 -20.74
C CYS B 633 8.54 -43.70 -22.01
N ASN B 634 8.86 -44.98 -22.19
CA ASN B 634 8.38 -45.71 -23.35
C ASN B 634 6.86 -45.86 -23.30
N SER B 635 6.25 -45.93 -24.48
CA SER B 635 4.80 -46.01 -24.56
C SER B 635 4.28 -47.27 -23.87
N GLN B 636 4.96 -48.40 -24.05
CA GLN B 636 4.60 -49.65 -23.40
C GLN B 636 5.21 -49.80 -22.02
N SER B 637 6.02 -48.84 -21.59
CA SER B 637 6.66 -48.86 -20.27
C SER B 637 6.33 -47.58 -19.50
N CYS B 638 5.06 -47.18 -19.53
CA CYS B 638 4.63 -45.97 -18.83
C CYS B 638 3.19 -46.18 -18.37
N ILE B 639 3.00 -46.35 -17.06
CA ILE B 639 1.69 -46.56 -16.48
C ILE B 639 1.36 -45.52 -15.42
N LEU B 640 2.31 -45.22 -14.52
CA LEU B 640 2.02 -44.31 -13.42
C LEU B 640 1.77 -42.89 -13.91
N ALA B 641 2.38 -42.49 -15.02
CA ALA B 641 2.04 -41.20 -15.62
C ALA B 641 0.60 -41.20 -16.11
N GLN B 642 0.15 -42.33 -16.68
CA GLN B 642 -1.25 -42.44 -17.05
C GLN B 642 -2.15 -42.38 -15.82
N GLU B 643 -1.69 -42.95 -14.70
CA GLU B 643 -2.47 -42.88 -13.47
C GLU B 643 -2.60 -41.45 -12.96
N GLU B 644 -1.49 -40.71 -12.95
CA GLU B 644 -1.56 -39.32 -12.50
C GLU B 644 -2.34 -38.44 -13.48
N GLU B 645 -2.36 -38.82 -14.76
CA GLU B 645 -3.24 -38.15 -15.70
C GLU B 645 -4.70 -38.44 -15.39
N GLN B 646 -5.01 -39.70 -15.07
CA GLN B 646 -6.37 -40.08 -14.68
C GLN B 646 -6.79 -39.36 -13.40
N TYR B 647 -5.81 -39.02 -12.56
CA TYR B 647 -6.12 -38.38 -11.29
C TYR B 647 -6.93 -37.09 -11.47
N LEU B 648 -6.53 -36.31 -12.47
CA LEU B 648 -7.14 -34.98 -12.76
C LEU B 648 -8.63 -35.14 -13.03
N GLN B 649 -8.98 -35.91 -14.06
CA GLN B 649 -10.39 -36.09 -14.39
C GLN B 649 -11.12 -36.98 -13.38
N SER B 650 -10.40 -37.65 -12.49
CA SER B 650 -11.06 -38.23 -11.33
C SER B 650 -11.71 -37.14 -10.48
N GLY B 651 -11.06 -35.97 -10.41
CA GLY B 651 -11.67 -34.79 -9.84
C GLY B 651 -12.33 -33.96 -10.92
N ASP B 652 -12.16 -32.64 -10.86
CA ASP B 652 -12.72 -31.68 -11.82
C ASP B 652 -14.24 -31.71 -11.88
N GLN B 653 -14.90 -32.34 -10.91
CA GLN B 653 -16.35 -32.29 -10.80
C GLN B 653 -16.82 -31.44 -9.63
N GLN B 654 -16.00 -31.28 -8.61
CA GLN B 654 -16.28 -30.46 -7.41
C GLN B 654 -17.74 -30.58 -6.97
N LEU B 655 -18.13 -31.83 -6.69
CA LEU B 655 -19.49 -32.09 -6.21
C LEU B 655 -19.77 -31.36 -4.91
N THR B 656 -18.74 -31.13 -4.08
CA THR B 656 -18.92 -30.35 -2.87
C THR B 656 -19.30 -28.91 -3.18
N ARG B 657 -18.64 -28.31 -4.18
CA ARG B 657 -18.99 -26.94 -4.57
C ARG B 657 -20.42 -26.86 -5.09
N HIS B 658 -20.81 -27.83 -5.93
CA HIS B 658 -22.18 -27.85 -6.44
C HIS B 658 -23.18 -28.03 -5.32
N VAL B 659 -22.86 -28.87 -4.33
CA VAL B 659 -23.73 -29.07 -3.19
C VAL B 659 -23.88 -27.77 -2.40
N LEU B 660 -22.78 -27.07 -2.17
CA LEU B 660 -22.84 -25.81 -1.43
C LEU B 660 -23.69 -24.79 -2.18
N LEU B 661 -23.51 -24.70 -3.50
CA LEU B 661 -24.33 -23.81 -4.30
C LEU B 661 -25.79 -24.20 -4.21
N CYS B 662 -26.08 -25.51 -4.22
CA CYS B 662 -27.45 -25.98 -4.15
C CYS B 662 -28.11 -25.54 -2.85
N LEU B 663 -27.46 -25.79 -1.71
CA LEU B 663 -28.04 -25.38 -0.44
C LEU B 663 -28.17 -23.86 -0.35
N LEU B 664 -27.18 -23.12 -0.84
CA LEU B 664 -27.27 -21.67 -0.82
C LEU B 664 -28.48 -21.19 -1.62
N LEU B 665 -28.78 -21.88 -2.73
CA LEU B 665 -29.95 -21.53 -3.51
C LEU B 665 -31.23 -21.92 -2.79
N ILE B 666 -31.29 -23.12 -2.22
CA ILE B 666 -32.50 -23.59 -1.53
C ILE B 666 -32.84 -22.68 -0.36
N ILE B 667 -31.84 -21.99 0.21
CA ILE B 667 -32.14 -21.01 1.24
C ILE B 667 -33.11 -19.95 0.71
N GLY B 668 -32.78 -19.38 -0.45
CA GLY B 668 -33.64 -18.37 -1.04
C GLY B 668 -34.92 -18.93 -1.62
N LEU B 669 -34.88 -20.17 -2.13
CA LEU B 669 -36.11 -20.81 -2.55
C LEU B 669 -37.08 -20.97 -1.37
N PHE B 670 -36.57 -21.37 -0.21
CA PHE B 670 -37.41 -21.47 0.97
C PHE B 670 -37.92 -20.10 1.40
N ALA B 671 -37.08 -19.08 1.33
CA ALA B 671 -37.53 -17.73 1.67
C ALA B 671 -38.69 -17.29 0.76
N ASN B 672 -38.53 -17.49 -0.54
CA ASN B 672 -39.58 -17.09 -1.47
C ASN B 672 -40.81 -17.95 -1.31
N LEU B 673 -40.65 -19.24 -0.97
CA LEU B 673 -41.81 -20.08 -0.69
C LEU B 673 -42.59 -19.56 0.49
N SER B 674 -41.89 -19.18 1.56
CA SER B 674 -42.56 -18.60 2.71
C SER B 674 -43.30 -17.33 2.32
N SER B 675 -42.67 -16.50 1.47
CA SER B 675 -43.33 -15.27 1.04
C SER B 675 -44.62 -15.56 0.28
N CYS B 676 -44.60 -16.52 -0.65
CA CYS B 676 -45.81 -16.75 -1.43
C CYS B 676 -46.88 -17.42 -0.58
N LEU B 677 -46.48 -18.31 0.33
CA LEU B 677 -47.47 -18.93 1.22
C LEU B 677 -48.10 -17.89 2.13
N TRP B 678 -47.30 -16.95 2.64
CA TRP B 678 -47.85 -15.89 3.48
C TRP B 678 -48.83 -15.03 2.69
N TRP B 679 -48.48 -14.67 1.45
CA TRP B 679 -49.40 -13.88 0.66
C TRP B 679 -50.68 -14.65 0.34
N LEU B 680 -50.56 -15.94 0.04
CA LEU B 680 -51.73 -16.74 -0.35
C LEU B 680 -52.68 -16.94 0.83
N PHE B 681 -52.14 -17.36 1.98
CA PHE B 681 -53.00 -17.71 3.11
C PHE B 681 -53.42 -16.48 3.90
N ASN B 682 -52.44 -15.78 4.49
CA ASN B 682 -52.77 -14.66 5.35
C ASN B 682 -53.31 -13.47 4.56
N GLN B 683 -52.68 -13.17 3.43
CA GLN B 683 -53.07 -12.08 2.52
C GLN B 683 -53.07 -10.72 3.22
N GLU B 684 -52.43 -10.60 4.37
CA GLU B 684 -52.37 -9.35 5.11
C GLU B 684 -50.93 -8.87 5.19
N PRO B 685 -50.66 -7.61 4.81
CA PRO B 685 -49.28 -7.10 4.90
C PRO B 685 -48.73 -7.13 6.32
N GLY B 686 -49.40 -6.44 7.23
CA GLY B 686 -48.98 -6.42 8.62
C GLY B 686 -47.60 -5.84 8.86
N ARG B 687 -47.07 -5.06 7.91
CA ARG B 687 -45.77 -4.40 8.01
C ARG B 687 -44.62 -5.41 8.08
N LEU B 688 -44.93 -6.70 7.99
CA LEU B 688 -43.92 -7.74 7.94
C LEU B 688 -43.78 -8.37 6.57
N TYR B 689 -44.87 -8.42 5.79
CA TYR B 689 -44.80 -8.95 4.43
C TYR B 689 -43.96 -8.06 3.53
N VAL B 690 -43.71 -6.80 3.90
CA VAL B 690 -42.81 -5.96 3.13
C VAL B 690 -41.38 -6.49 3.23
N GLU B 691 -40.99 -6.99 4.41
CA GLU B 691 -39.68 -7.64 4.52
C GLU B 691 -39.61 -8.85 3.61
N LEU B 692 -40.71 -9.60 3.52
CA LEU B 692 -40.72 -10.78 2.66
C LEU B 692 -40.57 -10.40 1.19
N GLN B 693 -41.29 -9.39 0.72
CA GLN B 693 -41.17 -9.02 -0.68
C GLN B 693 -39.78 -8.48 -0.98
N PHE B 694 -39.22 -7.68 -0.06
CA PHE B 694 -37.87 -7.18 -0.29
C PHE B 694 -36.86 -8.32 -0.35
N PHE B 695 -36.95 -9.28 0.58
CA PHE B 695 -36.01 -10.38 0.58
C PHE B 695 -36.16 -11.25 -0.68
N CYS B 696 -37.39 -11.52 -1.10
CA CYS B 696 -37.58 -12.35 -2.28
C CYS B 696 -37.08 -11.64 -3.53
N ALA B 697 -37.34 -10.33 -3.65
CA ALA B 697 -36.83 -9.58 -4.80
C ALA B 697 -35.31 -9.47 -4.76
N VAL B 698 -34.71 -9.46 -3.57
CA VAL B 698 -33.26 -9.42 -3.47
C VAL B 698 -32.66 -10.75 -3.92
N PHE B 699 -33.25 -11.87 -3.47
CA PHE B 699 -32.66 -13.16 -3.81
C PHE B 699 -32.95 -13.58 -5.25
N ASN B 700 -34.09 -13.20 -5.81
CA ASN B 700 -34.45 -13.66 -7.14
C ASN B 700 -33.39 -13.25 -8.17
N PHE B 701 -32.78 -12.08 -7.99
CA PHE B 701 -31.76 -11.58 -8.90
C PHE B 701 -30.40 -11.45 -8.22
N GLY B 702 -30.23 -12.02 -7.04
CA GLY B 702 -28.95 -12.00 -6.36
C GLY B 702 -28.24 -13.33 -6.42
N GLN B 703 -28.91 -14.36 -6.92
CA GLN B 703 -28.29 -15.67 -7.05
C GLN B 703 -27.07 -15.66 -7.96
N GLY B 704 -27.00 -14.69 -8.87
CA GLY B 704 -25.81 -14.55 -9.70
C GLY B 704 -24.57 -14.32 -8.88
N PHE B 705 -24.69 -13.55 -7.79
CA PHE B 705 -23.56 -13.34 -6.90
C PHE B 705 -23.09 -14.64 -6.28
N ILE B 706 -24.03 -15.48 -5.84
CA ILE B 706 -23.66 -16.76 -5.24
C ILE B 706 -22.96 -17.65 -6.26
N SER B 707 -23.51 -17.72 -7.47
CA SER B 707 -22.91 -18.56 -8.51
C SER B 707 -21.53 -18.05 -8.89
N PHE B 708 -21.38 -16.73 -9.01
CA PHE B 708 -20.08 -16.15 -9.33
C PHE B 708 -19.06 -16.44 -8.24
N GLY B 709 -19.46 -16.29 -6.98
CA GLY B 709 -18.56 -16.61 -5.89
C GLY B 709 -18.15 -18.08 -5.87
N ILE B 710 -19.09 -18.96 -6.21
CA ILE B 710 -18.81 -20.40 -6.15
C ILE B 710 -17.89 -20.80 -7.29
N PHE B 711 -18.27 -20.49 -8.52
CA PHE B 711 -17.57 -21.00 -9.70
C PHE B 711 -16.87 -19.95 -10.53
N GLY B 712 -17.35 -18.70 -10.52
CA GLY B 712 -16.76 -17.67 -11.36
C GLY B 712 -15.31 -17.37 -11.05
N LEU B 713 -14.85 -17.67 -9.84
CA LEU B 713 -13.48 -17.43 -9.44
C LEU B 713 -12.86 -18.75 -8.98
N ASP B 714 -11.72 -19.11 -9.56
CA ASP B 714 -11.00 -20.30 -9.15
C ASP B 714 -9.55 -20.19 -9.62
N LYS B 715 -8.70 -21.03 -9.02
CA LYS B 715 -7.28 -21.06 -9.38
C LYS B 715 -7.00 -21.86 -10.63
N HIS B 716 -7.98 -22.60 -11.15
CA HIS B 716 -7.75 -23.38 -12.37
C HIS B 716 -7.41 -22.46 -13.55
N LEU B 717 -8.18 -21.40 -13.71
CA LEU B 717 -7.93 -20.43 -14.78
C LEU B 717 -8.22 -19.01 -14.31
N SER B 744 16.10 -12.71 -17.65
CA SER B 744 16.42 -14.12 -17.53
C SER B 744 17.50 -14.36 -16.49
N GLU B 745 18.18 -13.28 -16.09
CA GLU B 745 19.31 -13.40 -15.18
C GLU B 745 18.87 -13.83 -13.78
N GLU B 746 17.74 -13.31 -13.30
CA GLU B 746 17.27 -13.69 -11.97
C GLU B 746 16.91 -15.17 -11.90
N ILE B 747 16.26 -15.68 -12.96
CA ILE B 747 15.93 -17.10 -13.00
C ILE B 747 17.19 -17.94 -13.09
N LYS B 748 18.19 -17.46 -13.83
CA LYS B 748 19.47 -18.18 -13.88
C LYS B 748 20.12 -18.20 -12.51
N MET B 749 20.02 -17.11 -11.76
CA MET B 749 20.61 -17.07 -10.42
C MET B 749 19.89 -18.03 -9.47
N THR B 750 18.56 -18.10 -9.54
CA THR B 750 17.82 -19.06 -8.73
C THR B 750 18.19 -20.50 -9.11
N CYS B 751 18.29 -20.77 -10.41
CA CYS B 751 18.72 -22.09 -10.84
C CYS B 751 20.14 -22.40 -10.39
N GLN B 752 21.01 -21.38 -10.32
CA GLN B 752 22.35 -21.58 -9.82
C GLN B 752 22.35 -21.91 -8.32
N GLN B 753 21.51 -21.22 -7.56
CA GLN B 753 21.31 -21.59 -6.16
C GLN B 753 20.92 -23.05 -6.05
N PHE B 754 20.00 -23.49 -6.92
CA PHE B 754 19.52 -24.87 -6.86
C PHE B 754 20.61 -25.85 -7.28
N ILE B 755 21.45 -25.48 -8.24
CA ILE B 755 22.47 -26.36 -8.79
C ILE B 755 23.75 -26.10 -8.00
N HIS B 756 23.60 -25.46 -6.86
CA HIS B 756 24.74 -25.34 -5.97
C HIS B 756 24.50 -25.94 -4.59
N TYR B 757 23.30 -25.80 -4.03
CA TYR B 757 23.10 -26.27 -2.66
C TYR B 757 21.76 -26.95 -2.37
N HIS B 758 20.98 -27.37 -3.36
CA HIS B 758 19.64 -27.85 -3.02
C HIS B 758 19.26 -29.20 -3.62
N ARG B 759 19.83 -29.58 -4.77
CA ARG B 759 19.42 -30.85 -5.38
C ARG B 759 19.90 -32.05 -4.57
N ASP B 760 21.13 -31.99 -4.04
CA ASP B 760 21.62 -33.14 -3.29
C ASP B 760 20.73 -33.43 -2.09
N LEU B 761 20.11 -32.40 -1.51
CA LEU B 761 19.24 -32.59 -0.35
C LEU B 761 17.86 -33.12 -0.74
N CYS B 762 17.34 -32.75 -1.91
CA CYS B 762 15.98 -33.09 -2.30
C CYS B 762 15.88 -34.33 -3.16
N ILE B 763 16.80 -34.52 -4.11
CA ILE B 763 16.79 -35.69 -4.98
C ILE B 763 16.90 -36.96 -4.14
N ARG B 764 17.80 -36.95 -3.17
CA ARG B 764 17.92 -38.06 -2.22
C ARG B 764 16.70 -38.19 -1.32
N ASN B 765 15.84 -37.17 -1.27
CA ASN B 765 14.73 -37.15 -0.33
C ASN B 765 13.37 -37.10 -1.01
N ILE B 766 13.17 -36.21 -1.98
CA ILE B 766 11.82 -35.88 -2.45
C ILE B 766 11.39 -36.61 -3.72
N VAL B 767 12.34 -37.08 -4.54
CA VAL B 767 11.99 -37.75 -5.80
C VAL B 767 12.04 -39.26 -5.59
N LYS B 768 10.99 -39.93 -6.04
CA LYS B 768 10.92 -41.39 -6.01
C LYS B 768 9.79 -41.82 -6.94
N GLU B 769 10.12 -42.53 -8.01
CA GLU B 769 9.13 -43.02 -8.95
C GLU B 769 9.23 -44.53 -9.06
N ARG B 770 8.09 -45.20 -8.91
CA ARG B 770 8.04 -46.64 -9.03
C ARG B 770 8.16 -47.06 -10.50
N ARG B 771 8.54 -48.32 -10.71
CA ARG B 771 8.76 -48.83 -12.05
C ARG B 771 7.47 -48.79 -12.86
N CYS B 772 7.49 -48.03 -13.96
CA CYS B 772 6.33 -47.91 -14.84
C CYS B 772 6.27 -49.12 -15.75
N GLY B 773 5.73 -50.22 -15.19
CA GLY B 773 5.61 -51.46 -15.94
C GLY B 773 6.92 -52.21 -16.05
N ALA B 774 7.86 -51.68 -16.83
CA ALA B 774 9.16 -52.32 -16.98
C ALA B 774 10.29 -51.33 -16.71
N LYS B 775 10.05 -50.05 -17.01
CA LYS B 775 11.06 -49.02 -16.81
C LYS B 775 10.35 -47.70 -16.55
N THR B 776 11.07 -46.78 -15.91
CA THR B 776 10.51 -45.49 -15.56
C THR B 776 11.63 -44.46 -15.47
N SER B 777 11.25 -43.19 -15.36
CA SER B 777 12.24 -42.13 -15.21
C SER B 777 12.89 -42.14 -13.84
N ALA B 778 12.20 -42.69 -12.83
CA ALA B 778 12.67 -42.76 -11.45
C ALA B 778 13.02 -41.39 -10.87
N GLY B 779 12.50 -40.33 -11.48
CA GLY B 779 12.78 -38.99 -11.01
C GLY B 779 11.55 -38.09 -11.02
N THR B 780 10.38 -38.69 -10.82
CA THR B 780 9.13 -37.95 -10.84
C THR B 780 8.66 -37.69 -9.42
N PHE B 781 8.40 -36.42 -9.11
CA PHE B 781 7.95 -36.02 -7.79
C PHE B 781 6.66 -35.22 -7.92
N CYS B 782 5.76 -35.40 -6.95
CA CYS B 782 4.52 -34.65 -6.94
C CYS B 782 4.78 -33.18 -6.63
N GLY B 783 3.97 -32.32 -7.25
CA GLY B 783 4.12 -30.89 -7.02
C GLY B 783 3.91 -30.52 -5.56
N CYS B 784 2.93 -31.15 -4.91
CA CYS B 784 2.69 -30.89 -3.50
C CYS B 784 3.88 -31.32 -2.65
N ASP B 785 4.50 -32.45 -3.00
CA ASP B 785 5.66 -32.91 -2.25
C ASP B 785 6.82 -31.93 -2.36
N LEU B 786 7.10 -31.43 -3.57
CA LEU B 786 8.17 -30.47 -3.74
C LEU B 786 7.86 -29.16 -3.03
N VAL B 787 6.61 -28.70 -3.09
CA VAL B 787 6.23 -27.47 -2.40
C VAL B 787 6.41 -27.63 -0.90
N SER B 788 5.99 -28.77 -0.35
CA SER B 788 6.15 -29.02 1.08
C SER B 788 7.63 -29.07 1.47
N TRP B 789 8.45 -29.71 0.63
CA TRP B 789 9.88 -29.77 0.93
C TRP B 789 10.50 -28.37 0.91
N LEU B 790 10.12 -27.55 -0.08
CA LEU B 790 10.64 -26.19 -0.12
C LEU B 790 10.20 -25.38 1.08
N ILE B 791 8.95 -25.56 1.52
CA ILE B 791 8.46 -24.85 2.68
C ILE B 791 9.24 -25.26 3.93
N GLU B 792 9.43 -26.57 4.11
CA GLU B 792 10.12 -27.07 5.29
C GLU B 792 11.58 -26.64 5.32
N VAL B 793 12.26 -26.72 4.17
CA VAL B 793 13.67 -26.34 4.12
C VAL B 793 13.83 -24.85 4.40
N GLY B 794 12.99 -24.03 3.77
CA GLY B 794 13.01 -22.59 3.99
C GLY B 794 13.23 -21.75 2.75
N LEU B 795 13.31 -22.34 1.55
CA LEU B 795 13.43 -21.54 0.35
C LEU B 795 12.19 -20.70 0.08
N ALA B 796 11.05 -21.07 0.67
CA ALA B 796 9.82 -20.32 0.55
C ALA B 796 9.11 -20.30 1.89
N SER B 797 8.34 -19.25 2.13
CA SER B 797 7.61 -19.10 3.38
C SER B 797 6.22 -19.74 3.34
N ASP B 798 5.63 -19.86 2.17
CA ASP B 798 4.29 -20.42 2.03
C ASP B 798 4.20 -21.15 0.69
N ARG B 799 2.97 -21.49 0.30
CA ARG B 799 2.77 -22.19 -0.97
C ARG B 799 2.91 -21.24 -2.15
N GLY B 800 2.58 -19.96 -1.97
CA GLY B 800 2.62 -19.04 -3.10
C GLY B 800 4.02 -18.82 -3.65
N GLU B 801 4.96 -18.43 -2.78
CA GLU B 801 6.32 -18.28 -3.24
C GLU B 801 6.95 -19.62 -3.59
N ALA B 802 6.46 -20.71 -3.00
CA ALA B 802 6.95 -22.03 -3.38
C ALA B 802 6.61 -22.32 -4.84
N VAL B 803 5.36 -22.07 -5.25
CA VAL B 803 4.99 -22.34 -6.62
C VAL B 803 5.59 -21.30 -7.57
N ILE B 804 5.84 -20.09 -7.08
CA ILE B 804 6.54 -19.11 -7.92
C ILE B 804 7.98 -19.56 -8.18
N TYR B 805 8.66 -20.06 -7.14
CA TYR B 805 9.98 -20.62 -7.31
C TYR B 805 9.95 -21.82 -8.26
N GLY B 806 8.92 -22.66 -8.12
CA GLY B 806 8.78 -23.77 -9.04
C GLY B 806 8.60 -23.33 -10.48
N ASP B 807 7.79 -22.29 -10.70
CA ASP B 807 7.61 -21.76 -12.05
C ASP B 807 8.91 -21.22 -12.62
N ARG B 808 9.65 -20.46 -11.81
CA ARG B 808 10.95 -19.96 -12.26
C ARG B 808 11.88 -21.12 -12.62
N LEU B 809 11.99 -22.09 -11.72
CA LEU B 809 12.92 -23.19 -11.93
C LEU B 809 12.50 -24.06 -13.11
N VAL B 810 11.21 -24.10 -13.42
CA VAL B 810 10.75 -24.71 -14.67
C VAL B 810 11.25 -23.90 -15.86
N GLN B 811 11.09 -22.58 -15.80
CA GLN B 811 11.59 -21.72 -16.88
C GLN B 811 13.10 -21.79 -17.00
N GLY B 812 13.80 -22.30 -15.99
CA GLY B 812 15.21 -22.54 -16.07
C GLY B 812 15.59 -23.87 -16.67
N GLY B 813 14.61 -24.63 -17.16
CA GLY B 813 14.88 -25.89 -17.82
C GLY B 813 15.46 -26.98 -16.93
N VAL B 814 14.91 -27.15 -15.73
CA VAL B 814 15.28 -28.25 -14.84
C VAL B 814 14.06 -29.09 -14.44
N ILE B 815 12.98 -28.43 -14.04
CA ILE B 815 11.74 -29.12 -13.68
C ILE B 815 10.77 -29.03 -14.86
N GLN B 816 10.17 -30.17 -15.20
CA GLN B 816 9.19 -30.26 -16.26
C GLN B 816 8.29 -31.45 -15.97
N HIS B 817 7.14 -31.50 -16.64
CA HIS B 817 6.25 -32.64 -16.51
C HIS B 817 6.90 -33.89 -17.08
N ILE B 818 6.49 -35.05 -16.56
CA ILE B 818 7.06 -36.32 -17.00
C ILE B 818 6.79 -36.54 -18.48
N THR B 819 5.60 -36.16 -18.95
CA THR B 819 5.28 -36.25 -20.37
C THR B 819 5.05 -34.88 -21.02
N ASN B 820 5.27 -33.79 -20.27
CA ASN B 820 5.17 -32.43 -20.79
C ASN B 820 3.76 -32.06 -21.26
N GLU B 821 2.72 -32.69 -20.70
CA GLU B 821 1.37 -32.22 -20.97
C GLU B 821 1.02 -30.95 -20.20
N TYR B 822 1.58 -30.77 -19.00
CA TYR B 822 1.12 -29.73 -18.10
C TYR B 822 2.29 -28.95 -17.53
N GLU B 823 2.00 -27.74 -17.07
CA GLU B 823 2.97 -26.84 -16.47
C GLU B 823 3.16 -27.18 -15.00
N PHE B 824 3.78 -26.28 -14.25
CA PHE B 824 4.02 -26.48 -12.82
C PHE B 824 2.87 -25.88 -12.02
N ARG B 825 2.12 -26.72 -11.33
CA ARG B 825 1.11 -26.27 -10.38
C ARG B 825 1.16 -27.15 -9.14
N ASP B 826 0.64 -26.61 -8.04
CA ASP B 826 0.67 -27.30 -6.74
C ASP B 826 -0.49 -28.29 -6.66
N GLU B 827 -0.36 -29.36 -7.43
CA GLU B 827 -1.34 -30.45 -7.40
C GLU B 827 -0.60 -31.78 -7.42
N TYR B 828 -1.31 -32.86 -7.71
CA TYR B 828 -0.72 -34.21 -7.70
C TYR B 828 -0.31 -34.65 -9.11
N LEU B 829 0.64 -33.91 -9.68
CA LEU B 829 1.23 -34.26 -10.97
C LEU B 829 2.70 -34.64 -10.79
N PHE B 830 3.14 -35.62 -11.57
CA PHE B 830 4.52 -36.08 -11.53
C PHE B 830 5.38 -35.19 -12.42
N TYR B 831 6.55 -34.78 -11.92
CA TYR B 831 7.46 -33.91 -12.65
C TYR B 831 8.85 -34.53 -12.67
N ARG B 832 9.41 -34.66 -13.88
CA ARG B 832 10.79 -35.12 -13.99
C ARG B 832 11.75 -33.96 -13.68
N PHE B 833 13.01 -34.32 -13.44
CA PHE B 833 14.03 -33.36 -13.03
C PHE B 833 15.13 -33.19 -14.08
N LEU B 834 14.95 -33.73 -15.28
CA LEU B 834 15.95 -33.67 -16.34
C LEU B 834 17.30 -34.19 -15.84
N GLN B 835 18.34 -33.36 -15.96
CA GLN B 835 19.68 -33.74 -15.54
C GLN B 835 19.89 -33.47 -14.06
CAA Y01 C . 15.31 23.70 1.21
CBA Y01 C . 14.16 22.87 0.66
CAB Y01 C . 13.08 23.77 0.09
CAN Y01 C . 13.57 21.94 1.71
CAJ Y01 C . 12.20 21.36 1.39
CAO Y01 C . 12.26 19.88 1.09
CBB Y01 C . 12.65 19.00 2.28
CAC Y01 C . 11.37 18.54 3.00
CBE Y01 C . 13.58 17.88 1.78
CAP Y01 C . 14.86 18.49 1.15
CAQ Y01 C . 16.03 17.53 1.46
CBG Y01 C . 15.31 16.27 1.90
CBI Y01 C . 14.12 16.77 2.73
CAE Y01 C . 14.58 17.36 4.06
CAU Y01 C . 13.22 15.55 2.93
CAS Y01 C . 13.95 14.35 3.52
CBF Y01 C . 15.20 13.96 2.73
CBD Y01 C . 16.12 15.17 2.57
CAK Y01 C . 17.34 14.82 1.74
CAI Y01 C . 17.93 13.50 2.07
CAZ Y01 C . 17.27 12.50 2.66
CAV Y01 C . 17.90 11.14 2.76
CBH Y01 C . 15.91 12.70 3.30
CAD Y01 C . 16.10 12.79 4.82
CAT Y01 C . 15.01 11.48 2.96
CAR Y01 C . 15.66 10.12 3.09
CBC Y01 C . 16.93 10.07 2.28
OAW Y01 C . 17.51 8.76 2.45
CAY Y01 C . 18.50 8.37 1.65
OAG Y01 C . 18.62 8.76 0.51
CAM Y01 C . 19.42 7.42 2.34
CAL Y01 C . 18.87 6.01 2.46
CAX Y01 C . 19.90 4.96 2.92
OAH Y01 C . 20.27 5.06 4.11
OAF Y01 C . 20.28 4.12 2.09
CAA Y01 D . 18.72 22.83 2.11
CBA Y01 D . 19.54 23.06 0.85
CAB Y01 D . 18.82 24.05 -0.07
CAN Y01 D . 19.83 21.75 0.11
CAJ Y01 D . 18.66 20.77 0.06
CAO Y01 D . 19.09 19.38 -0.35
CBB Y01 D . 19.91 18.60 0.70
CAC Y01 D . 19.29 18.80 2.09
CBE Y01 D . 20.04 17.12 0.30
CAP Y01 D . 20.28 16.97 -1.23
CAQ Y01 D . 21.27 15.82 -1.43
CBG Y01 D . 21.27 15.12 -0.09
CBI Y01 D . 21.16 16.26 0.94
CAE Y01 D . 22.46 17.06 1.05
CAU Y01 D . 20.81 15.60 2.27
CAS Y01 D . 21.78 14.46 2.64
CBF Y01 D . 21.97 13.42 1.54
CBD Y01 D . 22.35 14.11 0.22
CAK Y01 D . 22.46 13.09 -0.91
CAI Y01 D . 23.14 11.82 -0.50
CAZ Y01 D . 23.33 11.44 0.76
CAV Y01 D . 24.06 10.15 1.05
CBH Y01 D . 22.92 12.27 1.95
CAD Y01 D . 24.17 12.81 2.65
CAT Y01 D . 22.15 11.34 2.91
CAR Y01 D . 22.92 10.08 3.29
CBC Y01 D . 23.30 9.29 2.05
OAW Y01 D . 24.13 8.20 2.49
CAY Y01 D . 24.46 7.24 1.63
OAG Y01 D . 25.59 7.05 1.25
CAM Y01 D . 23.26 6.43 1.24
CAL Y01 D . 23.32 4.98 1.70
CAX Y01 D . 23.26 4.79 3.21
OAH Y01 D . 23.02 5.81 3.89
OAF Y01 D . 23.45 3.64 3.67
P 3PE E . 35.09 6.96 -19.23
N 3PE E . 33.33 2.93 -18.60
O11 3PE E . 33.67 7.78 -19.44
O12 3PE E . 35.63 6.78 -20.60
O13 3PE E . 34.55 5.50 -18.66
O14 3PE E . 35.86 7.54 -18.10
C11 3PE E . 35.34 4.35 -18.84
C12 3PE E . 34.70 3.19 -18.10
C1 3PE E . 33.71 9.04 -20.06
C2 3PE E . 32.29 9.58 -20.20
C3 3PE E . 32.29 10.96 -20.83
O31 3PE E . 32.79 11.87 -19.86
O32 3PE E . 32.05 13.90 -19.26
C31 3PE E . 32.58 13.17 -20.06
C32 3PE E . 33.09 13.60 -21.41
C33 3PE E . 32.76 15.03 -21.79
C34 3PE E . 31.29 15.19 -22.18
C35 3PE E . 30.99 16.56 -22.76
C36 3PE E . 29.50 16.85 -22.85
C37 3PE E . 29.18 18.35 -22.83
C38 3PE E . 29.61 19.02 -21.54
C39 3PE E . 29.77 20.53 -21.64
C3A 3PE E . 29.96 21.20 -20.29
C3B 3PE E . 31.08 20.60 -19.45
C3C 3PE E . 31.05 21.06 -17.99
C3D 3PE E . 31.43 22.51 -17.79
C3E 3PE E . 30.25 23.39 -17.38
C3F 3PE E . 29.51 22.89 -16.16
C3G 3PE E . 28.26 23.71 -15.83
C3H 3PE E . 27.41 23.10 -14.74
C3I 3PE E . 27.04 21.64 -15.01
O21 3PE E . 31.49 8.78 -21.08
O22 3PE E . 29.64 8.30 -19.94
C21 3PE E . 30.18 8.72 -20.94
C22 3PE E . 29.46 9.21 -22.16
C23 3PE E . 28.06 9.73 -21.89
C24 3PE E . 28.03 11.26 -21.88
C25 3PE E . 26.63 11.81 -22.05
C26 3PE E . 26.59 13.34 -22.01
C27 3PE E . 25.19 13.90 -22.18
C28 3PE E . 25.10 15.39 -21.92
C29 3PE E . 23.69 15.95 -22.12
C2A 3PE E . 23.50 17.35 -21.55
C2B 3PE E . 24.50 18.36 -22.09
C2C 3PE E . 23.85 19.70 -22.41
C2D 3PE E . 22.76 19.60 -23.47
C2E 3PE E . 22.08 20.92 -23.74
C2F 3PE E . 23.04 22.06 -24.04
C2G 3PE E . 22.38 23.44 -24.01
C2H 3PE E . 21.26 23.58 -25.03
C2I 3PE E . 21.73 23.45 -26.47
C1 CLR F . 29.92 24.15 26.02
C2 CLR F . 30.71 22.85 26.03
C3 CLR F . 29.86 21.71 25.51
C4 CLR F . 29.43 22.03 24.08
C5 CLR F . 28.69 23.34 24.01
C6 CLR F . 27.54 23.42 23.34
C7 CLR F . 26.72 24.67 23.21
C8 CLR F . 27.49 25.93 23.60
C9 CLR F . 28.33 25.67 24.85
C10 CLR F . 29.36 24.55 24.64
C11 CLR F . 28.96 26.98 25.37
C12 CLR F . 27.98 28.14 25.52
C13 CLR F . 27.23 28.41 24.21
C14 CLR F . 26.54 27.08 23.85
C15 CLR F . 25.53 27.44 22.78
C16 CLR F . 24.99 28.80 23.26
C17 CLR F . 26.02 29.38 24.27
C18 CLR F . 28.21 28.87 23.12
C19 CLR F . 30.51 24.99 23.73
C20 CLR F . 26.27 30.88 24.04
C21 CLR F . 26.69 31.61 25.33
C22 CLR F . 25.00 31.54 23.45
C23 CLR F . 25.10 33.04 23.21
C24 CLR F . 26.14 33.40 22.16
C25 CLR F . 26.33 34.90 21.93
C26 CLR F . 26.59 35.61 23.26
C27 CLR F . 25.13 35.53 21.23
O1 CLR F . 30.59 20.51 25.60
O12 PC1 G . -0.75 33.50 15.75
P PC1 G . -0.74 32.77 17.05
O14 PC1 G . -1.24 33.36 18.33
O13 PC1 G . -1.55 31.34 16.89
C11 PC1 G . -2.26 30.83 18.01
C12 PC1 G . -1.23 29.96 18.73
N PC1 G . -1.44 28.49 18.63
C13 PC1 G . -1.44 28.04 17.20
C14 PC1 G . -0.31 27.82 19.33
C15 PC1 G . -2.72 28.07 19.28
O11 PC1 G . 0.79 32.23 17.23
C1 PC1 G . 1.60 32.77 18.25
C2 PC1 G . 2.57 31.71 18.72
O21 PC1 G . 3.66 32.29 19.44
C21 PC1 G . 3.59 32.41 20.77
O22 PC1 G . 2.76 33.09 21.32
C22 PC1 G . 4.64 31.59 21.46
C23 PC1 G . 4.33 30.10 21.52
C24 PC1 G . 5.33 29.36 22.38
C25 PC1 G . 4.96 27.90 22.62
C26 PC1 G . 5.89 27.19 23.59
C27 PC1 G . 7.29 26.99 23.04
C28 PC1 G . 7.32 26.17 21.76
C29 PC1 G . 6.86 24.74 21.95
C2A PC1 G . 7.78 23.92 22.84
C2B PC1 G . 9.19 23.74 22.27
C2C PC1 G . 10.03 22.72 23.03
C2D PC1 G . 9.46 21.31 23.01
C2E PC1 G . 10.53 20.22 23.10
C2F PC1 G . 11.46 20.37 24.30
C2G PC1 G . 12.50 19.28 24.40
C2H PC1 G . 13.38 19.38 25.64
C2I PC1 G . 14.38 18.24 25.75
C3 PC1 G . 3.19 30.95 17.56
O31 PC1 G . 4.54 30.67 17.91
C31 PC1 G . 5.29 30.03 17.02
O32 PC1 G . 4.89 29.66 15.95
C32 PC1 G . 6.69 29.83 17.53
C33 PC1 G . 6.80 28.72 18.56
C34 PC1 G . 6.20 27.43 18.03
C35 PC1 G . 7.20 26.58 17.24
C36 PC1 G . 8.01 25.66 18.14
C37 PC1 G . 8.90 24.70 17.36
C38 PC1 G . 9.65 23.73 18.26
C39 PC1 G . 8.82 22.56 18.74
C3A PC1 G . 9.66 21.37 19.19
C3B PC1 G . 8.90 20.05 19.19
C3C PC1 G . 9.70 18.89 19.76
C3D PC1 G . 10.81 18.38 18.85
C3E PC1 G . 11.26 16.96 19.19
C3F PC1 G . 11.78 16.81 20.62
C3G PC1 G . 11.99 15.36 21.03
C3H PC1 G . 12.77 14.54 19.99
C3I PC1 G . 13.00 13.10 20.43
C P5S H . 14.78 -3.98 13.90
N P5S H . 15.55 -1.59 13.52
O P5S H . 15.21 -4.26 12.76
C1 P5S H . 9.94 0.60 16.69
C2 P5S H . 10.98 1.00 15.67
C3 P5S H . 11.14 0.08 14.48
CA P5S H . 15.17 -2.59 14.48
CB P5S H . 13.98 -2.09 15.32
OG P5S H . 12.79 -2.06 14.56
P12 P5S H . 11.34 -2.46 15.20
O13 P5S H . 11.33 -2.36 16.69
O15 P5S H . 10.82 -3.70 14.52
O16 P5S H . 10.49 -1.15 14.69
C17 P5S H . 9.65 2.39 18.19
O18 P5S H . 8.46 2.57 18.27
O19 P5S H . 10.19 1.20 17.95
C20 P5S H . 10.70 3.47 18.33
C21 P5S H . 10.11 4.85 18.55
C22 P5S H . 10.35 5.77 17.36
C23 P5S H . 9.47 7.00 17.43
C24 P5S H . 8.07 6.78 16.86
C25 P5S H . 7.01 7.38 17.77
C26 P5S H . 5.66 6.67 17.74
C27 P5S H . 4.52 7.62 18.04
C28 P5S H . 3.98 8.37 16.82
C29 P5S H . 4.63 9.73 16.63
C30 P5S H . 3.72 10.90 16.95
C31 P5S H . 4.20 12.22 16.37
C32 P5S H . 3.91 13.40 17.27
C33 P5S H . 5.01 13.63 18.30
C34 P5S H . 4.51 13.69 19.74
C35 P5S H . 4.67 12.36 20.46
C36 P5S H . 4.50 12.50 21.97
O37 P5S H . 12.23 1.20 16.35
C38 P5S H . 13.25 1.73 15.70
C39 P5S H . 12.97 3.16 15.31
C40 P5S H . 14.19 3.93 14.85
C41 P5S H . 13.89 4.85 13.68
C42 P5S H . 13.95 6.32 14.09
C43 P5S H . 13.84 7.28 12.91
C44 P5S H . 12.92 8.46 13.19
C45 P5S H . 13.19 9.67 12.31
C46 P5S H . 12.20 10.81 12.55
O47 P5S H . 14.26 1.14 15.44
C48 P5S H . 12.67 12.13 11.95
C49 P5S H . 11.59 13.21 11.98
C50 P5S H . 12.13 14.57 12.40
C51 P5S H . 11.37 15.74 11.79
C52 P5S H . 11.62 15.91 10.30
C53 P5S H . 11.31 17.31 9.79
C54 P5S H . 10.96 17.34 8.32
C55 P5S H . 11.88 16.50 7.45
C56 P5S H . 11.38 16.34 6.03
OXT P5S H . 14.06 -4.69 14.61
P 3PE I . 27.53 9.13 -1.30
N 3PE I . 28.88 9.87 3.44
O11 3PE I . 27.45 10.56 -2.11
O12 3PE I . 28.89 8.59 -1.61
O13 3PE I . 27.50 9.65 0.27
O14 3PE I . 26.27 8.36 -1.48
C11 3PE I . 28.20 8.94 1.26
C12 3PE I . 27.74 9.43 2.61
C1 3PE I . 26.19 11.17 -2.27
C2 3PE I . 26.34 12.36 -3.22
C3 3PE I . 26.25 11.94 -4.67
O31 3PE I . 26.89 12.96 -5.43
O32 3PE I . 26.26 12.41 -7.49
C31 3PE I . 26.42 13.25 -6.64
C32 3PE I . 26.15 14.72 -6.79
C33 3PE I . 25.25 15.10 -7.95
C34 3PE I . 24.70 16.51 -7.78
C35 3PE I . 23.71 16.92 -8.85
C36 3PE I . 23.48 18.42 -8.92
C37 3PE I . 23.51 18.98 -10.34
C38 3PE I . 22.96 20.39 -10.46
C39 3PE I . 21.44 20.45 -10.47
C3A 3PE I . 20.90 21.61 -11.32
C3B 3PE I . 20.84 22.95 -10.60
C3C 3PE I . 19.85 23.91 -11.26
C3D 3PE I . 19.52 25.16 -10.44
C3E 3PE I . 20.69 26.11 -10.29
C3F 3PE I . 21.41 26.43 -11.59
C3G 3PE I . 22.90 26.69 -11.40
C3H 3PE I . 23.66 26.78 -12.71
C3I 3PE I . 25.18 26.65 -12.52
O21 3PE I . 25.30 13.34 -3.05
O22 3PE I . 26.68 15.02 -3.46
C21 3PE I . 25.56 14.60 -3.31
C22 3PE I . 24.32 15.43 -3.43
C23 3PE I . 24.57 16.73 -4.18
C24 3PE I . 23.29 17.51 -4.41
C25 3PE I . 22.93 18.41 -3.23
C26 3PE I . 22.03 19.56 -3.61
C27 3PE I . 22.59 20.38 -4.76
C28 3PE I . 21.55 21.33 -5.35
C29 3PE I . 22.03 22.06 -6.60
C2A 3PE I . 21.18 23.29 -6.89
C2B 3PE I . 20.86 24.08 -5.63
C2C 3PE I . 20.29 25.47 -5.91
C2D 3PE I . 21.17 26.30 -6.85
C2E 3PE I . 22.58 26.54 -6.34
C2F 3PE I . 23.30 27.65 -7.09
C2G 3PE I . 24.56 28.15 -6.38
C2H 3PE I . 25.03 29.51 -6.89
C2I 3PE I . 26.35 29.95 -6.28
O12 PC1 J . -29.94 2.77 -16.28
P PC1 J . -28.84 3.77 -16.18
O14 PC1 J . -28.69 4.92 -17.11
O13 PC1 J . -28.83 4.43 -14.67
C11 PC1 J . -30.05 4.56 -13.98
C12 PC1 J . -29.81 3.87 -12.64
N PC1 J . -30.97 3.89 -11.69
C13 PC1 J . -31.26 5.28 -11.24
C14 PC1 J . -32.16 3.36 -12.40
C15 PC1 J . -30.70 3.04 -10.50
O11 PC1 J . -27.45 2.90 -16.14
C1 PC1 J . -26.28 3.44 -16.70
C2 PC1 J . -25.71 2.47 -17.71
O21 PC1 J . -25.35 1.22 -17.10
C21 PC1 J . -24.22 1.07 -16.39
O22 PC1 J . -23.88 1.82 -15.52
C22 PC1 J . -23.47 -0.15 -16.84
C23 PC1 J . -22.83 -0.92 -15.70
C24 PC1 J . -21.51 -0.30 -15.26
C25 PC1 J . -20.82 -1.09 -14.16
C26 PC1 J . -21.71 -1.28 -12.94
C27 PC1 J . -21.11 -2.21 -11.90
C28 PC1 J . -20.72 -3.57 -12.50
C29 PC1 J . -19.63 -4.28 -11.72
C2A PC1 J . -18.38 -4.54 -12.56
C2B PC1 J . -17.86 -3.29 -13.25
C2C PC1 J . -16.79 -3.58 -14.29
C2D PC1 J . -15.61 -4.35 -13.74
C2E PC1 J . -14.53 -4.63 -14.79
C2F PC1 J . -14.37 -6.10 -15.13
C2G PC1 J . -15.69 -6.83 -15.34
C2H PC1 J . -16.14 -6.91 -16.80
C2I PC1 J . -16.89 -5.67 -17.28
C3 PC1 J . -24.46 3.01 -18.39
O31 PC1 J . -24.44 2.47 -19.71
C31 PC1 J . -23.44 1.67 -20.04
O32 PC1 J . -22.46 1.53 -19.35
C32 PC1 J . -23.71 0.95 -21.32
C33 PC1 J . -22.79 1.35 -22.47
C34 PC1 J . -21.36 0.85 -22.25
C35 PC1 J . -21.30 -0.57 -21.72
C36 PC1 J . -20.52 -1.50 -22.66
C37 PC1 J . -19.06 -1.13 -22.82
C38 PC1 J . -18.29 -2.08 -23.72
C39 PC1 J . -18.28 -3.53 -23.21
C3A PC1 J . -17.63 -3.67 -21.84
C3B PC1 J . -16.12 -3.59 -21.88
C3C PC1 J . -15.47 -4.73 -22.64
C3D PC1 J . -15.72 -6.10 -22.01
C3E PC1 J . -15.21 -6.22 -20.58
C3F PC1 J . -13.74 -6.63 -20.48
C3G PC1 J . -13.29 -6.81 -19.03
C3H PC1 J . -11.85 -7.27 -18.88
C3I PC1 J . -11.42 -7.38 -17.43
C P5S K . 0.92 -8.72 -19.22
N P5S K . 1.09 -9.53 -16.82
O P5S K . -0.15 -9.10 -19.73
C1 P5S K . -2.28 -5.31 -13.73
C2 P5S K . -2.49 -4.71 -15.10
C3 P5S K . -1.23 -4.21 -15.78
CA P5S K . 0.92 -8.39 -17.71
CB P5S K . 1.99 -7.36 -17.44
OG P5S K . 1.69 -6.57 -16.31
P12 P5S K . 1.23 -5.00 -16.42
O13 P5S K . 2.11 -4.11 -15.61
O15 P5S K . 0.94 -4.70 -17.87
O16 P5S K . -0.16 -5.10 -15.57
C17 P5S K . -3.05 -7.51 -13.96
O18 P5S K . -3.41 -7.95 -15.02
O19 P5S K . -2.01 -6.70 -13.84
C20 P5S K . -3.70 -7.78 -12.64
C21 P5S K . -3.99 -9.26 -12.43
C22 P5S K . -5.33 -9.49 -11.73
C23 P5S K . -6.45 -8.76 -12.46
C24 P5S K . -7.47 -8.11 -11.55
C25 P5S K . -8.21 -7.00 -12.27
C26 P5S K . -9.52 -6.58 -11.62
C27 P5S K . -10.08 -5.32 -12.26
C28 P5S K . -11.58 -5.15 -12.07
C29 P5S K . -12.05 -5.72 -10.75
C30 P5S K . -13.55 -5.59 -10.53
C31 P5S K . -13.97 -6.07 -9.14
C32 P5S K . -15.31 -5.51 -8.71
C33 P5S K . -15.40 -4.00 -8.91
C34 P5S K . -16.80 -3.50 -9.17
C35 P5S K . -16.82 -2.07 -9.66
C36 P5S K . -18.23 -1.50 -9.75
O37 P5S K . -3.49 -3.70 -14.98
C38 P5S K . -4.73 -4.09 -14.70
C39 P5S K . -5.51 -3.03 -13.99
C40 P5S K . -6.74 -3.58 -13.28
C41 P5S K . -7.26 -2.62 -12.22
C42 P5S K . -8.54 -1.95 -12.68
C43 P5S K . -8.77 -0.57 -12.07
C44 P5S K . -9.35 0.41 -13.08
C45 P5S K . -10.56 -0.12 -13.84
C46 P5S K . -11.75 -0.40 -12.93
O47 P5S K . -5.16 -5.18 -14.98
C48 P5S K . -12.87 -1.15 -13.63
C49 P5S K . -13.58 -0.29 -14.68
C50 P5S K . -15.08 -0.18 -14.44
C51 P5S K . -15.73 0.99 -15.16
C52 P5S K . -16.44 0.57 -16.44
C53 P5S K . -17.53 1.54 -16.86
C54 P5S K . -18.78 0.84 -17.37
C55 P5S K . -18.50 -0.47 -18.09
C56 P5S K . -19.76 -1.24 -18.44
OXT P5S K . 2.01 -8.59 -19.80
O12 PC1 L . 3.64 31.00 13.73
P PC1 L . 2.33 30.29 13.72
O14 PC1 L . 1.20 30.60 14.65
O13 PC1 L . 1.67 30.38 12.21
C11 PC1 L . 1.95 31.49 11.41
C12 PC1 L . 2.66 30.93 10.19
N PC1 L . 3.03 31.92 9.14
C13 PC1 L . 1.81 32.55 8.53
C14 PC1 L . 3.82 33.00 9.80
C15 PC1 L . 3.85 31.31 8.07
O11 PC1 L . 2.70 28.69 13.80
C1 PC1 L . 1.84 27.82 14.51
C2 PC1 L . 2.62 27.17 15.63
O21 PC1 L . 3.67 26.33 15.14
C21 PC1 L . 3.42 25.10 14.67
O22 PC1 L . 2.62 24.87 13.80
C22 PC1 L . 4.27 24.08 15.36
C23 PC1 L . 5.37 23.51 14.48
C24 PC1 L . 4.80 22.55 13.45
C25 PC1 L . 5.89 21.91 12.59
C26 PC1 L . 5.34 21.04 11.47
C27 PC1 L . 6.42 20.52 10.53
C28 PC1 L . 7.59 19.92 11.29
C29 PC1 L . 8.00 18.54 10.77
C2A PC1 L . 8.05 17.49 11.88
C2B PC1 L . 6.73 17.34 12.62
C2C PC1 L . 6.78 16.30 13.73
C2D PC1 L . 7.31 14.95 13.26
C2E PC1 L . 7.32 13.89 14.36
C2F PC1 L . 8.72 13.45 14.77
C2G PC1 L . 9.66 14.60 15.09
C2H PC1 L . 9.63 15.03 16.56
C2I PC1 L . 8.61 16.11 16.86
C3 PC1 L . 1.73 26.31 16.51
O31 PC1 L . 2.39 26.17 17.77
C31 PC1 L . 2.57 24.96 18.26
O32 PC1 L . 2.12 23.97 17.72
C32 PC1 L . 3.39 24.97 19.51
C33 PC1 L . 2.78 24.20 20.67
C34 PC1 L . 2.94 22.70 20.50
C35 PC1 L . 4.36 22.27 20.18
C36 PC1 L . 4.96 21.40 21.28
C37 PC1 L . 4.23 20.09 21.49
C38 PC1 L . 4.79 19.27 22.64
C39 PC1 L . 6.25 18.87 22.45
C3A PC1 L . 6.47 18.00 21.22
C3B PC1 L . 6.04 16.55 21.43
C3C PC1 L . 6.98 15.77 22.34
C3D PC1 L . 8.38 15.59 21.78
C3E PC1 L . 8.40 14.90 20.43
C3F PC1 L . 8.49 13.37 20.51
C3G PC1 L . 8.50 12.71 19.14
C3H PC1 L . 8.96 11.26 19.16
C3I PC1 L . 9.15 10.69 17.77
C P5S M . 7.05 -1.02 19.88
N P5S M . 7.97 -1.95 17.71
O P5S M . 7.72 -0.02 20.21
C1 P5S M . 5.00 1.49 14.13
C2 P5S M . 4.47 2.32 15.28
C3 P5S M . 3.61 1.55 16.27
CA P5S M . 6.86 -1.28 18.35
CB P5S M . 5.59 -2.11 18.18
OG P5S M . 4.86 -1.67 17.04
P12 P5S M . 3.41 -0.93 17.17
O13 P5S M . 2.30 -1.82 16.70
O15 P5S M . 3.32 -0.27 18.51
O16 P5S M . 3.59 0.17 15.98
C17 P5S M . 7.28 2.00 14.43
O18 P5S M . 7.70 2.47 15.46
O19 P5S M . 6.32 1.06 14.41
C20 P5S M . 7.74 2.37 13.06
C21 P5S M . 9.21 2.77 13.02
C22 P5S M . 9.49 3.94 12.10
C23 P5S M . 8.91 5.23 12.65
C24 P5S M . 8.78 6.34 11.62
C25 P5S M . 8.18 7.60 12.23
C26 P5S M . 7.52 8.53 11.23
C27 P5S M . 6.69 9.60 11.90
C28 P5S M . 7.23 11.00 11.73
C29 P5S M . 7.82 11.21 10.34
C30 P5S M . 8.19 12.64 10.03
C31 P5S M . 8.48 12.85 8.55
C32 P5S M . 8.33 14.30 8.10
C33 P5S M . 7.11 14.97 8.72
C34 P5S M . 6.73 16.27 8.03
C35 P5S M . 5.43 16.85 8.58
C36 P5S M . 4.80 17.85 7.63
O37 P5S M . 3.75 3.43 14.72
C38 P5S M . 4.42 4.49 14.27
C39 P5S M . 3.50 5.59 13.84
C40 P5S M . 4.24 6.73 13.16
C41 P5S M . 3.44 7.29 12.00
C42 P5S M . 3.12 8.77 12.20
C43 P5S M . 1.89 9.23 11.44
C44 P5S M . 0.99 10.12 12.29
C45 P5S M . 1.73 11.27 12.96
C46 P5S M . 2.34 12.24 11.97
O47 P5S M . 5.63 4.55 14.22
C48 P5S M . 3.24 13.28 12.60
C49 P5S M . 2.50 14.14 13.62
C50 P5S M . 2.97 15.59 13.65
C51 P5S M . 1.87 16.55 14.07
C52 P5S M . 2.33 17.54 15.13
C53 P5S M . 1.71 18.93 14.98
C54 P5S M . 2.67 20.05 15.37
C55 P5S M . 3.49 19.71 16.60
C56 P5S M . 4.63 20.70 16.86
OXT P5S M . 6.51 -1.83 20.65
CAA Y01 N . -26.82 -7.98 -3.39
CBA Y01 N . -25.83 -8.15 -2.25
CAB Y01 N . -26.22 -7.22 -1.10
CAN Y01 N . -24.39 -7.86 -2.68
CAJ Y01 N . -23.41 -7.76 -1.52
CAO Y01 N . -21.99 -7.42 -1.96
CBB Y01 N . -21.35 -8.27 -3.06
CAC Y01 N . -20.61 -7.31 -3.99
CBE Y01 N . -20.53 -9.42 -2.45
CAP Y01 N . -21.46 -10.55 -1.93
CAQ Y01 N . -20.68 -11.87 -1.97
CBG Y01 N . -19.27 -11.43 -2.30
CBI Y01 N . -19.43 -10.22 -3.22
CAE Y01 N . -19.92 -10.67 -4.60
CAU Y01 N . -18.04 -9.58 -3.30
CAS Y01 N . -16.93 -10.57 -3.68
CBF Y01 N . -16.91 -11.85 -2.84
CBD Y01 N . -18.30 -12.48 -2.81
CAK Y01 N . -18.35 -13.71 -1.92
CAI Y01 N . -17.15 -14.59 -2.07
CAZ Y01 N . -15.99 -14.19 -2.55
CAV Y01 N . -14.80 -15.11 -2.49
CBH Y01 N . -15.79 -12.85 -3.24
CAD Y01 N . -15.78 -13.08 -4.75
CAT Y01 N . -14.44 -12.23 -2.79
CAR Y01 N . -13.25 -13.19 -2.74
CBC Y01 N . -13.60 -14.40 -1.89
OAW Y01 N . -12.46 -15.27 -1.84
CAY Y01 N . -12.39 -16.16 -0.85
OAG Y01 N . -12.93 -16.00 0.22
CAM Y01 N . -11.58 -17.36 -1.24
CAL Y01 N . -10.18 -17.03 -1.72
CAX Y01 N . -9.34 -18.26 -2.08
OAH Y01 N . -9.73 -18.92 -3.07
OAF Y01 N . -8.35 -18.52 -1.35
CAA Y01 O . -27.03 -11.70 -3.23
CBA Y01 O . -27.74 -12.25 -2.01
CAB Y01 O . -28.23 -11.11 -1.13
CAN Y01 O . -26.84 -13.18 -1.20
CAJ Y01 O . -25.50 -12.56 -0.85
CAO Y01 O . -24.56 -13.56 -0.15
CBB Y01 O . -23.72 -14.45 -1.09
CAC Y01 O . -23.62 -13.83 -2.47
CBE Y01 O . -22.36 -14.75 -0.46
CAP Y01 O . -22.40 -14.74 1.09
CAQ Y01 O . -21.23 -15.63 1.57
CBG Y01 O . -20.54 -16.04 0.27
CBI Y01 O . -21.66 -16.09 -0.77
CAE Y01 O . -22.63 -17.25 -0.52
CAU Y01 O . -20.98 -16.22 -2.14
CAS Y01 O . -20.08 -17.45 -2.18
CBF Y01 O . -19.01 -17.46 -1.09
CBD Y01 O . -19.62 -17.26 0.31
CAK Y01 O . -18.52 -17.06 1.33
CAI Y01 O . -17.36 -17.97 1.11
CAZ Y01 O . -17.22 -18.80 0.08
CAV Y01 O . -16.06 -19.76 0.03
CBH Y01 O . -18.09 -18.71 -1.16
CAD Y01 O . -18.89 -20.01 -1.30
CAT Y01 O . -17.16 -18.53 -2.38
CAR Y01 O . -16.02 -19.54 -2.46
CBC Y01 O . -15.19 -19.48 -1.19
OAW Y01 O . -14.12 -20.43 -1.32
CAY Y01 O . -14.28 -21.70 -0.95
OAG Y01 O . -15.09 -22.45 -1.45
CAM Y01 O . -13.31 -22.09 0.13
CAL Y01 O . -11.91 -22.39 -0.36
CAX Y01 O . -11.17 -21.22 -1.02
OAH Y01 O . -11.48 -20.98 -2.21
OAF Y01 O . -10.34 -20.59 -0.33
P 3PE P . -17.83 -30.39 20.90
N 3PE P . -13.73 -30.77 21.30
O11 3PE P . -18.02 -28.76 20.94
O12 3PE P . -17.81 -30.81 22.33
O13 3PE P . -16.32 -30.53 20.26
O14 3PE P . -18.73 -30.99 19.88
C11 3PE P . -15.71 -31.79 20.21
C12 3PE P . -14.20 -31.59 20.16
C1 3PE P . -18.58 -28.17 22.10
C2 3PE P . -18.84 -26.69 21.82
C3 3PE P . -20.29 -26.34 22.06
O31 3PE P . -21.06 -26.96 21.03
O32 3PE P . -22.84 -26.16 19.95
C31 3PE P . -22.35 -26.63 20.94
C32 3PE P . -23.08 -26.95 22.21
C33 3PE P . -24.10 -25.90 22.61
C34 3PE P . -23.44 -24.54 22.82
C35 3PE P . -24.07 -23.73 23.96
C36 3PE P . -24.98 -22.62 23.45
C37 3PE P . -26.34 -23.12 22.99
C38 3PE P . -27.14 -22.07 22.23
C39 3PE P . -28.35 -22.64 21.50
C3A 3PE P . -29.12 -21.60 20.71
C3B 3PE P . -30.23 -22.19 19.83
C3C 3PE P . -29.68 -23.14 18.77
C3D 3PE P . -30.77 -23.67 17.83
C3E 3PE P . -31.50 -22.56 17.08
C3F 3PE P . -30.62 -21.77 16.13
C3G 3PE P . -31.30 -20.54 15.55
C3H 3PE P . -30.42 -19.78 14.56
C3I 3PE P . -29.02 -19.51 15.09
O21 3PE P . -18.10 -25.83 22.71
O22 3PE P . -16.97 -24.40 21.44
C21 3PE P . -17.74 -24.62 22.36
C22 3PE P . -18.39 -23.57 23.21
C23 3PE P . -18.62 -22.25 22.51
C24 3PE P . -19.83 -21.54 23.09
C25 3PE P . -20.15 -20.22 22.41
C26 3PE P . -21.58 -19.77 22.64
C27 3PE P . -21.87 -18.39 22.10
C28 3PE P . -23.34 -18.02 22.14
C29 3PE P . -23.62 -16.56 21.77
C2A 3PE P . -25.06 -16.31 21.38
C2B 3PE P . -26.06 -16.98 22.30
C2C 3PE P . -27.21 -16.06 22.69
C2D 3PE P . -26.75 -14.82 23.43
C2E 3PE P . -27.83 -13.75 23.54
C2F 3PE P . -29.17 -14.28 24.04
C2G 3PE P . -30.15 -13.18 24.44
C2H 3PE P . -29.67 -12.33 25.59
C2I 3PE P . -29.54 -13.11 26.90
C1 CLR Q . -28.65 -25.44 -26.28
C2 CLR Q . -27.55 -26.48 -26.19
C3 CLR Q . -26.39 -25.96 -25.37
C4 CLR Q . -26.89 -25.60 -23.97
C5 CLR Q . -28.02 -24.60 -24.02
C6 CLR Q . -27.90 -23.44 -23.40
C7 CLR Q . -28.92 -22.36 -23.42
C8 CLR Q . -30.27 -22.84 -23.93
C9 CLR Q . -30.10 -23.73 -25.17
C10 CLR Q . -29.19 -24.96 -24.91
C11 CLR Q . -31.46 -24.09 -25.78
C12 CLR Q . -32.38 -22.89 -26.01
C13 CLR Q . -32.57 -22.05 -24.75
C14 CLR Q . -31.16 -21.67 -24.30
C15 CLR Q . -31.37 -20.57 -23.27
C16 CLR Q . -32.53 -19.76 -23.87
C17 CLR Q . -33.23 -20.66 -24.93
C18 CLR Q . -33.34 -22.85 -23.70
C19 CLR Q . -29.97 -26.11 -24.25
C20 CLR Q . -34.76 -20.55 -24.88
C21 CLR Q . -35.41 -20.77 -26.24
C22 CLR Q . -35.19 -19.20 -24.29
C23 CLR Q . -35.99 -19.27 -22.99
C24 CLR Q . -37.40 -19.82 -23.22
C25 CLR Q . -38.42 -18.80 -23.73
C26 CLR Q . -39.69 -19.51 -24.17
C27 CLR Q . -38.73 -17.74 -22.68
O1 CLR Q . -25.37 -26.95 -25.34
O12 PC1 R . -30.71 7.39 -18.65
P PC1 R . -29.97 7.03 -19.88
O14 PC1 R . -30.35 7.48 -21.25
O13 PC1 R . -28.39 7.47 -19.72
C11 PC1 R . -27.67 7.86 -20.87
C12 PC1 R . -27.07 6.57 -21.41
N PC1 R . -25.59 6.39 -21.20
C13 PC1 R . -25.26 6.38 -19.75
C14 PC1 R . -25.20 5.10 -21.80
C15 PC1 R . -24.83 7.49 -21.88
O11 PC1 R . -29.83 5.40 -19.84
C1 PC1 R . -30.61 4.61 -20.72
C2 PC1 R . -29.89 3.31 -20.99
O21 PC1 R . -30.70 2.40 -21.74
C21 PC1 R . -30.66 2.44 -23.06
O22 PC1 R . -31.05 3.39 -23.71
C22 PC1 R . -30.10 1.17 -23.64
C23 PC1 R . -28.58 1.08 -23.57
C24 PC1 R . -28.06 -0.13 -24.34
C25 PC1 R . -26.54 -0.17 -24.41
C26 PC1 R . -26.02 -1.28 -25.32
C27 PC1 R . -26.24 -2.68 -24.76
C28 PC1 R . -25.59 -2.87 -23.39
C29 PC1 R . -24.07 -2.78 -23.42
C2A PC1 R . -23.42 -3.91 -24.23
C2B PC1 R . -23.72 -5.29 -23.69
C2C PC1 R . -22.82 -6.39 -24.27
C2D PC1 R . -21.33 -6.17 -24.00
C2E PC1 R . -20.55 -7.46 -23.87
C2F PC1 R . -20.72 -8.40 -25.06
C2G PC1 R . -19.93 -9.70 -24.93
C2H PC1 R . -20.06 -10.62 -26.14
C2I PC1 R . -19.25 -11.89 -26.01
C3 PC1 R . -29.52 2.58 -19.71
O31 PC1 R . -29.53 1.18 -20.01
C31 PC1 R . -29.16 0.34 -19.05
O32 PC1 R . -28.83 0.69 -17.95
C32 PC1 R . -29.22 -1.08 -19.53
C33 PC1 R . -28.08 -1.45 -20.46
C34 PC1 R . -26.73 -1.13 -19.81
C35 PC1 R . -26.20 -2.25 -18.93
C36 PC1 R . -25.49 -3.32 -19.74
C37 PC1 R . -24.85 -4.41 -18.88
C38 PC1 R . -24.06 -5.41 -19.71
C39 PC1 R . -22.69 -4.91 -20.14
C3A PC1 R . -21.67 -6.02 -20.31
C3B PC1 R . -20.23 -5.58 -20.10
C3C PC1 R . -19.21 -6.65 -20.44
C3D PC1 R . -19.12 -7.78 -19.42
C3E PC1 R . -17.84 -8.59 -19.52
C3F PC1 R . -17.60 -9.19 -20.91
C3G PC1 R . -16.19 -9.72 -21.11
C3H PC1 R . -15.77 -10.73 -20.05
C3I PC1 R . -14.36 -11.28 -20.28
C P5S S . 1.16 -16.53 -12.46
N P5S S . -1.31 -16.32 -11.97
O P5S S . 1.34 -16.95 -11.30
C1 P5S S . -1.94 -10.70 -15.80
C2 P5S S . -2.60 -11.61 -14.77
C3 P5S S . -1.74 -11.92 -13.56
CA P5S S . -0.30 -16.47 -12.99
CB P5S S . -0.39 -15.33 -13.99
OG P5S S . -0.07 -14.09 -13.40
P12 P5S S . 0.63 -12.87 -14.24
O13 P5S S . 0.41 -13.01 -15.72
O15 P5S S . 2.01 -12.61 -13.70
O16 P5S S . -0.38 -11.66 -13.79
C17 P5S S . -3.43 -10.19 -17.56
O18 P5S S . -3.25 -9.05 -17.91
O19 P5S S . -2.46 -10.96 -17.11
C20 P5S S . -4.75 -10.89 -17.59
C21 P5S S . -5.91 -10.01 -18.04
C22 P5S S . -7.06 -10.02 -17.04
C23 P5S S . -8.02 -8.87 -17.32
C24 P5S S . -7.50 -7.53 -16.82
C25 P5S S . -7.76 -6.43 -17.83
C26 P5S S . -6.74 -5.30 -17.84
C27 P5S S . -7.36 -3.97 -18.20
C28 P5S S . -7.98 -3.22 -17.03
C29 P5S S . -9.47 -3.51 -16.88
C30 P5S S . -10.36 -2.38 -17.40
C31 P5S S . -11.80 -2.51 -16.94
C32 P5S S . -12.80 -2.03 -17.97
C33 P5S S . -13.24 -3.14 -18.91
C34 P5S S . -12.88 -2.88 -20.37
C35 P5S S . -11.60 -3.58 -20.79
C36 P5S S . -11.45 -3.65 -22.30
O37 P5S S . -3.04 -12.79 -15.44
C38 P5S S . -3.85 -13.62 -14.79
C39 P5S S . -5.16 -12.98 -14.47
C40 P5S S . -6.26 -13.96 -14.11
C41 P5S S . -7.21 -13.40 -13.06
C42 P5S S . -8.61 -13.15 -13.61
C43 P5S S . -9.62 -12.72 -12.55
C44 P5S S . -10.55 -11.63 -13.05
C45 P5S S . -11.80 -11.46 -12.20
C46 P5S S . -12.72 -10.34 -12.68
O47 P5S S . -3.54 -14.75 -14.48
C48 P5S S . -14.07 -10.33 -11.97
C49 P5S S . -14.87 -9.07 -12.25
C50 P5S S . -16.27 -9.36 -12.76
C51 P5S S . -17.30 -8.33 -12.32
C52 P5S S . -17.56 -8.33 -10.82
C53 P5S S . -18.87 -7.65 -10.43
C54 P5S S . -18.90 -7.19 -8.98
C55 P5S S . -18.37 -8.25 -8.01
C56 P5S S . -18.10 -7.70 -6.62
OXT P5S S . 2.04 -16.14 -13.25
P 3PE T . -15.18 -25.05 2.09
N 3PE T . -15.95 -29.99 1.28
O11 3PE T . -16.27 -24.16 2.93
O12 3PE T . -15.29 -24.56 0.68
O13 3PE T . -15.85 -26.57 2.20
O14 3PE T . -13.90 -25.15 2.84
C11 3PE T . -15.48 -27.55 1.27
C12 3PE T . -16.55 -28.64 1.27
C1 3PE T . -17.59 -24.05 2.45
C2 3PE T . -18.42 -23.18 3.39
C3 3PE T . -18.26 -23.61 4.83
O31 3PE T . -18.42 -22.46 5.65
O32 3PE T . -20.66 -22.43 5.62
C31 3PE T . -19.62 -22.25 6.21
C32 3PE T . -19.49 -21.75 7.62
C33 3PE T . -20.80 -21.32 8.24
C34 3PE T . -21.19 -19.94 7.75
C35 3PE T . -22.56 -19.47 8.23
C36 3PE T . -22.87 -18.03 7.85
C37 3PE T . -24.08 -17.46 8.56
C38 3PE T . -24.06 -17.73 10.05
C39 3PE T . -24.86 -16.75 10.89
C3A 3PE T . -26.32 -16.65 10.45
C3B 3PE T . -27.19 -15.82 11.38
C3C 3PE T . -26.76 -14.37 11.44
C3D 3PE T . -26.60 -13.73 10.06
C3E 3PE T . -26.95 -12.25 10.03
C3F 3PE T . -28.43 -11.96 10.12
C3G 3PE T . -29.33 -12.91 9.35
C3H 3PE T . -30.81 -12.58 9.43
C3I 3PE T . -31.17 -11.29 8.70
O21 3PE T . -17.99 -21.81 3.37
O22 3PE T . -19.30 -21.00 1.76
C21 3PE T . -18.76 -20.88 2.84
C22 3PE T . -18.88 -19.69 3.74
C23 3PE T . -20.26 -19.50 4.33
C24 3PE T . -21.24 -18.89 3.32
C25 3PE T . -22.36 -18.14 4.01
C26 3PE T . -23.55 -17.90 3.10
C27 3PE T . -24.44 -16.74 3.51
C28 3PE T . -24.80 -16.79 4.99
C29 3PE T . -25.78 -17.90 5.34
C2A 3PE T . -27.24 -17.46 5.29
C2B 3PE T . -27.81 -17.03 6.64
C2C 3PE T . -27.42 -15.62 7.04
C2D 3PE T . -27.85 -14.55 6.05
C2E 3PE T . -29.37 -14.44 5.92
C2F 3PE T . -29.82 -13.31 5.01
C2G 3PE T . -29.10 -13.31 3.66
C2H 3PE T . -29.57 -12.19 2.74
C2I 3PE T . -29.80 -10.88 3.48
#